data_2PTH
# 
_entry.id   2PTH 
# 
_audit_conform.dict_name       mmcif_pdbx.dic 
_audit_conform.dict_version    5.387 
_audit_conform.dict_location   http://mmcif.pdb.org/dictionaries/ascii/mmcif_pdbx.dic 
# 
loop_
_database_2.database_id 
_database_2.database_code 
_database_2.pdbx_database_accession 
_database_2.pdbx_DOI 
PDB   2PTH         pdb_00002pth 10.2210/pdb2pth/pdb 
WWPDB D_1000178512 ?            ?                   
# 
loop_
_pdbx_audit_revision_history.ordinal 
_pdbx_audit_revision_history.data_content_type 
_pdbx_audit_revision_history.major_revision 
_pdbx_audit_revision_history.minor_revision 
_pdbx_audit_revision_history.revision_date 
1 'Structure model' 1 0 1998-03-25 
2 'Structure model' 1 1 2008-03-25 
3 'Structure model' 1 2 2011-07-13 
4 'Structure model' 1 3 2024-02-21 
# 
_pdbx_audit_revision_details.ordinal             1 
_pdbx_audit_revision_details.revision_ordinal    1 
_pdbx_audit_revision_details.data_content_type   'Structure model' 
_pdbx_audit_revision_details.provider            repository 
_pdbx_audit_revision_details.type                'Initial release' 
_pdbx_audit_revision_details.description         ? 
_pdbx_audit_revision_details.details             ? 
# 
loop_
_pdbx_audit_revision_group.ordinal 
_pdbx_audit_revision_group.revision_ordinal 
_pdbx_audit_revision_group.data_content_type 
_pdbx_audit_revision_group.group 
1 2 'Structure model' 'Version format compliance' 
2 3 'Structure model' 'Source and taxonomy'       
3 3 'Structure model' 'Version format compliance' 
4 4 'Structure model' 'Data collection'           
5 4 'Structure model' 'Database references'       
6 4 'Structure model' Other                       
# 
loop_
_pdbx_audit_revision_category.ordinal 
_pdbx_audit_revision_category.revision_ordinal 
_pdbx_audit_revision_category.data_content_type 
_pdbx_audit_revision_category.category 
1 4 'Structure model' chem_comp_atom       
2 4 'Structure model' chem_comp_bond       
3 4 'Structure model' database_2           
4 4 'Structure model' pdbx_database_status 
# 
loop_
_pdbx_audit_revision_item.ordinal 
_pdbx_audit_revision_item.revision_ordinal 
_pdbx_audit_revision_item.data_content_type 
_pdbx_audit_revision_item.item 
1 4 'Structure model' '_database_2.pdbx_DOI'                
2 4 'Structure model' '_database_2.pdbx_database_accession' 
3 4 'Structure model' '_pdbx_database_status.process_site'  
# 
_pdbx_database_status.status_code                     REL 
_pdbx_database_status.entry_id                        2PTH 
_pdbx_database_status.recvd_initial_deposition_date   1997-03-25 
_pdbx_database_status.deposit_site                    ? 
_pdbx_database_status.process_site                    BNL 
_pdbx_database_status.SG_entry                        . 
_pdbx_database_status.pdb_format_compatible           Y 
_pdbx_database_status.status_code_mr                  ? 
_pdbx_database_status.status_code_sf                  ? 
_pdbx_database_status.status_code_cs                  ? 
_pdbx_database_status.status_code_nmr_data            ? 
_pdbx_database_status.methods_development_category    ? 
# 
loop_
_audit_author.name 
_audit_author.pdbx_ordinal 
'Schmitt, E.'  1 
'Mechulam, Y.' 2 
'Fromant, M.'  3 
'Plateau, P.'  4 
'Blanquet, S.' 5 
# 
_citation.id                        primary 
_citation.title                     
'Crystal structure at 1.2 A resolution and active site mapping of Escherichia coli peptidyl-tRNA hydrolase.' 
_citation.journal_abbrev            'EMBO J.' 
_citation.journal_volume            16 
_citation.page_first                4760 
_citation.page_last                 4769 
_citation.year                      1997 
_citation.journal_id_ASTM           EMJODG 
_citation.country                   UK 
_citation.journal_id_ISSN           0261-4189 
_citation.journal_id_CSD            0897 
_citation.book_publisher            ? 
_citation.pdbx_database_id_PubMed   9303320 
_citation.pdbx_database_id_DOI      10.1093/emboj/16.15.4760 
# 
loop_
_citation_author.citation_id 
_citation_author.name 
_citation_author.ordinal 
_citation_author.identifier_ORCID 
primary 'Schmitt, E.'  1 ? 
primary 'Mechulam, Y.' 2 ? 
primary 'Fromant, M.'  3 ? 
primary 'Plateau, P.'  4 ? 
primary 'Blanquet, S.' 5 ? 
# 
loop_
_entity.id 
_entity.type 
_entity.src_method 
_entity.pdbx_description 
_entity.formula_weight 
_entity.pdbx_number_of_molecules 
_entity.pdbx_ec 
_entity.pdbx_mutation 
_entity.pdbx_fragment 
_entity.details 
1 polymer man 'PEPTIDYL-TRNA HYDROLASE' 20982.115 1   3.1.1.29 ? ? ? 
2 water   nat water                     18.015    181 ?        ? ? ? 
# 
_entity_poly.entity_id                      1 
_entity_poly.type                           'polypeptide(L)' 
_entity_poly.nstd_linkage                   no 
_entity_poly.nstd_monomer                   no 
_entity_poly.pdbx_seq_one_letter_code       
;TIKLIVGLANPGAEYAATRHNAGAWFVDLLAERLRAPLREEAKFFGYTSRVTLGGEDVRLLVPTTFMNLSGKAVAAMASF
FRINPDEILVAHDELDLPPGVAKFKLGGGHGGHNGLKDIISKLGNNPNFHRLRIGIGHPGDKNKVVGFVLGKPPVSEQKL
IDEAIDEAARCTEMWFTDGLTKATNRLHAFKAQ
;
_entity_poly.pdbx_seq_one_letter_code_can   
;TIKLIVGLANPGAEYAATRHNAGAWFVDLLAERLRAPLREEAKFFGYTSRVTLGGEDVRLLVPTTFMNLSGKAVAAMASF
FRINPDEILVAHDELDLPPGVAKFKLGGGHGGHNGLKDIISKLGNNPNFHRLRIGIGHPGDKNKVVGFVLGKPPVSEQKL
IDEAIDEAARCTEMWFTDGLTKATNRLHAFKAQ
;
_entity_poly.pdbx_strand_id                 A 
_entity_poly.pdbx_target_identifier         ? 
# 
_pdbx_entity_nonpoly.entity_id   2 
_pdbx_entity_nonpoly.name        water 
_pdbx_entity_nonpoly.comp_id     HOH 
# 
loop_
_entity_poly_seq.entity_id 
_entity_poly_seq.num 
_entity_poly_seq.mon_id 
_entity_poly_seq.hetero 
1 1   THR n 
1 2   ILE n 
1 3   LYS n 
1 4   LEU n 
1 5   ILE n 
1 6   VAL n 
1 7   GLY n 
1 8   LEU n 
1 9   ALA n 
1 10  ASN n 
1 11  PRO n 
1 12  GLY n 
1 13  ALA n 
1 14  GLU n 
1 15  TYR n 
1 16  ALA n 
1 17  ALA n 
1 18  THR n 
1 19  ARG n 
1 20  HIS n 
1 21  ASN n 
1 22  ALA n 
1 23  GLY n 
1 24  ALA n 
1 25  TRP n 
1 26  PHE n 
1 27  VAL n 
1 28  ASP n 
1 29  LEU n 
1 30  LEU n 
1 31  ALA n 
1 32  GLU n 
1 33  ARG n 
1 34  LEU n 
1 35  ARG n 
1 36  ALA n 
1 37  PRO n 
1 38  LEU n 
1 39  ARG n 
1 40  GLU n 
1 41  GLU n 
1 42  ALA n 
1 43  LYS n 
1 44  PHE n 
1 45  PHE n 
1 46  GLY n 
1 47  TYR n 
1 48  THR n 
1 49  SER n 
1 50  ARG n 
1 51  VAL n 
1 52  THR n 
1 53  LEU n 
1 54  GLY n 
1 55  GLY n 
1 56  GLU n 
1 57  ASP n 
1 58  VAL n 
1 59  ARG n 
1 60  LEU n 
1 61  LEU n 
1 62  VAL n 
1 63  PRO n 
1 64  THR n 
1 65  THR n 
1 66  PHE n 
1 67  MET n 
1 68  ASN n 
1 69  LEU n 
1 70  SER n 
1 71  GLY n 
1 72  LYS n 
1 73  ALA n 
1 74  VAL n 
1 75  ALA n 
1 76  ALA n 
1 77  MET n 
1 78  ALA n 
1 79  SER n 
1 80  PHE n 
1 81  PHE n 
1 82  ARG n 
1 83  ILE n 
1 84  ASN n 
1 85  PRO n 
1 86  ASP n 
1 87  GLU n 
1 88  ILE n 
1 89  LEU n 
1 90  VAL n 
1 91  ALA n 
1 92  HIS n 
1 93  ASP n 
1 94  GLU n 
1 95  LEU n 
1 96  ASP n 
1 97  LEU n 
1 98  PRO n 
1 99  PRO n 
1 100 GLY n 
1 101 VAL n 
1 102 ALA n 
1 103 LYS n 
1 104 PHE n 
1 105 LYS n 
1 106 LEU n 
1 107 GLY n 
1 108 GLY n 
1 109 GLY n 
1 110 HIS n 
1 111 GLY n 
1 112 GLY n 
1 113 HIS n 
1 114 ASN n 
1 115 GLY n 
1 116 LEU n 
1 117 LYS n 
1 118 ASP n 
1 119 ILE n 
1 120 ILE n 
1 121 SER n 
1 122 LYS n 
1 123 LEU n 
1 124 GLY n 
1 125 ASN n 
1 126 ASN n 
1 127 PRO n 
1 128 ASN n 
1 129 PHE n 
1 130 HIS n 
1 131 ARG n 
1 132 LEU n 
1 133 ARG n 
1 134 ILE n 
1 135 GLY n 
1 136 ILE n 
1 137 GLY n 
1 138 HIS n 
1 139 PRO n 
1 140 GLY n 
1 141 ASP n 
1 142 LYS n 
1 143 ASN n 
1 144 LYS n 
1 145 VAL n 
1 146 VAL n 
1 147 GLY n 
1 148 PHE n 
1 149 VAL n 
1 150 LEU n 
1 151 GLY n 
1 152 LYS n 
1 153 PRO n 
1 154 PRO n 
1 155 VAL n 
1 156 SER n 
1 157 GLU n 
1 158 GLN n 
1 159 LYS n 
1 160 LEU n 
1 161 ILE n 
1 162 ASP n 
1 163 GLU n 
1 164 ALA n 
1 165 ILE n 
1 166 ASP n 
1 167 GLU n 
1 168 ALA n 
1 169 ALA n 
1 170 ARG n 
1 171 CYS n 
1 172 THR n 
1 173 GLU n 
1 174 MET n 
1 175 TRP n 
1 176 PHE n 
1 177 THR n 
1 178 ASP n 
1 179 GLY n 
1 180 LEU n 
1 181 THR n 
1 182 LYS n 
1 183 ALA n 
1 184 THR n 
1 185 ASN n 
1 186 ARG n 
1 187 LEU n 
1 188 HIS n 
1 189 ALA n 
1 190 PHE n 
1 191 LYS n 
1 192 ALA n 
1 193 GLN n 
# 
_entity_src_gen.entity_id                          1 
_entity_src_gen.pdbx_src_id                        1 
_entity_src_gen.pdbx_alt_source_flag               sample 
_entity_src_gen.pdbx_seq_type                      ? 
_entity_src_gen.pdbx_beg_seq_num                   ? 
_entity_src_gen.pdbx_end_seq_num                   ? 
_entity_src_gen.gene_src_common_name               ? 
_entity_src_gen.gene_src_genus                     Escherichia 
_entity_src_gen.pdbx_gene_src_gene                 PTH 
_entity_src_gen.gene_src_species                   'Escherichia coli' 
_entity_src_gen.gene_src_strain                    K12 
_entity_src_gen.gene_src_tissue                    ? 
_entity_src_gen.gene_src_tissue_fraction           ? 
_entity_src_gen.gene_src_details                   ? 
_entity_src_gen.pdbx_gene_src_fragment             ? 
_entity_src_gen.pdbx_gene_src_scientific_name      'Escherichia coli' 
_entity_src_gen.pdbx_gene_src_ncbi_taxonomy_id     83333 
_entity_src_gen.pdbx_gene_src_variant              ? 
_entity_src_gen.pdbx_gene_src_cell_line            ? 
_entity_src_gen.pdbx_gene_src_atcc                 ? 
_entity_src_gen.pdbx_gene_src_organ                ? 
_entity_src_gen.pdbx_gene_src_organelle            ? 
_entity_src_gen.pdbx_gene_src_cell                 ? 
_entity_src_gen.pdbx_gene_src_cellular_location    CYTOPLASM 
_entity_src_gen.host_org_common_name               ? 
_entity_src_gen.pdbx_host_org_scientific_name      'Escherichia coli K12' 
_entity_src_gen.pdbx_host_org_ncbi_taxonomy_id     83333 
_entity_src_gen.host_org_genus                     Escherichia 
_entity_src_gen.pdbx_host_org_gene                 ? 
_entity_src_gen.pdbx_host_org_organ                ? 
_entity_src_gen.host_org_species                   'Escherichia coli' 
_entity_src_gen.pdbx_host_org_tissue               ? 
_entity_src_gen.pdbx_host_org_tissue_fraction      ? 
_entity_src_gen.pdbx_host_org_strain               K12 
_entity_src_gen.pdbx_host_org_variant              ? 
_entity_src_gen.pdbx_host_org_cell_line            ? 
_entity_src_gen.pdbx_host_org_atcc                 ? 
_entity_src_gen.pdbx_host_org_culture_collection   ? 
_entity_src_gen.pdbx_host_org_cell                 ? 
_entity_src_gen.pdbx_host_org_organelle            ? 
_entity_src_gen.pdbx_host_org_cellular_location    CYTOPLASM 
_entity_src_gen.pdbx_host_org_vector_type          PLASMID 
_entity_src_gen.pdbx_host_org_vector               ? 
_entity_src_gen.host_org_details                   ? 
_entity_src_gen.expression_system_id               ? 
_entity_src_gen.plasmid_name                       PUC18 
_entity_src_gen.plasmid_details                    ? 
_entity_src_gen.pdbx_description                   ? 
# 
loop_
_chem_comp.id 
_chem_comp.type 
_chem_comp.mon_nstd_flag 
_chem_comp.name 
_chem_comp.pdbx_synonyms 
_chem_comp.formula 
_chem_comp.formula_weight 
ALA 'L-peptide linking' y ALANINE         ? 'C3 H7 N O2'     89.093  
ARG 'L-peptide linking' y ARGININE        ? 'C6 H15 N4 O2 1' 175.209 
ASN 'L-peptide linking' y ASPARAGINE      ? 'C4 H8 N2 O3'    132.118 
ASP 'L-peptide linking' y 'ASPARTIC ACID' ? 'C4 H7 N O4'     133.103 
CYS 'L-peptide linking' y CYSTEINE        ? 'C3 H7 N O2 S'   121.158 
GLN 'L-peptide linking' y GLUTAMINE       ? 'C5 H10 N2 O3'   146.144 
GLU 'L-peptide linking' y 'GLUTAMIC ACID' ? 'C5 H9 N O4'     147.129 
GLY 'peptide linking'   y GLYCINE         ? 'C2 H5 N O2'     75.067  
HIS 'L-peptide linking' y HISTIDINE       ? 'C6 H10 N3 O2 1' 156.162 
HOH non-polymer         . WATER           ? 'H2 O'           18.015  
ILE 'L-peptide linking' y ISOLEUCINE      ? 'C6 H13 N O2'    131.173 
LEU 'L-peptide linking' y LEUCINE         ? 'C6 H13 N O2'    131.173 
LYS 'L-peptide linking' y LYSINE          ? 'C6 H15 N2 O2 1' 147.195 
MET 'L-peptide linking' y METHIONINE      ? 'C5 H11 N O2 S'  149.211 
PHE 'L-peptide linking' y PHENYLALANINE   ? 'C9 H11 N O2'    165.189 
PRO 'L-peptide linking' y PROLINE         ? 'C5 H9 N O2'     115.130 
SER 'L-peptide linking' y SERINE          ? 'C3 H7 N O3'     105.093 
THR 'L-peptide linking' y THREONINE       ? 'C4 H9 N O3'     119.119 
TRP 'L-peptide linking' y TRYPTOPHAN      ? 'C11 H12 N2 O2'  204.225 
TYR 'L-peptide linking' y TYROSINE        ? 'C9 H11 N O3'    181.189 
VAL 'L-peptide linking' y VALINE          ? 'C5 H11 N O2'    117.146 
# 
loop_
_pdbx_poly_seq_scheme.asym_id 
_pdbx_poly_seq_scheme.entity_id 
_pdbx_poly_seq_scheme.seq_id 
_pdbx_poly_seq_scheme.mon_id 
_pdbx_poly_seq_scheme.ndb_seq_num 
_pdbx_poly_seq_scheme.pdb_seq_num 
_pdbx_poly_seq_scheme.auth_seq_num 
_pdbx_poly_seq_scheme.pdb_mon_id 
_pdbx_poly_seq_scheme.auth_mon_id 
_pdbx_poly_seq_scheme.pdb_strand_id 
_pdbx_poly_seq_scheme.pdb_ins_code 
_pdbx_poly_seq_scheme.hetero 
A 1 1   THR 1   1   1   THR THR A . n 
A 1 2   ILE 2   2   2   ILE ILE A . n 
A 1 3   LYS 3   3   3   LYS LYS A . n 
A 1 4   LEU 4   4   4   LEU LEU A . n 
A 1 5   ILE 5   5   5   ILE ILE A . n 
A 1 6   VAL 6   6   6   VAL VAL A . n 
A 1 7   GLY 7   7   7   GLY GLY A . n 
A 1 8   LEU 8   8   8   LEU LEU A . n 
A 1 9   ALA 9   9   9   ALA ALA A . n 
A 1 10  ASN 10  10  10  ASN ASN A . n 
A 1 11  PRO 11  11  11  PRO PRO A . n 
A 1 12  GLY 12  12  12  GLY GLY A . n 
A 1 13  ALA 13  13  13  ALA ALA A . n 
A 1 14  GLU 14  14  14  GLU GLU A . n 
A 1 15  TYR 15  15  15  TYR TYR A . n 
A 1 16  ALA 16  16  16  ALA ALA A . n 
A 1 17  ALA 17  17  17  ALA ALA A . n 
A 1 18  THR 18  18  18  THR THR A . n 
A 1 19  ARG 19  19  19  ARG ARG A . n 
A 1 20  HIS 20  20  20  HIS HIS A . n 
A 1 21  ASN 21  21  21  ASN ASN A . n 
A 1 22  ALA 22  22  22  ALA ALA A . n 
A 1 23  GLY 23  23  23  GLY GLY A . n 
A 1 24  ALA 24  24  24  ALA ALA A . n 
A 1 25  TRP 25  25  25  TRP TRP A . n 
A 1 26  PHE 26  26  26  PHE PHE A . n 
A 1 27  VAL 27  27  27  VAL VAL A . n 
A 1 28  ASP 28  28  28  ASP ASP A . n 
A 1 29  LEU 29  29  29  LEU LEU A . n 
A 1 30  LEU 30  30  30  LEU LEU A . n 
A 1 31  ALA 31  31  31  ALA ALA A . n 
A 1 32  GLU 32  32  32  GLU GLU A . n 
A 1 33  ARG 33  33  33  ARG ARG A . n 
A 1 34  LEU 34  34  34  LEU LEU A . n 
A 1 35  ARG 35  35  35  ARG ARG A . n 
A 1 36  ALA 36  36  36  ALA ALA A . n 
A 1 37  PRO 37  37  37  PRO PRO A . n 
A 1 38  LEU 38  38  38  LEU LEU A . n 
A 1 39  ARG 39  39  39  ARG ARG A . n 
A 1 40  GLU 40  40  40  GLU GLU A . n 
A 1 41  GLU 41  41  41  GLU GLU A . n 
A 1 42  ALA 42  42  42  ALA ALA A . n 
A 1 43  LYS 43  43  43  LYS LYS A . n 
A 1 44  PHE 44  44  44  PHE PHE A . n 
A 1 45  PHE 45  45  45  PHE PHE A . n 
A 1 46  GLY 46  46  46  GLY GLY A . n 
A 1 47  TYR 47  47  47  TYR TYR A . n 
A 1 48  THR 48  48  48  THR THR A . n 
A 1 49  SER 49  49  49  SER SER A . n 
A 1 50  ARG 50  50  50  ARG ARG A . n 
A 1 51  VAL 51  51  51  VAL VAL A . n 
A 1 52  THR 52  52  52  THR THR A . n 
A 1 53  LEU 53  53  53  LEU LEU A . n 
A 1 54  GLY 54  54  54  GLY GLY A . n 
A 1 55  GLY 55  55  55  GLY GLY A . n 
A 1 56  GLU 56  56  56  GLU GLU A . n 
A 1 57  ASP 57  57  57  ASP ASP A . n 
A 1 58  VAL 58  58  58  VAL VAL A . n 
A 1 59  ARG 59  59  59  ARG ARG A . n 
A 1 60  LEU 60  60  60  LEU LEU A . n 
A 1 61  LEU 61  61  61  LEU LEU A . n 
A 1 62  VAL 62  62  62  VAL VAL A . n 
A 1 63  PRO 63  63  63  PRO PRO A . n 
A 1 64  THR 64  64  64  THR THR A . n 
A 1 65  THR 65  65  65  THR THR A . n 
A 1 66  PHE 66  66  66  PHE PHE A . n 
A 1 67  MET 67  67  67  MET MET A . n 
A 1 68  ASN 68  68  68  ASN ASN A . n 
A 1 69  LEU 69  69  69  LEU LEU A . n 
A 1 70  SER 70  70  70  SER SER A . n 
A 1 71  GLY 71  71  71  GLY GLY A . n 
A 1 72  LYS 72  72  72  LYS LYS A . n 
A 1 73  ALA 73  73  73  ALA ALA A . n 
A 1 74  VAL 74  74  74  VAL VAL A . n 
A 1 75  ALA 75  75  75  ALA ALA A . n 
A 1 76  ALA 76  76  76  ALA ALA A . n 
A 1 77  MET 77  77  77  MET MET A . n 
A 1 78  ALA 78  78  78  ALA ALA A . n 
A 1 79  SER 79  79  79  SER SER A . n 
A 1 80  PHE 80  80  80  PHE PHE A . n 
A 1 81  PHE 81  81  81  PHE PHE A . n 
A 1 82  ARG 82  82  82  ARG ARG A . n 
A 1 83  ILE 83  83  83  ILE ILE A . n 
A 1 84  ASN 84  84  84  ASN ASN A . n 
A 1 85  PRO 85  85  85  PRO PRO A . n 
A 1 86  ASP 86  86  86  ASP ASP A . n 
A 1 87  GLU 87  87  87  GLU GLU A . n 
A 1 88  ILE 88  88  88  ILE ILE A . n 
A 1 89  LEU 89  89  89  LEU LEU A . n 
A 1 90  VAL 90  90  90  VAL VAL A . n 
A 1 91  ALA 91  91  91  ALA ALA A . n 
A 1 92  HIS 92  92  92  HIS HIS A . n 
A 1 93  ASP 93  93  93  ASP ASP A . n 
A 1 94  GLU 94  94  94  GLU GLU A . n 
A 1 95  LEU 95  95  95  LEU LEU A . n 
A 1 96  ASP 96  96  96  ASP ASP A . n 
A 1 97  LEU 97  97  97  LEU LEU A . n 
A 1 98  PRO 98  98  98  PRO PRO A . n 
A 1 99  PRO 99  99  99  PRO PRO A . n 
A 1 100 GLY 100 100 100 GLY GLY A . n 
A 1 101 VAL 101 101 101 VAL VAL A . n 
A 1 102 ALA 102 102 102 ALA ALA A . n 
A 1 103 LYS 103 103 103 LYS LYS A . n 
A 1 104 PHE 104 104 104 PHE PHE A . n 
A 1 105 LYS 105 105 105 LYS LYS A . n 
A 1 106 LEU 106 106 106 LEU LEU A . n 
A 1 107 GLY 107 107 107 GLY GLY A . n 
A 1 108 GLY 108 108 108 GLY GLY A . n 
A 1 109 GLY 109 109 109 GLY GLY A . n 
A 1 110 HIS 110 110 110 HIS HIS A . n 
A 1 111 GLY 111 111 111 GLY GLY A . n 
A 1 112 GLY 112 112 112 GLY GLY A . n 
A 1 113 HIS 113 113 113 HIS HIS A . n 
A 1 114 ASN 114 114 114 ASN ASN A . n 
A 1 115 GLY 115 115 115 GLY GLY A . n 
A 1 116 LEU 116 116 116 LEU LEU A . n 
A 1 117 LYS 117 117 117 LYS LYS A . n 
A 1 118 ASP 118 118 118 ASP ASP A . n 
A 1 119 ILE 119 119 119 ILE ILE A . n 
A 1 120 ILE 120 120 120 ILE ILE A . n 
A 1 121 SER 121 121 121 SER SER A . n 
A 1 122 LYS 122 122 122 LYS LYS A . n 
A 1 123 LEU 123 123 123 LEU LEU A . n 
A 1 124 GLY 124 124 124 GLY GLY A . n 
A 1 125 ASN 125 125 125 ASN ASN A . n 
A 1 126 ASN 126 126 126 ASN ASN A . n 
A 1 127 PRO 127 127 127 PRO PRO A . n 
A 1 128 ASN 128 128 128 ASN ASN A . n 
A 1 129 PHE 129 129 129 PHE PHE A . n 
A 1 130 HIS 130 130 130 HIS HIS A . n 
A 1 131 ARG 131 131 131 ARG ARG A . n 
A 1 132 LEU 132 132 132 LEU LEU A . n 
A 1 133 ARG 133 133 133 ARG ARG A . n 
A 1 134 ILE 134 134 134 ILE ILE A . n 
A 1 135 GLY 135 135 135 GLY GLY A . n 
A 1 136 ILE 136 136 136 ILE ILE A . n 
A 1 137 GLY 137 137 137 GLY GLY A . n 
A 1 138 HIS 138 138 138 HIS HIS A . n 
A 1 139 PRO 139 139 139 PRO PRO A . n 
A 1 140 GLY 140 140 140 GLY GLY A . n 
A 1 141 ASP 141 141 141 ASP ASP A . n 
A 1 142 LYS 142 142 142 LYS LYS A . n 
A 1 143 ASN 143 143 143 ASN ASN A . n 
A 1 144 LYS 144 144 144 LYS LYS A . n 
A 1 145 VAL 145 145 145 VAL VAL A . n 
A 1 146 VAL 146 146 146 VAL VAL A . n 
A 1 147 GLY 147 147 147 GLY GLY A . n 
A 1 148 PHE 148 148 148 PHE PHE A . n 
A 1 149 VAL 149 149 149 VAL VAL A . n 
A 1 150 LEU 150 150 150 LEU LEU A . n 
A 1 151 GLY 151 151 151 GLY GLY A . n 
A 1 152 LYS 152 152 152 LYS LYS A . n 
A 1 153 PRO 153 153 153 PRO PRO A . n 
A 1 154 PRO 154 154 154 PRO PRO A . n 
A 1 155 VAL 155 155 155 VAL VAL A . n 
A 1 156 SER 156 156 156 SER SER A . n 
A 1 157 GLU 157 157 157 GLU GLU A . n 
A 1 158 GLN 158 158 158 GLN GLN A . n 
A 1 159 LYS 159 159 159 LYS LYS A . n 
A 1 160 LEU 160 160 160 LEU LEU A . n 
A 1 161 ILE 161 161 161 ILE ILE A . n 
A 1 162 ASP 162 162 162 ASP ASP A . n 
A 1 163 GLU 163 163 163 GLU GLU A . n 
A 1 164 ALA 164 164 164 ALA ALA A . n 
A 1 165 ILE 165 165 165 ILE ILE A . n 
A 1 166 ASP 166 166 166 ASP ASP A . n 
A 1 167 GLU 167 167 167 GLU GLU A . n 
A 1 168 ALA 168 168 168 ALA ALA A . n 
A 1 169 ALA 169 169 169 ALA ALA A . n 
A 1 170 ARG 170 170 170 ARG ARG A . n 
A 1 171 CYS 171 171 171 CYS CYS A . n 
A 1 172 THR 172 172 172 THR THR A . n 
A 1 173 GLU 173 173 173 GLU GLU A . n 
A 1 174 MET 174 174 174 MET MET A . n 
A 1 175 TRP 175 175 175 TRP TRP A . n 
A 1 176 PHE 176 176 176 PHE PHE A . n 
A 1 177 THR 177 177 177 THR THR A . n 
A 1 178 ASP 178 178 178 ASP ASP A . n 
A 1 179 GLY 179 179 179 GLY GLY A . n 
A 1 180 LEU 180 180 180 LEU LEU A . n 
A 1 181 THR 181 181 181 THR THR A . n 
A 1 182 LYS 182 182 182 LYS LYS A . n 
A 1 183 ALA 183 183 183 ALA ALA A . n 
A 1 184 THR 184 184 184 THR THR A . n 
A 1 185 ASN 185 185 185 ASN ASN A . n 
A 1 186 ARG 186 186 186 ARG ARG A . n 
A 1 187 LEU 187 187 187 LEU LEU A . n 
A 1 188 HIS 188 188 188 HIS HIS A . n 
A 1 189 ALA 189 189 189 ALA ALA A . n 
A 1 190 PHE 190 190 190 PHE PHE A . n 
A 1 191 LYS 191 191 191 LYS LYS A . n 
A 1 192 ALA 192 192 192 ALA ALA A . n 
A 1 193 GLN 193 193 193 GLN GLN A . n 
# 
loop_
_pdbx_nonpoly_scheme.asym_id 
_pdbx_nonpoly_scheme.entity_id 
_pdbx_nonpoly_scheme.mon_id 
_pdbx_nonpoly_scheme.ndb_seq_num 
_pdbx_nonpoly_scheme.pdb_seq_num 
_pdbx_nonpoly_scheme.auth_seq_num 
_pdbx_nonpoly_scheme.pdb_mon_id 
_pdbx_nonpoly_scheme.auth_mon_id 
_pdbx_nonpoly_scheme.pdb_strand_id 
_pdbx_nonpoly_scheme.pdb_ins_code 
B 2 HOH 1   501 501 HOH HOH A . 
B 2 HOH 2   502 502 HOH HOH A . 
B 2 HOH 3   503 503 HOH HOH A . 
B 2 HOH 4   504 504 HOH HOH A . 
B 2 HOH 5   505 505 HOH HOH A . 
B 2 HOH 6   506 506 HOH HOH A . 
B 2 HOH 7   507 507 HOH HOH A . 
B 2 HOH 8   508 508 HOH HOH A . 
B 2 HOH 9   509 509 HOH HOH A . 
B 2 HOH 10  510 510 HOH HOH A . 
B 2 HOH 11  511 511 HOH HOH A . 
B 2 HOH 12  512 512 HOH HOH A . 
B 2 HOH 13  513 513 HOH HOH A . 
B 2 HOH 14  514 514 HOH HOH A . 
B 2 HOH 15  515 515 HOH HOH A . 
B 2 HOH 16  516 516 HOH HOH A . 
B 2 HOH 17  517 517 HOH HOH A . 
B 2 HOH 18  518 518 HOH HOH A . 
B 2 HOH 19  519 519 HOH HOH A . 
B 2 HOH 20  520 520 HOH HOH A . 
B 2 HOH 21  521 521 HOH HOH A . 
B 2 HOH 22  522 522 HOH HOH A . 
B 2 HOH 23  523 523 HOH HOH A . 
B 2 HOH 24  524 524 HOH HOH A . 
B 2 HOH 25  525 525 HOH HOH A . 
B 2 HOH 26  526 526 HOH HOH A . 
B 2 HOH 27  527 527 HOH HOH A . 
B 2 HOH 28  528 528 HOH HOH A . 
B 2 HOH 29  529 529 HOH HOH A . 
B 2 HOH 30  530 530 HOH HOH A . 
B 2 HOH 31  531 531 HOH HOH A . 
B 2 HOH 32  532 532 HOH HOH A . 
B 2 HOH 33  533 533 HOH HOH A . 
B 2 HOH 34  534 534 HOH HOH A . 
B 2 HOH 35  535 535 HOH HOH A . 
B 2 HOH 36  536 536 HOH HOH A . 
B 2 HOH 37  537 537 HOH HOH A . 
B 2 HOH 38  538 538 HOH HOH A . 
B 2 HOH 39  539 539 HOH HOH A . 
B 2 HOH 40  540 540 HOH HOH A . 
B 2 HOH 41  541 541 HOH HOH A . 
B 2 HOH 42  542 542 HOH HOH A . 
B 2 HOH 43  543 543 HOH HOH A . 
B 2 HOH 44  544 544 HOH HOH A . 
B 2 HOH 45  545 545 HOH HOH A . 
B 2 HOH 46  546 546 HOH HOH A . 
B 2 HOH 47  547 547 HOH HOH A . 
B 2 HOH 48  548 548 HOH HOH A . 
B 2 HOH 49  549 549 HOH HOH A . 
B 2 HOH 50  550 550 HOH HOH A . 
B 2 HOH 51  551 551 HOH HOH A . 
B 2 HOH 52  552 552 HOH HOH A . 
B 2 HOH 53  553 553 HOH HOH A . 
B 2 HOH 54  554 554 HOH HOH A . 
B 2 HOH 55  555 555 HOH HOH A . 
B 2 HOH 56  556 556 HOH HOH A . 
B 2 HOH 57  557 557 HOH HOH A . 
B 2 HOH 58  558 558 HOH HOH A . 
B 2 HOH 59  559 559 HOH HOH A . 
B 2 HOH 60  560 560 HOH HOH A . 
B 2 HOH 61  561 561 HOH HOH A . 
B 2 HOH 62  562 562 HOH HOH A . 
B 2 HOH 63  563 563 HOH HOH A . 
B 2 HOH 64  564 564 HOH HOH A . 
B 2 HOH 65  565 565 HOH HOH A . 
B 2 HOH 66  566 566 HOH HOH A . 
B 2 HOH 67  567 567 HOH HOH A . 
B 2 HOH 68  568 568 HOH HOH A . 
B 2 HOH 69  569 569 HOH HOH A . 
B 2 HOH 70  570 570 HOH HOH A . 
B 2 HOH 71  571 571 HOH HOH A . 
B 2 HOH 72  572 572 HOH HOH A . 
B 2 HOH 73  573 573 HOH HOH A . 
B 2 HOH 74  574 574 HOH HOH A . 
B 2 HOH 75  575 575 HOH HOH A . 
B 2 HOH 76  576 576 HOH HOH A . 
B 2 HOH 77  577 577 HOH HOH A . 
B 2 HOH 78  578 578 HOH HOH A . 
B 2 HOH 79  579 579 HOH HOH A . 
B 2 HOH 80  580 580 HOH HOH A . 
B 2 HOH 81  581 581 HOH HOH A . 
B 2 HOH 82  582 582 HOH HOH A . 
B 2 HOH 83  583 583 HOH HOH A . 
B 2 HOH 84  584 584 HOH HOH A . 
B 2 HOH 85  585 585 HOH HOH A . 
B 2 HOH 86  586 586 HOH HOH A . 
B 2 HOH 87  587 587 HOH HOH A . 
B 2 HOH 88  588 588 HOH HOH A . 
B 2 HOH 89  589 589 HOH HOH A . 
B 2 HOH 90  590 590 HOH HOH A . 
B 2 HOH 91  591 591 HOH HOH A . 
B 2 HOH 92  592 592 HOH HOH A . 
B 2 HOH 93  593 593 HOH HOH A . 
B 2 HOH 94  594 594 HOH HOH A . 
B 2 HOH 95  595 595 HOH HOH A . 
B 2 HOH 96  596 596 HOH HOH A . 
B 2 HOH 97  597 597 HOH HOH A . 
B 2 HOH 98  598 598 HOH HOH A . 
B 2 HOH 99  599 599 HOH HOH A . 
B 2 HOH 100 600 600 HOH HOH A . 
B 2 HOH 101 601 601 HOH HOH A . 
B 2 HOH 102 602 602 HOH HOH A . 
B 2 HOH 103 603 603 HOH HOH A . 
B 2 HOH 104 604 604 HOH HOH A . 
B 2 HOH 105 605 605 HOH HOH A . 
B 2 HOH 106 606 606 HOH HOH A . 
B 2 HOH 107 607 607 HOH HOH A . 
B 2 HOH 108 608 608 HOH HOH A . 
B 2 HOH 109 609 609 HOH HOH A . 
B 2 HOH 110 610 610 HOH HOH A . 
B 2 HOH 111 611 611 HOH HOH A . 
B 2 HOH 112 612 612 HOH HOH A . 
B 2 HOH 113 613 613 HOH HOH A . 
B 2 HOH 114 614 614 HOH HOH A . 
B 2 HOH 115 615 615 HOH HOH A . 
B 2 HOH 116 616 616 HOH HOH A . 
B 2 HOH 117 617 617 HOH HOH A . 
B 2 HOH 118 618 618 HOH HOH A . 
B 2 HOH 119 619 619 HOH HOH A . 
B 2 HOH 120 620 620 HOH HOH A . 
B 2 HOH 121 621 621 HOH HOH A . 
B 2 HOH 122 622 622 HOH HOH A . 
B 2 HOH 123 623 623 HOH HOH A . 
B 2 HOH 124 624 624 HOH HOH A . 
B 2 HOH 125 625 625 HOH HOH A . 
B 2 HOH 126 626 626 HOH HOH A . 
B 2 HOH 127 627 627 HOH HOH A . 
B 2 HOH 128 628 628 HOH HOH A . 
B 2 HOH 129 629 629 HOH HOH A . 
B 2 HOH 130 630 630 HOH HOH A . 
B 2 HOH 131 631 631 HOH HOH A . 
B 2 HOH 132 632 632 HOH HOH A . 
B 2 HOH 133 633 633 HOH HOH A . 
B 2 HOH 134 634 634 HOH HOH A . 
B 2 HOH 135 635 635 HOH HOH A . 
B 2 HOH 136 636 636 HOH HOH A . 
B 2 HOH 137 637 637 HOH HOH A . 
B 2 HOH 138 638 638 HOH HOH A . 
B 2 HOH 139 639 639 HOH HOH A . 
B 2 HOH 140 640 640 HOH HOH A . 
B 2 HOH 141 641 641 HOH HOH A . 
B 2 HOH 142 642 642 HOH HOH A . 
B 2 HOH 143 643 643 HOH HOH A . 
B 2 HOH 144 644 644 HOH HOH A . 
B 2 HOH 145 645 645 HOH HOH A . 
B 2 HOH 146 646 646 HOH HOH A . 
B 2 HOH 147 647 647 HOH HOH A . 
B 2 HOH 148 648 648 HOH HOH A . 
B 2 HOH 149 649 649 HOH HOH A . 
B 2 HOH 150 650 650 HOH HOH A . 
B 2 HOH 151 651 651 HOH HOH A . 
B 2 HOH 152 652 652 HOH HOH A . 
B 2 HOH 153 653 653 HOH HOH A . 
B 2 HOH 154 654 654 HOH HOH A . 
B 2 HOH 155 655 655 HOH HOH A . 
B 2 HOH 156 656 656 HOH HOH A . 
B 2 HOH 157 657 657 HOH HOH A . 
B 2 HOH 158 658 658 HOH HOH A . 
B 2 HOH 159 659 659 HOH HOH A . 
B 2 HOH 160 660 660 HOH HOH A . 
B 2 HOH 161 661 661 HOH HOH A . 
B 2 HOH 162 662 662 HOH HOH A . 
B 2 HOH 163 663 663 HOH HOH A . 
B 2 HOH 164 664 664 HOH HOH A . 
B 2 HOH 165 665 665 HOH HOH A . 
B 2 HOH 166 666 666 HOH HOH A . 
B 2 HOH 167 667 667 HOH HOH A . 
B 2 HOH 168 668 668 HOH HOH A . 
B 2 HOH 169 669 669 HOH HOH A . 
B 2 HOH 170 670 670 HOH HOH A . 
B 2 HOH 171 671 671 HOH HOH A . 
B 2 HOH 172 672 672 HOH HOH A . 
B 2 HOH 173 673 673 HOH HOH A . 
B 2 HOH 174 674 674 HOH HOH A . 
B 2 HOH 175 675 675 HOH HOH A . 
B 2 HOH 176 676 676 HOH HOH A . 
B 2 HOH 177 677 677 HOH HOH A . 
B 2 HOH 178 678 678 HOH HOH A . 
B 2 HOH 179 679 679 HOH HOH A . 
B 2 HOH 180 680 680 HOH HOH A . 
B 2 HOH 181 681 681 HOH HOH A . 
# 
loop_
_software.name 
_software.classification 
_software.version 
_software.citation_id 
_software.pdbx_ordinal 
X-PLOR 'model building' 3.1       ? 1 
X-PLOR refinement       3.1       ? 2 
MOSFLM 'data reduction' .         ? 3 
CCP4   'data scaling'   '(SCALA)' ? 4 
X-PLOR phasing          3.1       ? 5 
# 
_cell.entry_id           2PTH 
_cell.length_a           47.240 
_cell.length_b           63.590 
_cell.length_c           62.570 
_cell.angle_alpha        90.00 
_cell.angle_beta         90.00 
_cell.angle_gamma        90.00 
_cell.Z_PDB              4 
_cell.pdbx_unique_axis   ? 
# 
_symmetry.entry_id                         2PTH 
_symmetry.space_group_name_H-M             'P 21 21 21' 
_symmetry.pdbx_full_space_group_name_H-M   ? 
_symmetry.cell_setting                     ? 
_symmetry.Int_Tables_number                19 
# 
_exptl.entry_id          2PTH 
_exptl.method            'X-RAY DIFFRACTION' 
_exptl.crystals_number   1 
# 
_exptl_crystal.id                    1 
_exptl_crystal.density_meas          ? 
_exptl_crystal.density_Matthews      2.24 
_exptl_crystal.density_percent_sol   45.05 
_exptl_crystal.description           ? 
# 
_exptl_crystal_grow.crystal_id      1 
_exptl_crystal_grow.method          ? 
_exptl_crystal_grow.temp            ? 
_exptl_crystal_grow.temp_details    ? 
_exptl_crystal_grow.pH              7.5 
_exptl_crystal_grow.pdbx_pH_range   ? 
_exptl_crystal_grow.pdbx_details    '10% PEG6000,12% ISOPROPANOL, 0,1 M TRIS-CL PH7.5' 
# 
_diffrn.id                     1 
_diffrn.ambient_temp           273 
_diffrn.ambient_temp_details   ? 
_diffrn.crystal_id             1 
# 
_diffrn_detector.diffrn_id              1 
_diffrn_detector.detector               'IMAGE PLATE' 
_diffrn_detector.type                   MARRESEARCH 
_diffrn_detector.pdbx_collection_date   1996-02 
_diffrn_detector.details                ? 
# 
_diffrn_radiation.diffrn_id                        1 
_diffrn_radiation.wavelength_id                    1 
_diffrn_radiation.pdbx_monochromatic_or_laue_m_l   M 
_diffrn_radiation.monochromator                    ? 
_diffrn_radiation.pdbx_diffrn_protocol             ? 
_diffrn_radiation.pdbx_scattering_type             x-ray 
# 
_diffrn_radiation_wavelength.id           1 
_diffrn_radiation_wavelength.wavelength   0.994 
_diffrn_radiation_wavelength.wt           1.0 
# 
_diffrn_source.diffrn_id                   1 
_diffrn_source.source                      SYNCHROTRON 
_diffrn_source.type                        'LURE BEAMLINE DW32' 
_diffrn_source.pdbx_synchrotron_site       LURE 
_diffrn_source.pdbx_synchrotron_beamline   DW32 
_diffrn_source.pdbx_wavelength             0.994 
_diffrn_source.pdbx_wavelength_list        ? 
# 
_reflns.entry_id                     2PTH 
_reflns.observed_criterion_sigma_I   0. 
_reflns.observed_criterion_sigma_F   ? 
_reflns.d_resolution_low             28. 
_reflns.d_resolution_high            1.2 
_reflns.number_obs                   55575 
_reflns.number_all                   ? 
_reflns.percent_possible_obs         93.9 
_reflns.pdbx_Rmerge_I_obs            ? 
_reflns.pdbx_Rsym_value              0.0460000 
_reflns.pdbx_netI_over_sigmaI        8.3 
_reflns.B_iso_Wilson_estimate        12.7 
_reflns.pdbx_redundancy              4.2 
_reflns.pdbx_ordinal                 1 
_reflns.pdbx_diffrn_id               1 
# 
_reflns_shell.d_res_high             1.20 
_reflns_shell.d_res_low              1.23 
_reflns_shell.percent_possible_all   85.3 
_reflns_shell.Rmerge_I_obs           ? 
_reflns_shell.pdbx_Rsym_value        0.1500000 
_reflns_shell.meanI_over_sigI_obs    4.6 
_reflns_shell.pdbx_redundancy        3.7 
_reflns_shell.pdbx_ordinal           1 
_reflns_shell.pdbx_diffrn_id         1 
# 
_refine.entry_id                                 2PTH 
_refine.ls_number_reflns_obs                     53921 
_refine.ls_number_reflns_all                     ? 
_refine.pdbx_ls_sigma_I                          ? 
_refine.pdbx_ls_sigma_F                          2.0 
_refine.pdbx_data_cutoff_high_absF               100000. 
_refine.pdbx_data_cutoff_low_absF                0.1 
_refine.pdbx_data_cutoff_high_rms_absF           ? 
_refine.ls_d_res_low                             8.0 
_refine.ls_d_res_high                            1.2 
_refine.ls_percent_reflns_obs                    90.8 
_refine.ls_R_factor_obs                          0.1960000 
_refine.ls_R_factor_all                          ? 
_refine.ls_R_factor_R_work                       0.1960000 
_refine.ls_R_factor_R_free                       0.2150000 
_refine.ls_R_factor_R_free_error                 ? 
_refine.ls_R_factor_R_free_error_details         ? 
_refine.ls_percent_reflns_R_free                 6. 
_refine.ls_number_reflns_R_free                  3276 
_refine.ls_number_parameters                     ? 
_refine.ls_number_restraints                     ? 
_refine.occupancy_min                            ? 
_refine.occupancy_max                            ? 
_refine.B_iso_mean                               17.0 
_refine.aniso_B[1][1]                            ? 
_refine.aniso_B[2][2]                            ? 
_refine.aniso_B[3][3]                            ? 
_refine.aniso_B[1][2]                            ? 
_refine.aniso_B[1][3]                            ? 
_refine.aniso_B[2][3]                            ? 
_refine.solvent_model_details                    ? 
_refine.solvent_model_param_ksol                 ? 
_refine.solvent_model_param_bsol                 ? 
_refine.pdbx_ls_cross_valid_method               THROUGHOUT 
_refine.details                                  
;SOME WATER MOLECULES ARE IN CLOSE CONTACT.  THESE MOLECULES
SHOULD BE CONSIDERED AS ALTERNATE POSITIONS, NOT PRESENT
SIMULTANEOUSLY IN THE ASYMMETRIC UNIT.
;
_refine.pdbx_starting_model                      ? 
_refine.pdbx_method_to_determine_struct          'MULTIPLE ISOMORPHOUS REPLACEMENTS' 
_refine.pdbx_isotropic_thermal_model             RESTRAINED 
_refine.pdbx_stereochemistry_target_values       ? 
_refine.pdbx_stereochem_target_val_spec_case     ? 
_refine.pdbx_R_Free_selection_details            RANDOM 
_refine.pdbx_overall_ESU_R                       ? 
_refine.pdbx_overall_ESU_R_Free                  ? 
_refine.overall_SU_ML                            ? 
_refine.overall_SU_B                             ? 
_refine.pdbx_refine_id                           'X-RAY DIFFRACTION' 
_refine.pdbx_diffrn_id                           1 
_refine.pdbx_TLS_residual_ADP_flag               ? 
_refine.correlation_coeff_Fo_to_Fc               ? 
_refine.correlation_coeff_Fo_to_Fc_free          ? 
_refine.pdbx_solvent_vdw_probe_radii             ? 
_refine.pdbx_solvent_ion_probe_radii             ? 
_refine.pdbx_solvent_shrinkage_radii             ? 
_refine.pdbx_overall_phase_error                 ? 
_refine.overall_SU_R_Cruickshank_DPI             ? 
_refine.pdbx_overall_SU_R_free_Cruickshank_DPI   ? 
_refine.pdbx_overall_SU_R_Blow_DPI               ? 
_refine.pdbx_overall_SU_R_free_Blow_DPI          ? 
# 
_refine_analyze.entry_id                        2PTH 
_refine_analyze.Luzzati_coordinate_error_obs    0.15 
_refine_analyze.Luzzati_sigma_a_obs             ? 
_refine_analyze.Luzzati_d_res_low_obs           8.0 
_refine_analyze.Luzzati_coordinate_error_free   0.2 
_refine_analyze.Luzzati_sigma_a_free            ? 
_refine_analyze.Luzzati_d_res_low_free          ? 
_refine_analyze.number_disordered_residues      ? 
_refine_analyze.occupancy_sum_hydrogen          ? 
_refine_analyze.occupancy_sum_non_hydrogen      ? 
_refine_analyze.pdbx_refine_id                  'X-RAY DIFFRACTION' 
# 
_refine_hist.pdbx_refine_id                   'X-RAY DIFFRACTION' 
_refine_hist.cycle_id                         LAST 
_refine_hist.pdbx_number_atoms_protein        1480 
_refine_hist.pdbx_number_atoms_nucleic_acid   0 
_refine_hist.pdbx_number_atoms_ligand         0 
_refine_hist.number_atoms_solvent             181 
_refine_hist.number_atoms_total               1661 
_refine_hist.d_res_high                       1.2 
_refine_hist.d_res_low                        8.0 
# 
loop_
_refine_ls_restr.type 
_refine_ls_restr.dev_ideal 
_refine_ls_restr.dev_ideal_target 
_refine_ls_restr.weight 
_refine_ls_restr.number 
_refine_ls_restr.pdbx_refine_id 
_refine_ls_restr.pdbx_restraint_function 
x_bond_d                0.008 ?   ? ? 'X-RAY DIFFRACTION' ? 
x_bond_d_na             ?     ?   ? ? 'X-RAY DIFFRACTION' ? 
x_bond_d_prot           ?     ?   ? ? 'X-RAY DIFFRACTION' ? 
x_angle_d               ?     ?   ? ? 'X-RAY DIFFRACTION' ? 
x_angle_d_na            ?     ?   ? ? 'X-RAY DIFFRACTION' ? 
x_angle_d_prot          ?     ?   ? ? 'X-RAY DIFFRACTION' ? 
x_angle_deg             1.6   ?   ? ? 'X-RAY DIFFRACTION' ? 
x_angle_deg_na          ?     ?   ? ? 'X-RAY DIFFRACTION' ? 
x_angle_deg_prot        ?     ?   ? ? 'X-RAY DIFFRACTION' ? 
x_dihedral_angle_d      22.5  ?   ? ? 'X-RAY DIFFRACTION' ? 
x_dihedral_angle_d_na   ?     ?   ? ? 'X-RAY DIFFRACTION' ? 
x_dihedral_angle_d_prot ?     ?   ? ? 'X-RAY DIFFRACTION' ? 
x_improper_angle_d      1.2   ?   ? ? 'X-RAY DIFFRACTION' ? 
x_improper_angle_d_na   ?     ?   ? ? 'X-RAY DIFFRACTION' ? 
x_improper_angle_d_prot ?     ?   ? ? 'X-RAY DIFFRACTION' ? 
x_mcbond_it             1.3   1.5 ? ? 'X-RAY DIFFRACTION' ? 
x_mcangle_it            ?     2.0 ? ? 'X-RAY DIFFRACTION' ? 
x_scbond_it             2.3   2.0 ? ? 'X-RAY DIFFRACTION' ? 
x_scangle_it            ?     2.5 ? ? 'X-RAY DIFFRACTION' ? 
# 
_refine_ls_shell.pdbx_total_number_of_bins_used   8 
_refine_ls_shell.d_res_high                       1.2 
_refine_ls_shell.d_res_low                        1.25 
_refine_ls_shell.number_reflns_R_work             5517 
_refine_ls_shell.R_factor_R_work                  0.2810000 
_refine_ls_shell.percent_reflns_obs               80.4 
_refine_ls_shell.R_factor_R_free                  0.2990000 
_refine_ls_shell.R_factor_R_free_error            ? 
_refine_ls_shell.percent_reflns_R_free            6.3 
_refine_ls_shell.number_reflns_R_free             369 
_refine_ls_shell.pdbx_refine_id                   'X-RAY DIFFRACTION' 
_refine_ls_shell.number_reflns_all                ? 
_refine_ls_shell.R_factor_all                     ? 
# 
loop_
_pdbx_xplor_file.serial_no 
_pdbx_xplor_file.param_file 
_pdbx_xplor_file.topol_file 
_pdbx_xplor_file.pdbx_refine_id 
1 PARHCSDX.PRO TOPHCSDX.PRO 'X-RAY DIFFRACTION' 
2 PARAM11.WAT  TOPH11.WAT   'X-RAY DIFFRACTION' 
# 
_struct.entry_id                  2PTH 
_struct.title                     'PEPTIDYL-TRNA HYDROLASE FROM ESCHERICHIA COLI' 
_struct.pdbx_model_details        ? 
_struct.pdbx_CASP_flag            ? 
_struct.pdbx_model_type_details   ? 
# 
_struct_keywords.entry_id        2PTH 
_struct_keywords.pdbx_keywords   HYDROLASE 
_struct_keywords.text            'HYDROLASE, PEPTIDYL-TRNA' 
# 
loop_
_struct_asym.id 
_struct_asym.pdbx_blank_PDB_chainid_flag 
_struct_asym.pdbx_modified 
_struct_asym.entity_id 
_struct_asym.details 
A N N 1 ? 
B N N 2 ? 
# 
_struct_ref.id                         1 
_struct_ref.db_name                    UNP 
_struct_ref.db_code                    PTH_ECOLI 
_struct_ref.entity_id                  1 
_struct_ref.pdbx_db_accession          P0A7D1 
_struct_ref.pdbx_align_begin           1 
_struct_ref.pdbx_seq_one_letter_code   
;MTIKLIVGLANPGAEYAATRHNAGAWFVDLLAERLRAPLREEAKFFGYTSRVTLGGEDVRLLVPTTFMNLSGKAVAAMAS
FFRINPDEILVAHDELDLPPGVAKFKLGGGHGGHNGLKDIISKLGNNPNFHRLRIGIGHPGDKNKVVGFVLGKPPVSEQK
LIDEAIDEAARCTEMWFTDGLTKATNRLHAFKAQ
;
_struct_ref.pdbx_db_isoform            ? 
# 
_struct_ref_seq.align_id                      1 
_struct_ref_seq.ref_id                        1 
_struct_ref_seq.pdbx_PDB_id_code              2PTH 
_struct_ref_seq.pdbx_strand_id                A 
_struct_ref_seq.seq_align_beg                 1 
_struct_ref_seq.pdbx_seq_align_beg_ins_code   ? 
_struct_ref_seq.seq_align_end                 193 
_struct_ref_seq.pdbx_seq_align_end_ins_code   ? 
_struct_ref_seq.pdbx_db_accession             P0A7D1 
_struct_ref_seq.db_align_beg                  2 
_struct_ref_seq.pdbx_db_align_beg_ins_code    ? 
_struct_ref_seq.db_align_end                  194 
_struct_ref_seq.pdbx_db_align_end_ins_code    ? 
_struct_ref_seq.pdbx_auth_seq_align_beg       1 
_struct_ref_seq.pdbx_auth_seq_align_end       193 
# 
_pdbx_struct_assembly.id                   1 
_pdbx_struct_assembly.details              author_defined_assembly 
_pdbx_struct_assembly.method_details       ? 
_pdbx_struct_assembly.oligomeric_details   monomeric 
_pdbx_struct_assembly.oligomeric_count     1 
# 
_pdbx_struct_assembly_gen.assembly_id       1 
_pdbx_struct_assembly_gen.oper_expression   1 
_pdbx_struct_assembly_gen.asym_id_list      A,B 
# 
_pdbx_struct_oper_list.id                   1 
_pdbx_struct_oper_list.type                 'identity operation' 
_pdbx_struct_oper_list.name                 1_555 
_pdbx_struct_oper_list.symmetry_operation   x,y,z 
_pdbx_struct_oper_list.matrix[1][1]         1.0000000000 
_pdbx_struct_oper_list.matrix[1][2]         0.0000000000 
_pdbx_struct_oper_list.matrix[1][3]         0.0000000000 
_pdbx_struct_oper_list.vector[1]            0.0000000000 
_pdbx_struct_oper_list.matrix[2][1]         0.0000000000 
_pdbx_struct_oper_list.matrix[2][2]         1.0000000000 
_pdbx_struct_oper_list.matrix[2][3]         0.0000000000 
_pdbx_struct_oper_list.vector[2]            0.0000000000 
_pdbx_struct_oper_list.matrix[3][1]         0.0000000000 
_pdbx_struct_oper_list.matrix[3][2]         0.0000000000 
_pdbx_struct_oper_list.matrix[3][3]         1.0000000000 
_pdbx_struct_oper_list.vector[3]            0.0000000000 
# 
_struct_biol.id   1 
# 
loop_
_struct_conf.conf_type_id 
_struct_conf.id 
_struct_conf.pdbx_PDB_helix_id 
_struct_conf.beg_label_comp_id 
_struct_conf.beg_label_asym_id 
_struct_conf.beg_label_seq_id 
_struct_conf.pdbx_beg_PDB_ins_code 
_struct_conf.end_label_comp_id 
_struct_conf.end_label_asym_id 
_struct_conf.end_label_seq_id 
_struct_conf.pdbx_end_PDB_ins_code 
_struct_conf.beg_auth_comp_id 
_struct_conf.beg_auth_asym_id 
_struct_conf.beg_auth_seq_id 
_struct_conf.end_auth_comp_id 
_struct_conf.end_auth_asym_id 
_struct_conf.end_auth_seq_id 
_struct_conf.pdbx_PDB_helix_class 
_struct_conf.details 
_struct_conf.pdbx_PDB_helix_length 
HELX_P HELX_P1 1 ARG A 19  ? LEU A 34  ? ARG A 19  LEU A 34  5 ? 16 
HELX_P HELX_P2 2 ALA A 42  ? PHE A 44  ? ALA A 42  PHE A 44  5 ? 3  
HELX_P HELX_P3 3 MET A 67  ? PHE A 81  ? MET A 67  PHE A 81  5 ? 15 
HELX_P HELX_P4 4 PRO A 85  ? GLU A 87  ? PRO A 85  GLU A 87  5 ? 3  
HELX_P HELX_P5 5 ASN A 114 ? LYS A 122 ? ASN A 114 LYS A 122 1 ? 9  
HELX_P HELX_P6 6 LYS A 142 ? VAL A 149 ? LYS A 142 VAL A 149 1 ? 8  
HELX_P HELX_P7 7 VAL A 155 ? ASP A 178 ? VAL A 155 ASP A 178 1 ? 24 
HELX_P HELX_P8 8 LEU A 180 ? ALA A 189 ? LEU A 180 ALA A 189 1 ? 10 
# 
_struct_conf_type.id          HELX_P 
_struct_conf_type.criteria    ? 
_struct_conf_type.reference   ? 
# 
_struct_sheet.id               A 
_struct_sheet.type             ? 
_struct_sheet.number_strands   7 
_struct_sheet.details          ? 
# 
loop_
_struct_sheet_order.sheet_id 
_struct_sheet_order.range_id_1 
_struct_sheet_order.range_id_2 
_struct_sheet_order.offset 
_struct_sheet_order.sense 
A 1 2 ? anti-parallel 
A 2 3 ? parallel      
A 3 4 ? parallel      
A 4 5 ? parallel      
A 5 6 ? anti-parallel 
A 6 7 ? anti-parallel 
# 
loop_
_struct_sheet_range.sheet_id 
_struct_sheet_range.id 
_struct_sheet_range.beg_label_comp_id 
_struct_sheet_range.beg_label_asym_id 
_struct_sheet_range.beg_label_seq_id 
_struct_sheet_range.pdbx_beg_PDB_ins_code 
_struct_sheet_range.end_label_comp_id 
_struct_sheet_range.end_label_asym_id 
_struct_sheet_range.end_label_seq_id 
_struct_sheet_range.pdbx_end_PDB_ins_code 
_struct_sheet_range.beg_auth_comp_id 
_struct_sheet_range.beg_auth_asym_id 
_struct_sheet_range.beg_auth_seq_id 
_struct_sheet_range.end_auth_comp_id 
_struct_sheet_range.end_auth_asym_id 
_struct_sheet_range.end_auth_seq_id 
A 1 ALA A 102 ? LEU A 106 ? ALA A 102 LEU A 106 
A 2 HIS A 130 ? GLY A 135 ? HIS A 130 GLY A 135 
A 3 ILE A 88  ? GLU A 94  ? ILE A 88  GLU A 94  
A 4 LEU A 4   ? GLY A 7   ? LEU A 4   GLY A 7   
A 5 GLU A 56  ? PRO A 63  ? GLU A 56  PRO A 63  
A 6 GLY A 46  ? LEU A 53  ? GLY A 46  LEU A 53  
A 7 ARG A 39  ? GLU A 41  ? ARG A 39  GLU A 41  
# 
loop_
_pdbx_struct_sheet_hbond.sheet_id 
_pdbx_struct_sheet_hbond.range_id_1 
_pdbx_struct_sheet_hbond.range_id_2 
_pdbx_struct_sheet_hbond.range_1_label_atom_id 
_pdbx_struct_sheet_hbond.range_1_label_comp_id 
_pdbx_struct_sheet_hbond.range_1_label_asym_id 
_pdbx_struct_sheet_hbond.range_1_label_seq_id 
_pdbx_struct_sheet_hbond.range_1_PDB_ins_code 
_pdbx_struct_sheet_hbond.range_1_auth_atom_id 
_pdbx_struct_sheet_hbond.range_1_auth_comp_id 
_pdbx_struct_sheet_hbond.range_1_auth_asym_id 
_pdbx_struct_sheet_hbond.range_1_auth_seq_id 
_pdbx_struct_sheet_hbond.range_2_label_atom_id 
_pdbx_struct_sheet_hbond.range_2_label_comp_id 
_pdbx_struct_sheet_hbond.range_2_label_asym_id 
_pdbx_struct_sheet_hbond.range_2_label_seq_id 
_pdbx_struct_sheet_hbond.range_2_PDB_ins_code 
_pdbx_struct_sheet_hbond.range_2_auth_atom_id 
_pdbx_struct_sheet_hbond.range_2_auth_comp_id 
_pdbx_struct_sheet_hbond.range_2_auth_asym_id 
_pdbx_struct_sheet_hbond.range_2_auth_seq_id 
A 1 2 O LYS A 103 ? O LYS A 103 N ARG A 133 ? N ARG A 133 
A 2 3 O HIS A 130 ? O HIS A 130 N VAL A 90  ? N VAL A 90  
A 3 4 O LEU A 89  ? O LEU A 89  N LEU A 4   ? N LEU A 4   
A 4 5 O ILE A 5   ? O ILE A 5   N ARG A 59  ? N ARG A 59  
A 5 6 O GLU A 56  ? O GLU A 56  N LEU A 53  ? N LEU A 53  
A 6 7 O GLY A 46  ? O GLY A 46  N GLU A 41  ? N GLU A 41  
# 
loop_
_pdbx_validate_close_contact.id 
_pdbx_validate_close_contact.PDB_model_num 
_pdbx_validate_close_contact.auth_atom_id_1 
_pdbx_validate_close_contact.auth_asym_id_1 
_pdbx_validate_close_contact.auth_comp_id_1 
_pdbx_validate_close_contact.auth_seq_id_1 
_pdbx_validate_close_contact.PDB_ins_code_1 
_pdbx_validate_close_contact.label_alt_id_1 
_pdbx_validate_close_contact.auth_atom_id_2 
_pdbx_validate_close_contact.auth_asym_id_2 
_pdbx_validate_close_contact.auth_comp_id_2 
_pdbx_validate_close_contact.auth_seq_id_2 
_pdbx_validate_close_contact.PDB_ins_code_2 
_pdbx_validate_close_contact.label_alt_id_2 
_pdbx_validate_close_contact.dist 
1 1 O A HOH 652 ? ? O A HOH 669 ? ? 1.77 
2 1 O A HOH 583 ? ? O A HOH 667 ? ? 1.86 
3 1 O A HOH 594 ? ? O A HOH 664 ? ? 2.14 
# 
_pdbx_validate_symm_contact.id                1 
_pdbx_validate_symm_contact.PDB_model_num     1 
_pdbx_validate_symm_contact.auth_atom_id_1    O 
_pdbx_validate_symm_contact.auth_asym_id_1    A 
_pdbx_validate_symm_contact.auth_comp_id_1    HOH 
_pdbx_validate_symm_contact.auth_seq_id_1     609 
_pdbx_validate_symm_contact.PDB_ins_code_1    ? 
_pdbx_validate_symm_contact.label_alt_id_1    ? 
_pdbx_validate_symm_contact.site_symmetry_1   1_555 
_pdbx_validate_symm_contact.auth_atom_id_2    O 
_pdbx_validate_symm_contact.auth_asym_id_2    A 
_pdbx_validate_symm_contact.auth_comp_id_2    HOH 
_pdbx_validate_symm_contact.auth_seq_id_2     673 
_pdbx_validate_symm_contact.PDB_ins_code_2    ? 
_pdbx_validate_symm_contact.label_alt_id_2    ? 
_pdbx_validate_symm_contact.site_symmetry_2   4_567 
_pdbx_validate_symm_contact.dist              2.09 
# 
loop_
_pdbx_validate_torsion.id 
_pdbx_validate_torsion.PDB_model_num 
_pdbx_validate_torsion.auth_comp_id 
_pdbx_validate_torsion.auth_asym_id 
_pdbx_validate_torsion.auth_seq_id 
_pdbx_validate_torsion.PDB_ins_code 
_pdbx_validate_torsion.label_alt_id 
_pdbx_validate_torsion.phi 
_pdbx_validate_torsion.psi 
1 1 PHE A 66  ? ? 92.57 147.52 
2 1 LYS A 191 ? ? 78.43 -9.47  
# 
loop_
_chem_comp_atom.comp_id 
_chem_comp_atom.atom_id 
_chem_comp_atom.type_symbol 
_chem_comp_atom.pdbx_aromatic_flag 
_chem_comp_atom.pdbx_stereo_config 
_chem_comp_atom.pdbx_ordinal 
ALA N    N N N 1   
ALA CA   C N S 2   
ALA C    C N N 3   
ALA O    O N N 4   
ALA CB   C N N 5   
ALA OXT  O N N 6   
ALA H    H N N 7   
ALA H2   H N N 8   
ALA HA   H N N 9   
ALA HB1  H N N 10  
ALA HB2  H N N 11  
ALA HB3  H N N 12  
ALA HXT  H N N 13  
ARG N    N N N 14  
ARG CA   C N S 15  
ARG C    C N N 16  
ARG O    O N N 17  
ARG CB   C N N 18  
ARG CG   C N N 19  
ARG CD   C N N 20  
ARG NE   N N N 21  
ARG CZ   C N N 22  
ARG NH1  N N N 23  
ARG NH2  N N N 24  
ARG OXT  O N N 25  
ARG H    H N N 26  
ARG H2   H N N 27  
ARG HA   H N N 28  
ARG HB2  H N N 29  
ARG HB3  H N N 30  
ARG HG2  H N N 31  
ARG HG3  H N N 32  
ARG HD2  H N N 33  
ARG HD3  H N N 34  
ARG HE   H N N 35  
ARG HH11 H N N 36  
ARG HH12 H N N 37  
ARG HH21 H N N 38  
ARG HH22 H N N 39  
ARG HXT  H N N 40  
ASN N    N N N 41  
ASN CA   C N S 42  
ASN C    C N N 43  
ASN O    O N N 44  
ASN CB   C N N 45  
ASN CG   C N N 46  
ASN OD1  O N N 47  
ASN ND2  N N N 48  
ASN OXT  O N N 49  
ASN H    H N N 50  
ASN H2   H N N 51  
ASN HA   H N N 52  
ASN HB2  H N N 53  
ASN HB3  H N N 54  
ASN HD21 H N N 55  
ASN HD22 H N N 56  
ASN HXT  H N N 57  
ASP N    N N N 58  
ASP CA   C N S 59  
ASP C    C N N 60  
ASP O    O N N 61  
ASP CB   C N N 62  
ASP CG   C N N 63  
ASP OD1  O N N 64  
ASP OD2  O N N 65  
ASP OXT  O N N 66  
ASP H    H N N 67  
ASP H2   H N N 68  
ASP HA   H N N 69  
ASP HB2  H N N 70  
ASP HB3  H N N 71  
ASP HD2  H N N 72  
ASP HXT  H N N 73  
CYS N    N N N 74  
CYS CA   C N R 75  
CYS C    C N N 76  
CYS O    O N N 77  
CYS CB   C N N 78  
CYS SG   S N N 79  
CYS OXT  O N N 80  
CYS H    H N N 81  
CYS H2   H N N 82  
CYS HA   H N N 83  
CYS HB2  H N N 84  
CYS HB3  H N N 85  
CYS HG   H N N 86  
CYS HXT  H N N 87  
GLN N    N N N 88  
GLN CA   C N S 89  
GLN C    C N N 90  
GLN O    O N N 91  
GLN CB   C N N 92  
GLN CG   C N N 93  
GLN CD   C N N 94  
GLN OE1  O N N 95  
GLN NE2  N N N 96  
GLN OXT  O N N 97  
GLN H    H N N 98  
GLN H2   H N N 99  
GLN HA   H N N 100 
GLN HB2  H N N 101 
GLN HB3  H N N 102 
GLN HG2  H N N 103 
GLN HG3  H N N 104 
GLN HE21 H N N 105 
GLN HE22 H N N 106 
GLN HXT  H N N 107 
GLU N    N N N 108 
GLU CA   C N S 109 
GLU C    C N N 110 
GLU O    O N N 111 
GLU CB   C N N 112 
GLU CG   C N N 113 
GLU CD   C N N 114 
GLU OE1  O N N 115 
GLU OE2  O N N 116 
GLU OXT  O N N 117 
GLU H    H N N 118 
GLU H2   H N N 119 
GLU HA   H N N 120 
GLU HB2  H N N 121 
GLU HB3  H N N 122 
GLU HG2  H N N 123 
GLU HG3  H N N 124 
GLU HE2  H N N 125 
GLU HXT  H N N 126 
GLY N    N N N 127 
GLY CA   C N N 128 
GLY C    C N N 129 
GLY O    O N N 130 
GLY OXT  O N N 131 
GLY H    H N N 132 
GLY H2   H N N 133 
GLY HA2  H N N 134 
GLY HA3  H N N 135 
GLY HXT  H N N 136 
HIS N    N N N 137 
HIS CA   C N S 138 
HIS C    C N N 139 
HIS O    O N N 140 
HIS CB   C N N 141 
HIS CG   C Y N 142 
HIS ND1  N Y N 143 
HIS CD2  C Y N 144 
HIS CE1  C Y N 145 
HIS NE2  N Y N 146 
HIS OXT  O N N 147 
HIS H    H N N 148 
HIS H2   H N N 149 
HIS HA   H N N 150 
HIS HB2  H N N 151 
HIS HB3  H N N 152 
HIS HD1  H N N 153 
HIS HD2  H N N 154 
HIS HE1  H N N 155 
HIS HE2  H N N 156 
HIS HXT  H N N 157 
HOH O    O N N 158 
HOH H1   H N N 159 
HOH H2   H N N 160 
ILE N    N N N 161 
ILE CA   C N S 162 
ILE C    C N N 163 
ILE O    O N N 164 
ILE CB   C N S 165 
ILE CG1  C N N 166 
ILE CG2  C N N 167 
ILE CD1  C N N 168 
ILE OXT  O N N 169 
ILE H    H N N 170 
ILE H2   H N N 171 
ILE HA   H N N 172 
ILE HB   H N N 173 
ILE HG12 H N N 174 
ILE HG13 H N N 175 
ILE HG21 H N N 176 
ILE HG22 H N N 177 
ILE HG23 H N N 178 
ILE HD11 H N N 179 
ILE HD12 H N N 180 
ILE HD13 H N N 181 
ILE HXT  H N N 182 
LEU N    N N N 183 
LEU CA   C N S 184 
LEU C    C N N 185 
LEU O    O N N 186 
LEU CB   C N N 187 
LEU CG   C N N 188 
LEU CD1  C N N 189 
LEU CD2  C N N 190 
LEU OXT  O N N 191 
LEU H    H N N 192 
LEU H2   H N N 193 
LEU HA   H N N 194 
LEU HB2  H N N 195 
LEU HB3  H N N 196 
LEU HG   H N N 197 
LEU HD11 H N N 198 
LEU HD12 H N N 199 
LEU HD13 H N N 200 
LEU HD21 H N N 201 
LEU HD22 H N N 202 
LEU HD23 H N N 203 
LEU HXT  H N N 204 
LYS N    N N N 205 
LYS CA   C N S 206 
LYS C    C N N 207 
LYS O    O N N 208 
LYS CB   C N N 209 
LYS CG   C N N 210 
LYS CD   C N N 211 
LYS CE   C N N 212 
LYS NZ   N N N 213 
LYS OXT  O N N 214 
LYS H    H N N 215 
LYS H2   H N N 216 
LYS HA   H N N 217 
LYS HB2  H N N 218 
LYS HB3  H N N 219 
LYS HG2  H N N 220 
LYS HG3  H N N 221 
LYS HD2  H N N 222 
LYS HD3  H N N 223 
LYS HE2  H N N 224 
LYS HE3  H N N 225 
LYS HZ1  H N N 226 
LYS HZ2  H N N 227 
LYS HZ3  H N N 228 
LYS HXT  H N N 229 
MET N    N N N 230 
MET CA   C N S 231 
MET C    C N N 232 
MET O    O N N 233 
MET CB   C N N 234 
MET CG   C N N 235 
MET SD   S N N 236 
MET CE   C N N 237 
MET OXT  O N N 238 
MET H    H N N 239 
MET H2   H N N 240 
MET HA   H N N 241 
MET HB2  H N N 242 
MET HB3  H N N 243 
MET HG2  H N N 244 
MET HG3  H N N 245 
MET HE1  H N N 246 
MET HE2  H N N 247 
MET HE3  H N N 248 
MET HXT  H N N 249 
PHE N    N N N 250 
PHE CA   C N S 251 
PHE C    C N N 252 
PHE O    O N N 253 
PHE CB   C N N 254 
PHE CG   C Y N 255 
PHE CD1  C Y N 256 
PHE CD2  C Y N 257 
PHE CE1  C Y N 258 
PHE CE2  C Y N 259 
PHE CZ   C Y N 260 
PHE OXT  O N N 261 
PHE H    H N N 262 
PHE H2   H N N 263 
PHE HA   H N N 264 
PHE HB2  H N N 265 
PHE HB3  H N N 266 
PHE HD1  H N N 267 
PHE HD2  H N N 268 
PHE HE1  H N N 269 
PHE HE2  H N N 270 
PHE HZ   H N N 271 
PHE HXT  H N N 272 
PRO N    N N N 273 
PRO CA   C N S 274 
PRO C    C N N 275 
PRO O    O N N 276 
PRO CB   C N N 277 
PRO CG   C N N 278 
PRO CD   C N N 279 
PRO OXT  O N N 280 
PRO H    H N N 281 
PRO HA   H N N 282 
PRO HB2  H N N 283 
PRO HB3  H N N 284 
PRO HG2  H N N 285 
PRO HG3  H N N 286 
PRO HD2  H N N 287 
PRO HD3  H N N 288 
PRO HXT  H N N 289 
SER N    N N N 290 
SER CA   C N S 291 
SER C    C N N 292 
SER O    O N N 293 
SER CB   C N N 294 
SER OG   O N N 295 
SER OXT  O N N 296 
SER H    H N N 297 
SER H2   H N N 298 
SER HA   H N N 299 
SER HB2  H N N 300 
SER HB3  H N N 301 
SER HG   H N N 302 
SER HXT  H N N 303 
THR N    N N N 304 
THR CA   C N S 305 
THR C    C N N 306 
THR O    O N N 307 
THR CB   C N R 308 
THR OG1  O N N 309 
THR CG2  C N N 310 
THR OXT  O N N 311 
THR H    H N N 312 
THR H2   H N N 313 
THR HA   H N N 314 
THR HB   H N N 315 
THR HG1  H N N 316 
THR HG21 H N N 317 
THR HG22 H N N 318 
THR HG23 H N N 319 
THR HXT  H N N 320 
TRP N    N N N 321 
TRP CA   C N S 322 
TRP C    C N N 323 
TRP O    O N N 324 
TRP CB   C N N 325 
TRP CG   C Y N 326 
TRP CD1  C Y N 327 
TRP CD2  C Y N 328 
TRP NE1  N Y N 329 
TRP CE2  C Y N 330 
TRP CE3  C Y N 331 
TRP CZ2  C Y N 332 
TRP CZ3  C Y N 333 
TRP CH2  C Y N 334 
TRP OXT  O N N 335 
TRP H    H N N 336 
TRP H2   H N N 337 
TRP HA   H N N 338 
TRP HB2  H N N 339 
TRP HB3  H N N 340 
TRP HD1  H N N 341 
TRP HE1  H N N 342 
TRP HE3  H N N 343 
TRP HZ2  H N N 344 
TRP HZ3  H N N 345 
TRP HH2  H N N 346 
TRP HXT  H N N 347 
TYR N    N N N 348 
TYR CA   C N S 349 
TYR C    C N N 350 
TYR O    O N N 351 
TYR CB   C N N 352 
TYR CG   C Y N 353 
TYR CD1  C Y N 354 
TYR CD2  C Y N 355 
TYR CE1  C Y N 356 
TYR CE2  C Y N 357 
TYR CZ   C Y N 358 
TYR OH   O N N 359 
TYR OXT  O N N 360 
TYR H    H N N 361 
TYR H2   H N N 362 
TYR HA   H N N 363 
TYR HB2  H N N 364 
TYR HB3  H N N 365 
TYR HD1  H N N 366 
TYR HD2  H N N 367 
TYR HE1  H N N 368 
TYR HE2  H N N 369 
TYR HH   H N N 370 
TYR HXT  H N N 371 
VAL N    N N N 372 
VAL CA   C N S 373 
VAL C    C N N 374 
VAL O    O N N 375 
VAL CB   C N N 376 
VAL CG1  C N N 377 
VAL CG2  C N N 378 
VAL OXT  O N N 379 
VAL H    H N N 380 
VAL H2   H N N 381 
VAL HA   H N N 382 
VAL HB   H N N 383 
VAL HG11 H N N 384 
VAL HG12 H N N 385 
VAL HG13 H N N 386 
VAL HG21 H N N 387 
VAL HG22 H N N 388 
VAL HG23 H N N 389 
VAL HXT  H N N 390 
# 
loop_
_chem_comp_bond.comp_id 
_chem_comp_bond.atom_id_1 
_chem_comp_bond.atom_id_2 
_chem_comp_bond.value_order 
_chem_comp_bond.pdbx_aromatic_flag 
_chem_comp_bond.pdbx_stereo_config 
_chem_comp_bond.pdbx_ordinal 
ALA N   CA   sing N N 1   
ALA N   H    sing N N 2   
ALA N   H2   sing N N 3   
ALA CA  C    sing N N 4   
ALA CA  CB   sing N N 5   
ALA CA  HA   sing N N 6   
ALA C   O    doub N N 7   
ALA C   OXT  sing N N 8   
ALA CB  HB1  sing N N 9   
ALA CB  HB2  sing N N 10  
ALA CB  HB3  sing N N 11  
ALA OXT HXT  sing N N 12  
ARG N   CA   sing N N 13  
ARG N   H    sing N N 14  
ARG N   H2   sing N N 15  
ARG CA  C    sing N N 16  
ARG CA  CB   sing N N 17  
ARG CA  HA   sing N N 18  
ARG C   O    doub N N 19  
ARG C   OXT  sing N N 20  
ARG CB  CG   sing N N 21  
ARG CB  HB2  sing N N 22  
ARG CB  HB3  sing N N 23  
ARG CG  CD   sing N N 24  
ARG CG  HG2  sing N N 25  
ARG CG  HG3  sing N N 26  
ARG CD  NE   sing N N 27  
ARG CD  HD2  sing N N 28  
ARG CD  HD3  sing N N 29  
ARG NE  CZ   sing N N 30  
ARG NE  HE   sing N N 31  
ARG CZ  NH1  sing N N 32  
ARG CZ  NH2  doub N N 33  
ARG NH1 HH11 sing N N 34  
ARG NH1 HH12 sing N N 35  
ARG NH2 HH21 sing N N 36  
ARG NH2 HH22 sing N N 37  
ARG OXT HXT  sing N N 38  
ASN N   CA   sing N N 39  
ASN N   H    sing N N 40  
ASN N   H2   sing N N 41  
ASN CA  C    sing N N 42  
ASN CA  CB   sing N N 43  
ASN CA  HA   sing N N 44  
ASN C   O    doub N N 45  
ASN C   OXT  sing N N 46  
ASN CB  CG   sing N N 47  
ASN CB  HB2  sing N N 48  
ASN CB  HB3  sing N N 49  
ASN CG  OD1  doub N N 50  
ASN CG  ND2  sing N N 51  
ASN ND2 HD21 sing N N 52  
ASN ND2 HD22 sing N N 53  
ASN OXT HXT  sing N N 54  
ASP N   CA   sing N N 55  
ASP N   H    sing N N 56  
ASP N   H2   sing N N 57  
ASP CA  C    sing N N 58  
ASP CA  CB   sing N N 59  
ASP CA  HA   sing N N 60  
ASP C   O    doub N N 61  
ASP C   OXT  sing N N 62  
ASP CB  CG   sing N N 63  
ASP CB  HB2  sing N N 64  
ASP CB  HB3  sing N N 65  
ASP CG  OD1  doub N N 66  
ASP CG  OD2  sing N N 67  
ASP OD2 HD2  sing N N 68  
ASP OXT HXT  sing N N 69  
CYS N   CA   sing N N 70  
CYS N   H    sing N N 71  
CYS N   H2   sing N N 72  
CYS CA  C    sing N N 73  
CYS CA  CB   sing N N 74  
CYS CA  HA   sing N N 75  
CYS C   O    doub N N 76  
CYS C   OXT  sing N N 77  
CYS CB  SG   sing N N 78  
CYS CB  HB2  sing N N 79  
CYS CB  HB3  sing N N 80  
CYS SG  HG   sing N N 81  
CYS OXT HXT  sing N N 82  
GLN N   CA   sing N N 83  
GLN N   H    sing N N 84  
GLN N   H2   sing N N 85  
GLN CA  C    sing N N 86  
GLN CA  CB   sing N N 87  
GLN CA  HA   sing N N 88  
GLN C   O    doub N N 89  
GLN C   OXT  sing N N 90  
GLN CB  CG   sing N N 91  
GLN CB  HB2  sing N N 92  
GLN CB  HB3  sing N N 93  
GLN CG  CD   sing N N 94  
GLN CG  HG2  sing N N 95  
GLN CG  HG3  sing N N 96  
GLN CD  OE1  doub N N 97  
GLN CD  NE2  sing N N 98  
GLN NE2 HE21 sing N N 99  
GLN NE2 HE22 sing N N 100 
GLN OXT HXT  sing N N 101 
GLU N   CA   sing N N 102 
GLU N   H    sing N N 103 
GLU N   H2   sing N N 104 
GLU CA  C    sing N N 105 
GLU CA  CB   sing N N 106 
GLU CA  HA   sing N N 107 
GLU C   O    doub N N 108 
GLU C   OXT  sing N N 109 
GLU CB  CG   sing N N 110 
GLU CB  HB2  sing N N 111 
GLU CB  HB3  sing N N 112 
GLU CG  CD   sing N N 113 
GLU CG  HG2  sing N N 114 
GLU CG  HG3  sing N N 115 
GLU CD  OE1  doub N N 116 
GLU CD  OE2  sing N N 117 
GLU OE2 HE2  sing N N 118 
GLU OXT HXT  sing N N 119 
GLY N   CA   sing N N 120 
GLY N   H    sing N N 121 
GLY N   H2   sing N N 122 
GLY CA  C    sing N N 123 
GLY CA  HA2  sing N N 124 
GLY CA  HA3  sing N N 125 
GLY C   O    doub N N 126 
GLY C   OXT  sing N N 127 
GLY OXT HXT  sing N N 128 
HIS N   CA   sing N N 129 
HIS N   H    sing N N 130 
HIS N   H2   sing N N 131 
HIS CA  C    sing N N 132 
HIS CA  CB   sing N N 133 
HIS CA  HA   sing N N 134 
HIS C   O    doub N N 135 
HIS C   OXT  sing N N 136 
HIS CB  CG   sing N N 137 
HIS CB  HB2  sing N N 138 
HIS CB  HB3  sing N N 139 
HIS CG  ND1  sing Y N 140 
HIS CG  CD2  doub Y N 141 
HIS ND1 CE1  doub Y N 142 
HIS ND1 HD1  sing N N 143 
HIS CD2 NE2  sing Y N 144 
HIS CD2 HD2  sing N N 145 
HIS CE1 NE2  sing Y N 146 
HIS CE1 HE1  sing N N 147 
HIS NE2 HE2  sing N N 148 
HIS OXT HXT  sing N N 149 
HOH O   H1   sing N N 150 
HOH O   H2   sing N N 151 
ILE N   CA   sing N N 152 
ILE N   H    sing N N 153 
ILE N   H2   sing N N 154 
ILE CA  C    sing N N 155 
ILE CA  CB   sing N N 156 
ILE CA  HA   sing N N 157 
ILE C   O    doub N N 158 
ILE C   OXT  sing N N 159 
ILE CB  CG1  sing N N 160 
ILE CB  CG2  sing N N 161 
ILE CB  HB   sing N N 162 
ILE CG1 CD1  sing N N 163 
ILE CG1 HG12 sing N N 164 
ILE CG1 HG13 sing N N 165 
ILE CG2 HG21 sing N N 166 
ILE CG2 HG22 sing N N 167 
ILE CG2 HG23 sing N N 168 
ILE CD1 HD11 sing N N 169 
ILE CD1 HD12 sing N N 170 
ILE CD1 HD13 sing N N 171 
ILE OXT HXT  sing N N 172 
LEU N   CA   sing N N 173 
LEU N   H    sing N N 174 
LEU N   H2   sing N N 175 
LEU CA  C    sing N N 176 
LEU CA  CB   sing N N 177 
LEU CA  HA   sing N N 178 
LEU C   O    doub N N 179 
LEU C   OXT  sing N N 180 
LEU CB  CG   sing N N 181 
LEU CB  HB2  sing N N 182 
LEU CB  HB3  sing N N 183 
LEU CG  CD1  sing N N 184 
LEU CG  CD2  sing N N 185 
LEU CG  HG   sing N N 186 
LEU CD1 HD11 sing N N 187 
LEU CD1 HD12 sing N N 188 
LEU CD1 HD13 sing N N 189 
LEU CD2 HD21 sing N N 190 
LEU CD2 HD22 sing N N 191 
LEU CD2 HD23 sing N N 192 
LEU OXT HXT  sing N N 193 
LYS N   CA   sing N N 194 
LYS N   H    sing N N 195 
LYS N   H2   sing N N 196 
LYS CA  C    sing N N 197 
LYS CA  CB   sing N N 198 
LYS CA  HA   sing N N 199 
LYS C   O    doub N N 200 
LYS C   OXT  sing N N 201 
LYS CB  CG   sing N N 202 
LYS CB  HB2  sing N N 203 
LYS CB  HB3  sing N N 204 
LYS CG  CD   sing N N 205 
LYS CG  HG2  sing N N 206 
LYS CG  HG3  sing N N 207 
LYS CD  CE   sing N N 208 
LYS CD  HD2  sing N N 209 
LYS CD  HD3  sing N N 210 
LYS CE  NZ   sing N N 211 
LYS CE  HE2  sing N N 212 
LYS CE  HE3  sing N N 213 
LYS NZ  HZ1  sing N N 214 
LYS NZ  HZ2  sing N N 215 
LYS NZ  HZ3  sing N N 216 
LYS OXT HXT  sing N N 217 
MET N   CA   sing N N 218 
MET N   H    sing N N 219 
MET N   H2   sing N N 220 
MET CA  C    sing N N 221 
MET CA  CB   sing N N 222 
MET CA  HA   sing N N 223 
MET C   O    doub N N 224 
MET C   OXT  sing N N 225 
MET CB  CG   sing N N 226 
MET CB  HB2  sing N N 227 
MET CB  HB3  sing N N 228 
MET CG  SD   sing N N 229 
MET CG  HG2  sing N N 230 
MET CG  HG3  sing N N 231 
MET SD  CE   sing N N 232 
MET CE  HE1  sing N N 233 
MET CE  HE2  sing N N 234 
MET CE  HE3  sing N N 235 
MET OXT HXT  sing N N 236 
PHE N   CA   sing N N 237 
PHE N   H    sing N N 238 
PHE N   H2   sing N N 239 
PHE CA  C    sing N N 240 
PHE CA  CB   sing N N 241 
PHE CA  HA   sing N N 242 
PHE C   O    doub N N 243 
PHE C   OXT  sing N N 244 
PHE CB  CG   sing N N 245 
PHE CB  HB2  sing N N 246 
PHE CB  HB3  sing N N 247 
PHE CG  CD1  doub Y N 248 
PHE CG  CD2  sing Y N 249 
PHE CD1 CE1  sing Y N 250 
PHE CD1 HD1  sing N N 251 
PHE CD2 CE2  doub Y N 252 
PHE CD2 HD2  sing N N 253 
PHE CE1 CZ   doub Y N 254 
PHE CE1 HE1  sing N N 255 
PHE CE2 CZ   sing Y N 256 
PHE CE2 HE2  sing N N 257 
PHE CZ  HZ   sing N N 258 
PHE OXT HXT  sing N N 259 
PRO N   CA   sing N N 260 
PRO N   CD   sing N N 261 
PRO N   H    sing N N 262 
PRO CA  C    sing N N 263 
PRO CA  CB   sing N N 264 
PRO CA  HA   sing N N 265 
PRO C   O    doub N N 266 
PRO C   OXT  sing N N 267 
PRO CB  CG   sing N N 268 
PRO CB  HB2  sing N N 269 
PRO CB  HB3  sing N N 270 
PRO CG  CD   sing N N 271 
PRO CG  HG2  sing N N 272 
PRO CG  HG3  sing N N 273 
PRO CD  HD2  sing N N 274 
PRO CD  HD3  sing N N 275 
PRO OXT HXT  sing N N 276 
SER N   CA   sing N N 277 
SER N   H    sing N N 278 
SER N   H2   sing N N 279 
SER CA  C    sing N N 280 
SER CA  CB   sing N N 281 
SER CA  HA   sing N N 282 
SER C   O    doub N N 283 
SER C   OXT  sing N N 284 
SER CB  OG   sing N N 285 
SER CB  HB2  sing N N 286 
SER CB  HB3  sing N N 287 
SER OG  HG   sing N N 288 
SER OXT HXT  sing N N 289 
THR N   CA   sing N N 290 
THR N   H    sing N N 291 
THR N   H2   sing N N 292 
THR CA  C    sing N N 293 
THR CA  CB   sing N N 294 
THR CA  HA   sing N N 295 
THR C   O    doub N N 296 
THR C   OXT  sing N N 297 
THR CB  OG1  sing N N 298 
THR CB  CG2  sing N N 299 
THR CB  HB   sing N N 300 
THR OG1 HG1  sing N N 301 
THR CG2 HG21 sing N N 302 
THR CG2 HG22 sing N N 303 
THR CG2 HG23 sing N N 304 
THR OXT HXT  sing N N 305 
TRP N   CA   sing N N 306 
TRP N   H    sing N N 307 
TRP N   H2   sing N N 308 
TRP CA  C    sing N N 309 
TRP CA  CB   sing N N 310 
TRP CA  HA   sing N N 311 
TRP C   O    doub N N 312 
TRP C   OXT  sing N N 313 
TRP CB  CG   sing N N 314 
TRP CB  HB2  sing N N 315 
TRP CB  HB3  sing N N 316 
TRP CG  CD1  doub Y N 317 
TRP CG  CD2  sing Y N 318 
TRP CD1 NE1  sing Y N 319 
TRP CD1 HD1  sing N N 320 
TRP CD2 CE2  doub Y N 321 
TRP CD2 CE3  sing Y N 322 
TRP NE1 CE2  sing Y N 323 
TRP NE1 HE1  sing N N 324 
TRP CE2 CZ2  sing Y N 325 
TRP CE3 CZ3  doub Y N 326 
TRP CE3 HE3  sing N N 327 
TRP CZ2 CH2  doub Y N 328 
TRP CZ2 HZ2  sing N N 329 
TRP CZ3 CH2  sing Y N 330 
TRP CZ3 HZ3  sing N N 331 
TRP CH2 HH2  sing N N 332 
TRP OXT HXT  sing N N 333 
TYR N   CA   sing N N 334 
TYR N   H    sing N N 335 
TYR N   H2   sing N N 336 
TYR CA  C    sing N N 337 
TYR CA  CB   sing N N 338 
TYR CA  HA   sing N N 339 
TYR C   O    doub N N 340 
TYR C   OXT  sing N N 341 
TYR CB  CG   sing N N 342 
TYR CB  HB2  sing N N 343 
TYR CB  HB3  sing N N 344 
TYR CG  CD1  doub Y N 345 
TYR CG  CD2  sing Y N 346 
TYR CD1 CE1  sing Y N 347 
TYR CD1 HD1  sing N N 348 
TYR CD2 CE2  doub Y N 349 
TYR CD2 HD2  sing N N 350 
TYR CE1 CZ   doub Y N 351 
TYR CE1 HE1  sing N N 352 
TYR CE2 CZ   sing Y N 353 
TYR CE2 HE2  sing N N 354 
TYR CZ  OH   sing N N 355 
TYR OH  HH   sing N N 356 
TYR OXT HXT  sing N N 357 
VAL N   CA   sing N N 358 
VAL N   H    sing N N 359 
VAL N   H2   sing N N 360 
VAL CA  C    sing N N 361 
VAL CA  CB   sing N N 362 
VAL CA  HA   sing N N 363 
VAL C   O    doub N N 364 
VAL C   OXT  sing N N 365 
VAL CB  CG1  sing N N 366 
VAL CB  CG2  sing N N 367 
VAL CB  HB   sing N N 368 
VAL CG1 HG11 sing N N 369 
VAL CG1 HG12 sing N N 370 
VAL CG1 HG13 sing N N 371 
VAL CG2 HG21 sing N N 372 
VAL CG2 HG22 sing N N 373 
VAL CG2 HG23 sing N N 374 
VAL OXT HXT  sing N N 375 
# 
_atom_sites.entry_id                    2PTH 
_atom_sites.fract_transf_matrix[1][1]   -0.01004003 
_atom_sites.fract_transf_matrix[1][2]   -0.00442146 
_atom_sites.fract_transf_matrix[1][3]   -0.01810456 
_atom_sites.fract_transf_matrix[2][1]   -0.00544631 
_atom_sites.fract_transf_matrix[2][2]   -0.01334920 
_atom_sites.fract_transf_matrix[2][3]   0.00628041 
_atom_sites.fract_transf_matrix[3][1]   -0.01293572 
_atom_sites.fract_transf_matrix[3][2]   0.00776088 
_atom_sites.fract_transf_matrix[3][3]   0.00527826 
_atom_sites.fract_transf_vector[1]      1.057414 
_atom_sites.fract_transf_vector[2]      0.546733 
_atom_sites.fract_transf_vector[3]      0.878966 
# 
loop_
_atom_type.symbol 
C 
N 
O 
S 
# 
loop_
_atom_site.group_PDB 
_atom_site.id 
_atom_site.type_symbol 
_atom_site.label_atom_id 
_atom_site.label_alt_id 
_atom_site.label_comp_id 
_atom_site.label_asym_id 
_atom_site.label_entity_id 
_atom_site.label_seq_id 
_atom_site.pdbx_PDB_ins_code 
_atom_site.Cartn_x 
_atom_site.Cartn_y 
_atom_site.Cartn_z 
_atom_site.occupancy 
_atom_site.B_iso_or_equiv 
_atom_site.pdbx_formal_charge 
_atom_site.auth_seq_id 
_atom_site.auth_comp_id 
_atom_site.auth_asym_id 
_atom_site.auth_atom_id 
_atom_site.pdbx_PDB_model_num 
ATOM   1    N N   . THR A 1 1   ? -13.073 8.193   -7.917  1.00 26.01 ? 1   THR A N   1 
ATOM   2    C CA  . THR A 1 1   ? -12.628 8.430   -6.524  1.00 25.37 ? 1   THR A CA  1 
ATOM   3    C C   . THR A 1 1   ? -12.169 7.078   -5.945  1.00 22.33 ? 1   THR A C   1 
ATOM   4    O O   . THR A 1 1   ? -12.399 6.039   -6.570  1.00 23.19 ? 1   THR A O   1 
ATOM   5    C CB  . THR A 1 1   ? -13.774 9.073   -5.691  1.00 27.29 ? 1   THR A CB  1 
ATOM   6    O OG1 . THR A 1 1   ? -13.260 9.512   -4.430  1.00 31.16 ? 1   THR A OG1 1 
ATOM   7    C CG2 . THR A 1 1   ? -14.930 8.091   -5.484  1.00 27.18 ? 1   THR A CG2 1 
ATOM   8    N N   . ILE A 1 2   ? -11.497 7.102   -4.796  1.00 17.29 ? 2   ILE A N   1 
ATOM   9    C CA  . ILE A 1 2   ? -10.979 5.886   -4.157  1.00 14.84 ? 2   ILE A CA  1 
ATOM   10   C C   . ILE A 1 2   ? -11.919 5.463   -3.025  1.00 13.14 ? 2   ILE A C   1 
ATOM   11   O O   . ILE A 1 2   ? -12.267 6.279   -2.166  1.00 13.79 ? 2   ILE A O   1 
ATOM   12   C CB  . ILE A 1 2   ? -9.536  6.131   -3.597  1.00 14.24 ? 2   ILE A CB  1 
ATOM   13   C CG1 . ILE A 1 2   ? -8.548  6.353   -4.750  1.00 15.51 ? 2   ILE A CG1 1 
ATOM   14   C CG2 . ILE A 1 2   ? -9.081  4.977   -2.717  1.00 12.90 ? 2   ILE A CG2 1 
ATOM   15   C CD1 . ILE A 1 2   ? -8.433  5.188   -5.718  1.00 16.09 ? 2   ILE A CD1 1 
ATOM   16   N N   . LYS A 1 3   ? -12.340 4.202   -3.047  1.00 11.07 ? 3   LYS A N   1 
ATOM   17   C CA  . LYS A 1 3   ? -13.247 3.665   -2.032  1.00 10.70 ? 3   LYS A CA  1 
ATOM   18   C C   . LYS A 1 3   ? -12.565 2.696   -1.058  1.00 10.25 ? 3   LYS A C   1 
ATOM   19   O O   . LYS A 1 3   ? -13.045 2.497   0.056   1.00 10.65 ? 3   LYS A O   1 
ATOM   20   C CB  . LYS A 1 3   ? -14.432 2.952   -2.696  1.00 11.30 ? 3   LYS A CB  1 
ATOM   21   C CG  . LYS A 1 3   ? -15.418 3.872   -3.383  1.00 13.21 ? 3   LYS A CG  1 
ATOM   22   C CD  . LYS A 1 3   ? -16.542 3.095   -4.038  1.00 14.53 ? 3   LYS A CD  1 
ATOM   23   C CE  . LYS A 1 3   ? -17.548 4.053   -4.654  1.00 16.32 ? 3   LYS A CE  1 
ATOM   24   N NZ  . LYS A 1 3   ? -18.489 3.354   -5.558  1.00 19.71 ? 3   LYS A NZ  1 
ATOM   25   N N   . LEU A 1 4   ? -11.429 2.135   -1.473  1.00 10.76 ? 4   LEU A N   1 
ATOM   26   C CA  . LEU A 1 4   ? -10.688 1.170   -0.668  1.00 9.44  ? 4   LEU A CA  1 
ATOM   27   C C   . LEU A 1 4   ? -9.178  1.386   -0.779  1.00 8.93  ? 4   LEU A C   1 
ATOM   28   O O   . LEU A 1 4   ? -8.644  1.538   -1.887  1.00 9.80  ? 4   LEU A O   1 
ATOM   29   C CB  . LEU A 1 4   ? -11.013 -0.247  -1.159  1.00 10.18 ? 4   LEU A CB  1 
ATOM   30   C CG  . LEU A 1 4   ? -10.299 -1.456  -0.537  1.00 9.83  ? 4   LEU A CG  1 
ATOM   31   C CD1 . LEU A 1 4   ? -10.723 -1.610  0.907   1.00 11.56 ? 4   LEU A CD1 1 
ATOM   32   C CD2 . LEU A 1 4   ? -10.612 -2.733  -1.326  1.00 11.52 ? 4   LEU A CD2 1 
ATOM   33   N N   . ILE A 1 5   ? -8.505  1.412   0.365   1.00 8.26  ? 5   ILE A N   1 
ATOM   34   C CA  . ILE A 1 5   ? -7.048  1.541   0.418   1.00 8.02  ? 5   ILE A CA  1 
ATOM   35   C C   . ILE A 1 5   ? -6.519  0.254   1.076   1.00 9.01  ? 5   ILE A C   1 
ATOM   36   O O   . ILE A 1 5   ? -6.939  -0.101  2.189   1.00 9.92  ? 5   ILE A O   1 
ATOM   37   C CB  . ILE A 1 5   ? -6.613  2.784   1.227   1.00 8.58  ? 5   ILE A CB  1 
ATOM   38   C CG1 . ILE A 1 5   ? -7.126  4.053   0.537   1.00 8.83  ? 5   ILE A CG1 1 
ATOM   39   C CG2 . ILE A 1 5   ? -5.082  2.817   1.349   1.00 10.75 ? 5   ILE A CG2 1 
ATOM   40   C CD1 . ILE A 1 5   ? -6.892  5.319   1.335   1.00 12.75 ? 5   ILE A CD1 1 
ATOM   41   N N   . VAL A 1 6   ? -5.618  -0.436  0.383   1.00 8.39  ? 6   VAL A N   1 
ATOM   42   C CA  . VAL A 1 6   ? -5.035  -1.699  0.843   1.00 7.78  ? 6   VAL A CA  1 
ATOM   43   C C   . VAL A 1 6   ? -3.541  -1.545  1.129   1.00 8.85  ? 6   VAL A C   1 
ATOM   44   O O   . VAL A 1 6   ? -2.819  -0.937  0.334   1.00 10.47 ? 6   VAL A O   1 
ATOM   45   C CB  . VAL A 1 6   ? -5.178  -2.789  -0.258  1.00 10.28 ? 6   VAL A CB  1 
ATOM   46   C CG1 . VAL A 1 6   ? -4.633  -4.141  0.227   1.00 10.36 ? 6   VAL A CG1 1 
ATOM   47   C CG2 . VAL A 1 6   ? -6.628  -2.901  -0.720  1.00 9.17  ? 6   VAL A CG2 1 
ATOM   48   N N   . GLY A 1 7   ? -3.081  -2.095  2.250   1.00 7.72  ? 7   GLY A N   1 
ATOM   49   C CA  . GLY A 1 7   ? -1.668  -2.042  2.590   1.00 8.66  ? 7   GLY A CA  1 
ATOM   50   C C   . GLY A 1 7   ? -1.163  -3.474  2.666   1.00 9.75  ? 7   GLY A C   1 
ATOM   51   O O   . GLY A 1 7   ? -1.597  -4.225  3.547   1.00 11.45 ? 7   GLY A O   1 
ATOM   52   N N   . LEU A 1 8   ? -0.266  -3.855  1.757   1.00 9.10  ? 8   LEU A N   1 
ATOM   53   C CA  . LEU A 1 8   ? 0.267   -5.217  1.706   1.00 8.67  ? 8   LEU A CA  1 
ATOM   54   C C   . LEU A 1 8   ? 1.237   -5.533  2.844   1.00 10.05 ? 8   LEU A C   1 
ATOM   55   O O   . LEU A 1 8   ? 2.033   -4.676  3.270   1.00 9.21  ? 8   LEU A O   1 
ATOM   56   C CB  . LEU A 1 8   ? 0.918   -5.481  0.347   1.00 10.25 ? 8   LEU A CB  1 
ATOM   57   C CG  . LEU A 1 8   ? -0.011  -5.308  -0.865  1.00 9.96  ? 8   LEU A CG  1 
ATOM   58   C CD1 . LEU A 1 8   ? 0.687   -5.791  -2.121  1.00 12.04 ? 8   LEU A CD1 1 
ATOM   59   C CD2 . LEU A 1 8   ? -1.327  -6.064  -0.649  1.00 12.58 ? 8   LEU A CD2 1 
ATOM   60   N N   . ALA A 1 9   ? 1.179   -6.779  3.315   1.00 10.21 ? 9   ALA A N   1 
ATOM   61   C CA  . ALA A 1 9   ? 2.008   -7.218  4.424   1.00 9.34  ? 9   ALA A CA  1 
ATOM   62   C C   . ALA A 1 9   ? 1.900   -8.715  4.649   1.00 10.40 ? 9   ALA A C   1 
ATOM   63   O O   . ALA A 1 9   ? 1.140   -9.419  3.970   1.00 10.86 ? 9   ALA A O   1 
ATOM   64   C CB  . ALA A 1 9   ? 1.535   -6.517  5.689   1.00 12.02 ? 9   ALA A CB  1 
ATOM   65   N N   . ASN A 1 10  ? 2.724   -9.185  5.586   1.00 11.20 ? 10  ASN A N   1 
ATOM   66   C CA  . ASN A 1 10  ? 2.702   -10.561 6.082   1.00 10.73 ? 10  ASN A CA  1 
ATOM   67   C C   . ASN A 1 10  ? 2.243   -10.359 7.529   1.00 11.80 ? 10  ASN A C   1 
ATOM   68   O O   . ASN A 1 10  ? 2.622   -9.376  8.186   1.00 11.58 ? 10  ASN A O   1 
ATOM   69   C CB  . ASN A 1 10  ? 4.077   -11.206 6.023   1.00 10.98 ? 10  ASN A CB  1 
ATOM   70   C CG  . ASN A 1 10  ? 4.391   -11.733 4.643   1.00 10.36 ? 10  ASN A CG  1 
ATOM   71   O OD1 . ASN A 1 10  ? 3.639   -12.539 4.091   1.00 10.82 ? 10  ASN A OD1 1 
ATOM   72   N ND2 . ASN A 1 10  ? 5.480   -11.258 4.064   1.00 10.65 ? 10  ASN A ND2 1 
ATOM   73   N N   . PRO A 1 11  ? 1.423   -11.276 8.049   1.00 12.39 ? 11  PRO A N   1 
ATOM   74   C CA  . PRO A 1 11  ? 0.935   -11.119 9.426   1.00 13.56 ? 11  PRO A CA  1 
ATOM   75   C C   . PRO A 1 11  ? 1.866   -11.563 10.539  1.00 15.52 ? 11  PRO A C   1 
ATOM   76   O O   . PRO A 1 11  ? 2.745   -12.400 10.333  1.00 15.33 ? 11  PRO A O   1 
ATOM   77   C CB  . PRO A 1 11  ? -0.338  -11.958 9.417   1.00 14.16 ? 11  PRO A CB  1 
ATOM   78   C CG  . PRO A 1 11  ? 0.043   -13.120 8.530   1.00 13.06 ? 11  PRO A CG  1 
ATOM   79   C CD  . PRO A 1 11  ? 0.859   -12.483 7.407   1.00 12.13 ? 11  PRO A CD  1 
ATOM   80   N N   . GLY A 1 12  ? 1.650   -10.999 11.726  1.00 17.66 ? 12  GLY A N   1 
ATOM   81   C CA  . GLY A 1 12  ? 2.439   -11.378 12.890  1.00 18.82 ? 12  GLY A CA  1 
ATOM   82   C C   . GLY A 1 12  ? 3.629   -10.506 13.219  1.00 21.42 ? 12  GLY A C   1 
ATOM   83   O O   . GLY A 1 12  ? 4.229   -9.885  12.334  1.00 20.44 ? 12  GLY A O   1 
ATOM   84   N N   . ALA A 1 13  ? 3.998   -10.490 14.499  1.00 22.26 ? 13  ALA A N   1 
ATOM   85   C CA  . ALA A 1 13  ? 5.132   -9.694  14.980  1.00 24.43 ? 13  ALA A CA  1 
ATOM   86   C C   . ALA A 1 13  ? 6.443   -10.071 14.277  1.00 24.17 ? 13  ALA A C   1 
ATOM   87   O O   . ALA A 1 13  ? 7.333   -9.237  14.130  1.00 27.62 ? 13  ALA A O   1 
ATOM   88   C CB  . ALA A 1 13  ? 5.275   -9.832  16.512  1.00 23.99 ? 13  ALA A CB  1 
ATOM   89   N N   . GLU A 1 14  ? 6.540   -11.314 13.822  1.00 24.16 ? 14  GLU A N   1 
ATOM   90   C CA  . GLU A 1 14  ? 7.720   -11.814 13.109  1.00 25.13 ? 14  GLU A CA  1 
ATOM   91   C C   . GLU A 1 14  ? 8.053   -10.965 11.846  1.00 24.48 ? 14  GLU A C   1 
ATOM   92   O O   . GLU A 1 14  ? 9.227   -10.762 11.521  1.00 25.84 ? 14  GLU A O   1 
ATOM   93   C CB  . GLU A 1 14  ? 7.475   -13.286 12.710  1.00 27.72 ? 14  GLU A CB  1 
ATOM   94   C CG  . GLU A 1 14  ? 8.636   -13.989 11.979  1.00 32.70 ? 14  GLU A CG  1 
ATOM   95   C CD  . GLU A 1 14  ? 8.325   -15.445 11.560  1.00 36.38 ? 14  GLU A CD  1 
ATOM   96   O OE1 . GLU A 1 14  ? 7.279   -16.003 11.977  1.00 37.02 ? 14  GLU A OE1 1 
ATOM   97   O OE2 . GLU A 1 14  ? 9.141   -16.036 10.808  1.00 36.17 ? 14  GLU A OE2 1 
ATOM   98   N N   . TYR A 1 15  ? 7.028   -10.444 11.169  1.00 21.05 ? 15  TYR A N   1 
ATOM   99   C CA  . TYR A 1 15  ? 7.216   -9.661  9.941   1.00 18.68 ? 15  TYR A CA  1 
ATOM   100  C C   . TYR A 1 15  ? 6.886   -8.170  10.047  1.00 18.51 ? 15  TYR A C   1 
ATOM   101  O O   . TYR A 1 15  ? 7.091   -7.426  9.082   1.00 17.56 ? 15  TYR A O   1 
ATOM   102  C CB  . TYR A 1 15  ? 6.339   -10.230 8.822   1.00 16.78 ? 15  TYR A CB  1 
ATOM   103  C CG  . TYR A 1 15  ? 6.540   -11.698 8.521   1.00 17.74 ? 15  TYR A CG  1 
ATOM   104  C CD1 . TYR A 1 15  ? 7.596   -12.125 7.719   1.00 17.72 ? 15  TYR A CD1 1 
ATOM   105  C CD2 . TYR A 1 15  ? 5.654   -12.660 9.023   1.00 16.49 ? 15  TYR A CD2 1 
ATOM   106  C CE1 . TYR A 1 15  ? 7.778   -13.479 7.419   1.00 19.54 ? 15  TYR A CE1 1 
ATOM   107  C CE2 . TYR A 1 15  ? 5.818   -14.012 8.726   1.00 18.10 ? 15  TYR A CE2 1 
ATOM   108  C CZ  . TYR A 1 15  ? 6.884   -14.416 7.923   1.00 19.49 ? 15  TYR A CZ  1 
ATOM   109  O OH  . TYR A 1 15  ? 7.049   -15.754 7.623   1.00 23.18 ? 15  TYR A OH  1 
ATOM   110  N N   . ALA A 1 16  ? 6.425   -7.727  11.215  1.00 17.49 ? 16  ALA A N   1 
ATOM   111  C CA  . ALA A 1 16  ? 5.998   -6.335  11.429  1.00 17.87 ? 16  ALA A CA  1 
ATOM   112  C C   . ALA A 1 16  ? 6.928   -5.190  11.018  1.00 17.10 ? 16  ALA A C   1 
ATOM   113  O O   . ALA A 1 16  ? 6.459   -4.157  10.529  1.00 18.57 ? 16  ALA A O   1 
ATOM   114  C CB  . ALA A 1 16  ? 5.533   -6.136  12.881  1.00 17.04 ? 16  ALA A CB  1 
ATOM   115  N N   . ALA A 1 17  ? 8.226   -5.357  11.237  1.00 16.00 ? 17  ALA A N   1 
ATOM   116  C CA  . ALA A 1 17  ? 9.191   -4.315  10.899  1.00 16.08 ? 17  ALA A CA  1 
ATOM   117  C C   . ALA A 1 17  ? 9.950   -4.574  9.605   1.00 15.06 ? 17  ALA A C   1 
ATOM   118  O O   . ALA A 1 17  ? 10.925  -3.873  9.317   1.00 16.19 ? 17  ALA A O   1 
ATOM   119  C CB  . ALA A 1 17  ? 10.186  -4.138  12.046  1.00 16.59 ? 17  ALA A CB  1 
ATOM   120  N N   . THR A 1 18  ? 9.552   -5.588  8.837   1.00 12.49 ? 18  THR A N   1 
ATOM   121  C CA  . THR A 1 18  ? 10.266  -5.877  7.611   1.00 11.60 ? 18  THR A CA  1 
ATOM   122  C C   . THR A 1 18  ? 9.828   -4.976  6.451   1.00 11.83 ? 18  THR A C   1 
ATOM   123  O O   . THR A 1 18  ? 8.698   -4.476  6.421   1.00 11.12 ? 18  THR A O   1 
ATOM   124  C CB  . THR A 1 18  ? 10.162  -7.362  7.210   1.00 12.71 ? 18  THR A CB  1 
ATOM   125  O OG1 . THR A 1 18  ? 8.797   -7.702  6.937   1.00 13.52 ? 18  THR A OG1 1 
ATOM   126  C CG2 . THR A 1 18  ? 10.711  -8.251  8.323   1.00 14.30 ? 18  THR A CG2 1 
ATOM   127  N N   . ARG A 1 19  ? 10.723  -4.818  5.478   1.00 11.35 ? 19  ARG A N   1 
ATOM   128  C CA  . ARG A 1 19  ? 10.467  -3.982  4.309   1.00 11.14 ? 19  ARG A CA  1 
ATOM   129  C C   . ARG A 1 19  ? 9.213   -4.362  3.518   1.00 10.37 ? 19  ARG A C   1 
ATOM   130  O O   . ARG A 1 19  ? 8.516   -3.488  2.988   1.00 11.21 ? 19  ARG A O   1 
ATOM   131  C CB  . ARG A 1 19  ? 11.686  -4.005  3.383   1.00 11.43 ? 19  ARG A CB  1 
ATOM   132  C CG  . ARG A 1 19  ? 12.941  -3.372  3.959   1.00 10.60 ? 19  ARG A CG  1 
ATOM   133  C CD  . ARG A 1 19  ? 14.079  -3.452  2.958   1.00 13.27 ? 19  ARG A CD  1 
ATOM   134  N NE  . ARG A 1 19  ? 15.256  -2.723  3.418   1.00 13.92 ? 19  ARG A NE  1 
ATOM   135  C CZ  . ARG A 1 19  ? 16.312  -3.274  4.011   1.00 15.61 ? 19  ARG A CZ  1 
ATOM   136  N NH1 . ARG A 1 19  ? 16.359  -4.583  4.227   1.00 14.94 ? 19  ARG A NH1 1 
ATOM   137  N NH2 . ARG A 1 19  ? 17.336  -2.505  4.377   1.00 15.00 ? 19  ARG A NH2 1 
ATOM   138  N N   . HIS A 1 20  ? 8.923   -5.659  3.426   1.00 11.25 ? 20  HIS A N   1 
ATOM   139  C CA  . HIS A 1 20  ? 7.764   -6.141  2.680   1.00 10.58 ? 20  HIS A CA  1 
ATOM   140  C C   . HIS A 1 20  ? 6.426   -5.699  3.282   1.00 10.54 ? 20  HIS A C   1 
ATOM   141  O O   . HIS A 1 20  ? 5.377   -5.898  2.662   1.00 11.74 ? 20  HIS A O   1 
ATOM   142  C CB  . HIS A 1 20  ? 7.816   -7.671  2.560   1.00 11.16 ? 20  HIS A CB  1 
ATOM   143  C CG  . HIS A 1 20  ? 7.621   -8.191  1.167   1.00 12.23 ? 20  HIS A CG  1 
ATOM   144  N ND1 . HIS A 1 20  ? 7.825   -7.429  0.035   1.00 13.79 ? 20  HIS A ND1 1 
ATOM   145  C CD2 . HIS A 1 20  ? 7.250   -9.417  0.722   1.00 12.29 ? 20  HIS A CD2 1 
ATOM   146  C CE1 . HIS A 1 20  ? 7.587   -8.157  -1.040  1.00 14.05 ? 20  HIS A CE1 1 
ATOM   147  N NE2 . HIS A 1 20  ? 7.236   -9.371  -0.648  1.00 13.72 ? 20  HIS A NE2 1 
ATOM   148  N N   . ASN A 1 21  ? 6.461   -5.129  4.487   1.00 9.07  ? 21  ASN A N   1 
ATOM   149  C CA  . ASN A 1 21  ? 5.258   -4.626  5.158   1.00 9.26  ? 21  ASN A CA  1 
ATOM   150  C C   . ASN A 1 21  ? 5.095   -3.105  5.003   1.00 10.36 ? 21  ASN A C   1 
ATOM   151  O O   . ASN A 1 21  ? 4.257   -2.499  5.676   1.00 9.67  ? 21  ASN A O   1 
ATOM   152  C CB  . ASN A 1 21  ? 5.274   -4.958  6.664   1.00 10.98 ? 21  ASN A CB  1 
ATOM   153  C CG  . ASN A 1 21  ? 4.651   -6.308  6.979   1.00 11.09 ? 21  ASN A CG  1 
ATOM   154  O OD1 . ASN A 1 21  ? 4.758   -7.263  6.198   1.00 12.04 ? 21  ASN A OD1 1 
ATOM   155  N ND2 . ASN A 1 21  ? 3.995   -6.395  8.131   1.00 14.07 ? 21  ASN A ND2 1 
ATOM   156  N N   . ALA A 1 22  ? 5.872   -2.484  4.116   1.00 9.40  ? 22  ALA A N   1 
ATOM   157  C CA  . ALA A 1 22  ? 5.792   -1.028  3.936   1.00 9.51  ? 22  ALA A CA  1 
ATOM   158  C C   . ALA A 1 22  ? 4.371   -0.524  3.651   1.00 8.79  ? 22  ALA A C   1 
ATOM   159  O O   . ALA A 1 22  ? 3.968   0.528   4.161   1.00 10.04 ? 22  ALA A O   1 
ATOM   160  C CB  . ALA A 1 22  ? 6.758   -0.569  2.843   1.00 10.09 ? 22  ALA A CB  1 
ATOM   161  N N   . GLY A 1 23  ? 3.612   -1.266  2.849   1.00 8.83  ? 23  GLY A N   1 
ATOM   162  C CA  . GLY A 1 23  ? 2.244   -0.876  2.541   1.00 9.40  ? 23  GLY A CA  1 
ATOM   163  C C   . GLY A 1 23  ? 1.387   -0.785  3.801   1.00 9.22  ? 23  GLY A C   1 
ATOM   164  O O   . GLY A 1 23  ? 0.580   0.148   3.963   1.00 9.32  ? 23  GLY A O   1 
ATOM   165  N N   . ALA A 1 24  ? 1.546   -1.758  4.697   1.00 9.32  ? 24  ALA A N   1 
ATOM   166  C CA  . ALA A 1 24  ? 0.799   -1.762  5.953   1.00 9.28  ? 24  ALA A CA  1 
ATOM   167  C C   . ALA A 1 24  ? 1.189   -0.565  6.819   1.00 10.12 ? 24  ALA A C   1 
ATOM   168  O O   . ALA A 1 24  ? 0.341   -0.029  7.528   1.00 10.63 ? 24  ALA A O   1 
ATOM   169  C CB  . ALA A 1 24  ? 1.031   -3.054  6.708   1.00 11.73 ? 24  ALA A CB  1 
ATOM   170  N N   . TRP A 1 25  ? 2.464   -0.162  6.794   1.00 9.97  ? 25  TRP A N   1 
ATOM   171  C CA  . TRP A 1 25  ? 2.908   0.992   7.593   1.00 9.82  ? 25  TRP A CA  1 
ATOM   172  C C   . TRP A 1 25  ? 2.098   2.213   7.180   1.00 9.85  ? 25  TRP A C   1 
ATOM   173  O O   . TRP A 1 25  ? 1.694   3.015   8.017   1.00 10.12 ? 25  TRP A O   1 
ATOM   174  C CB  . TRP A 1 25  ? 4.400   1.292   7.387   1.00 10.46 ? 25  TRP A CB  1 
ATOM   175  C CG  . TRP A 1 25  ? 5.317   0.182   7.808   1.00 14.20 ? 25  TRP A CG  1 
ATOM   176  C CD1 . TRP A 1 25  ? 4.998   -0.914  8.571   1.00 13.73 ? 25  TRP A CD1 1 
ATOM   177  C CD2 . TRP A 1 25  ? 6.697   0.029   7.440   1.00 14.82 ? 25  TRP A CD2 1 
ATOM   178  N NE1 . TRP A 1 25  ? 6.096   -1.741  8.690   1.00 15.71 ? 25  TRP A NE1 1 
ATOM   179  C CE2 . TRP A 1 25  ? 7.151   -1.187  8.007   1.00 14.96 ? 25  TRP A CE2 1 
ATOM   180  C CE3 . TRP A 1 25  ? 7.594   0.798   6.683   1.00 15.66 ? 25  TRP A CE3 1 
ATOM   181  C CZ2 . TRP A 1 25  ? 8.462   -1.651  7.835   1.00 15.24 ? 25  TRP A CZ2 1 
ATOM   182  C CZ3 . TRP A 1 25  ? 8.895   0.336   6.513   1.00 16.47 ? 25  TRP A CZ3 1 
ATOM   183  C CH2 . TRP A 1 25  ? 9.314   -0.877  7.090   1.00 15.85 ? 25  TRP A CH2 1 
ATOM   184  N N   . PHE A 1 26  ? 1.872   2.350   5.879   1.00 9.79  ? 26  PHE A N   1 
ATOM   185  C CA  . PHE A 1 26  ? 1.099   3.469   5.351   1.00 10.13 ? 26  PHE A CA  1 
ATOM   186  C C   . PHE A 1 26  ? -0.345  3.437   5.869   1.00 11.00 ? 26  PHE A C   1 
ATOM   187  O O   . PHE A 1 26  ? -0.855  4.447   6.390   1.00 10.20 ? 26  PHE A O   1 
ATOM   188  C CB  . PHE A 1 26  ? 1.131   3.447   3.822   1.00 9.98  ? 26  PHE A CB  1 
ATOM   189  C CG  . PHE A 1 26  ? 0.207   4.447   3.170   1.00 10.03 ? 26  PHE A CG  1 
ATOM   190  C CD1 . PHE A 1 26  ? 0.521   5.803   3.142   1.00 11.13 ? 26  PHE A CD1 1 
ATOM   191  C CD2 . PHE A 1 26  ? -0.971  4.024   2.562   1.00 11.48 ? 26  PHE A CD2 1 
ATOM   192  C CE1 . PHE A 1 26  ? -0.330  6.731   2.511   1.00 11.91 ? 26  PHE A CE1 1 
ATOM   193  C CE2 . PHE A 1 26  ? -1.830  4.947   1.929   1.00 12.43 ? 26  PHE A CE2 1 
ATOM   194  C CZ  . PHE A 1 26  ? -1.502  6.299   1.907   1.00 12.57 ? 26  PHE A CZ  1 
ATOM   195  N N   . VAL A 1 27  ? -1.000  2.285   5.746   1.00 9.46  ? 27  VAL A N   1 
ATOM   196  C CA  . VAL A 1 27  ? -2.376  2.167   6.216   1.00 10.83 ? 27  VAL A CA  1 
ATOM   197  C C   . VAL A 1 27  ? -2.474  2.387   7.734   1.00 12.19 ? 27  VAL A C   1 
ATOM   198  O O   . VAL A 1 27  ? -3.412  3.037   8.204   1.00 12.58 ? 27  VAL A O   1 
ATOM   199  C CB  . VAL A 1 27  ? -3.015  0.816   5.796   1.00 10.99 ? 27  VAL A CB  1 
ATOM   200  C CG1 . VAL A 1 27  ? -4.380  0.660   6.438   1.00 11.99 ? 27  VAL A CG1 1 
ATOM   201  C CG2 . VAL A 1 27  ? -3.149  0.760   4.288   1.00 11.69 ? 27  VAL A CG2 1 
ATOM   202  N N   . ASP A 1 28  ? -1.491  1.890   8.487   1.00 11.70 ? 28  ASP A N   1 
ATOM   203  C CA  . ASP A 1 28  ? -1.471  2.073   9.939   1.00 14.98 ? 28  ASP A CA  1 
ATOM   204  C C   . ASP A 1 28  ? -1.418  3.558   10.262  1.00 15.05 ? 28  ASP A C   1 
ATOM   205  O O   . ASP A 1 28  ? -2.096  4.011   11.177  1.00 15.37 ? 28  ASP A O   1 
ATOM   206  C CB  . ASP A 1 28  ? -0.251  1.414   10.576  1.00 18.83 ? 28  ASP A CB  1 
ATOM   207  C CG  . ASP A 1 28  ? -0.460  -0.054  10.873  1.00 25.42 ? 28  ASP A CG  1 
ATOM   208  O OD1 . ASP A 1 28  ? -1.621  -0.514  10.919  1.00 27.85 ? 28  ASP A OD1 1 
ATOM   209  O OD2 . ASP A 1 28  ? 0.561   -0.749  11.073  1.00 30.18 ? 28  ASP A OD2 1 
ATOM   210  N N   . LEU A 1 29  ? -0.593  4.304   9.528   1.00 14.85 ? 29  LEU A N   1 
ATOM   211  C CA  . LEU A 1 29  ? -0.469  5.742   9.753   1.00 15.10 ? 29  LEU A CA  1 
ATOM   212  C C   . LEU A 1 29  ? -1.816  6.435   9.562   1.00 14.89 ? 29  LEU A C   1 
ATOM   213  O O   . LEU A 1 29  ? -2.210  7.262   10.394  1.00 15.05 ? 29  LEU A O   1 
ATOM   214  C CB  . LEU A 1 29  ? 0.586   6.371   8.828   1.00 16.11 ? 29  LEU A CB  1 
ATOM   215  C CG  . LEU A 1 29  ? 0.797   7.878   9.063   1.00 17.82 ? 29  LEU A CG  1 
ATOM   216  C CD1 . LEU A 1 29  ? 1.350   8.087   10.472  1.00 20.87 ? 29  LEU A CD1 1 
ATOM   217  C CD2 . LEU A 1 29  ? 1.751   8.483   8.051   1.00 20.04 ? 29  LEU A CD2 1 
ATOM   218  N N   . LEU A 1 30  ? -2.524  6.115   8.479   1.00 14.24 ? 30  LEU A N   1 
ATOM   219  C CA  . LEU A 1 30  ? -3.836  6.729   8.234   1.00 15.40 ? 30  LEU A CA  1 
ATOM   220  C C   . LEU A 1 30  ? -4.815  6.440   9.379   1.00 17.09 ? 30  LEU A C   1 
ATOM   221  O O   . LEU A 1 30  ? -5.490  7.344   9.878   1.00 15.99 ? 30  LEU A O   1 
ATOM   222  C CB  . LEU A 1 30  ? -4.448  6.232   6.923   1.00 15.72 ? 30  LEU A CB  1 
ATOM   223  C CG  . LEU A 1 30  ? -3.828  6.692   5.604   1.00 15.33 ? 30  LEU A CG  1 
ATOM   224  C CD1 . LEU A 1 30  ? -4.594  6.075   4.440   1.00 16.47 ? 30  LEU A CD1 1 
ATOM   225  C CD2 . LEU A 1 30  ? -3.875  8.197   5.520   1.00 15.80 ? 30  LEU A CD2 1 
ATOM   226  N N   . ALA A 1 31  ? -4.882  5.177   9.796   1.00 15.95 ? 31  ALA A N   1 
ATOM   227  C CA  . ALA A 1 31  ? -5.774  4.775   10.879  1.00 16.76 ? 31  ALA A CA  1 
ATOM   228  C C   . ALA A 1 31  ? -5.393  5.453   12.194  1.00 17.89 ? 31  ALA A C   1 
ATOM   229  O O   . ALA A 1 31  ? -6.267  5.935   12.918  1.00 17.97 ? 31  ALA A O   1 
ATOM   230  C CB  . ALA A 1 31  ? -5.764  3.260   11.037  1.00 16.35 ? 31  ALA A CB  1 
ATOM   231  N N   . GLU A 1 32  ? -4.098  5.531   12.487  1.00 17.21 ? 32  GLU A N   1 
ATOM   232  C CA  . GLU A 1 32  ? -3.634  6.157   13.730  1.00 20.61 ? 32  GLU A CA  1 
ATOM   233  C C   . GLU A 1 32  ? -4.054  7.628   13.804  1.00 20.93 ? 32  GLU A C   1 
ATOM   234  O O   . GLU A 1 32  ? -4.663  8.060   14.788  1.00 19.52 ? 32  GLU A O   1 
ATOM   235  C CB  . GLU A 1 32  ? -2.109  6.036   13.866  1.00 23.22 ? 32  GLU A CB  1 
ATOM   236  C CG  . GLU A 1 32  ? -1.559  6.294   15.275  1.00 33.58 ? 32  GLU A CG  1 
ATOM   237  C CD  . GLU A 1 32  ? -0.905  7.666   15.436  1.00 39.90 ? 32  GLU A CD  1 
ATOM   238  O OE1 . GLU A 1 32  ? 0.091   7.946   14.721  1.00 43.71 ? 32  GLU A OE1 1 
ATOM   239  O OE2 . GLU A 1 32  ? -1.373  8.458   16.294  1.00 43.78 ? 32  GLU A OE2 1 
ATOM   240  N N   . ARG A 1 33  ? -3.777  8.380   12.742  1.00 20.20 ? 33  ARG A N   1 
ATOM   241  C CA  . ARG A 1 33  ? -4.116  9.797   12.720  1.00 21.83 ? 33  ARG A CA  1 
ATOM   242  C C   . ARG A 1 33  ? -5.591  10.098  12.853  1.00 21.87 ? 33  ARG A C   1 
ATOM   243  O O   . ARG A 1 33  ? -5.972  11.147  13.380  1.00 21.55 ? 33  ARG A O   1 
ATOM   244  C CB  . ARG A 1 33  ? -3.546  10.484  11.480  1.00 24.76 ? 33  ARG A CB  1 
ATOM   245  C CG  . ARG A 1 33  ? -2.066  10.682  11.606  1.00 29.30 ? 33  ARG A CG  1 
ATOM   246  C CD  . ARG A 1 33  ? -1.504  11.599  10.566  1.00 33.74 ? 33  ARG A CD  1 
ATOM   247  N NE  . ARG A 1 33  ? -0.054  11.626  10.724  1.00 37.28 ? 33  ARG A NE  1 
ATOM   248  C CZ  . ARG A 1 33  ? 0.803   11.974  9.772   1.00 38.08 ? 33  ARG A CZ  1 
ATOM   249  N NH1 . ARG A 1 33  ? 0.365   12.349  8.574   1.00 37.71 ? 33  ARG A NH1 1 
ATOM   250  N NH2 . ARG A 1 33  ? 2.104   11.875  10.004  1.00 37.88 ? 33  ARG A NH2 1 
ATOM   251  N N   . LEU A 1 34  ? -6.422  9.182   12.381  1.00 19.69 ? 34  LEU A N   1 
ATOM   252  C CA  . LEU A 1 34  ? -7.859  9.369   12.466  1.00 19.93 ? 34  LEU A CA  1 
ATOM   253  C C   . LEU A 1 34  ? -8.449  8.693   13.707  1.00 20.52 ? 34  LEU A C   1 
ATOM   254  O O   . LEU A 1 34  ? -9.633  8.856   13.995  1.00 21.36 ? 34  LEU A O   1 
ATOM   255  C CB  . LEU A 1 34  ? -8.515  8.841   11.196  1.00 20.07 ? 34  LEU A CB  1 
ATOM   256  C CG  . LEU A 1 34  ? -8.104  9.617   9.942   1.00 23.04 ? 34  LEU A CG  1 
ATOM   257  C CD1 . LEU A 1 34  ? -8.466  8.841   8.697   1.00 22.82 ? 34  LEU A CD1 1 
ATOM   258  C CD2 . LEU A 1 34  ? -8.746  11.003  9.943   1.00 24.09 ? 34  LEU A CD2 1 
ATOM   259  N N   . ARG A 1 35  ? -7.604  7.988   14.463  1.00 19.61 ? 35  ARG A N   1 
ATOM   260  C CA  . ARG A 1 35  ? -8.019  7.242   15.658  1.00 19.89 ? 35  ARG A CA  1 
ATOM   261  C C   . ARG A 1 35  ? -9.088  6.199   15.296  1.00 20.20 ? 35  ARG A C   1 
ATOM   262  O O   . ARG A 1 35  ? -10.028 5.976   16.060  1.00 20.50 ? 35  ARG A O   1 
ATOM   263  C CB  . ARG A 1 35  ? -8.563  8.177   16.751  1.00 19.77 ? 35  ARG A CB  1 
ATOM   264  C CG  . ARG A 1 35  ? -7.618  9.280   17.197  1.00 21.34 ? 35  ARG A CG  1 
ATOM   265  C CD  . ARG A 1 35  ? -6.341  8.750   17.802  1.00 21.56 ? 35  ARG A CD  1 
ATOM   266  N NE  . ARG A 1 35  ? -5.614  9.814   18.478  1.00 24.60 ? 35  ARG A NE  1 
ATOM   267  C CZ  . ARG A 1 35  ? -4.627  10.531  17.941  1.00 27.26 ? 35  ARG A CZ  1 
ATOM   268  N NH1 . ARG A 1 35  ? -4.223  10.291  16.697  1.00 27.93 ? 35  ARG A NH1 1 
ATOM   269  N NH2 . ARG A 1 35  ? -4.068  11.520  18.636  1.00 26.59 ? 35  ARG A NH2 1 
ATOM   270  N N   . ALA A 1 36  ? -8.939  5.566   14.131  1.00 20.10 ? 36  ALA A N   1 
ATOM   271  C CA  . ALA A 1 36  ? -9.886  4.549   13.656  1.00 21.01 ? 36  ALA A CA  1 
ATOM   272  C C   . ALA A 1 36  ? -9.177  3.204   13.552  1.00 22.51 ? 36  ALA A C   1 
ATOM   273  O O   . ALA A 1 36  ? -8.774  2.780   12.457  1.00 24.94 ? 36  ALA A O   1 
ATOM   274  C CB  . ALA A 1 36  ? -10.461 4.943   12.298  1.00 21.15 ? 36  ALA A CB  1 
ATOM   275  N N   . PRO A 1 37  ? -9.088  2.478   14.676  1.00 21.72 ? 37  PRO A N   1 
ATOM   276  C CA  . PRO A 1 37  ? -8.440  1.171   14.798  1.00 22.25 ? 37  PRO A CA  1 
ATOM   277  C C   . PRO A 1 37  ? -8.871  0.105   13.792  1.00 18.40 ? 37  PRO A C   1 
ATOM   278  O O   . PRO A 1 37  ? -10.035 0.010   13.418  1.00 18.15 ? 37  PRO A O   1 
ATOM   279  C CB  . PRO A 1 37  ? -8.790  0.750   16.229  1.00 24.39 ? 37  PRO A CB  1 
ATOM   280  C CG  . PRO A 1 37  ? -8.933  2.063   16.943  1.00 26.57 ? 37  PRO A CG  1 
ATOM   281  C CD  . PRO A 1 37  ? -9.753  2.832   15.941  1.00 24.98 ? 37  PRO A CD  1 
ATOM   282  N N   . LEU A 1 38  ? -7.895  -0.677  13.355  1.00 18.17 ? 38  LEU A N   1 
ATOM   283  C CA  . LEU A 1 38  ? -8.119  -1.763  12.419  1.00 17.50 ? 38  LEU A CA  1 
ATOM   284  C C   . LEU A 1 38  ? -8.477  -2.993  13.245  1.00 17.30 ? 38  LEU A C   1 
ATOM   285  O O   . LEU A 1 38  ? -7.846  -3.265  14.271  1.00 17.77 ? 38  LEU A O   1 
ATOM   286  C CB  . LEU A 1 38  ? -6.836  -2.028  11.628  1.00 20.89 ? 38  LEU A CB  1 
ATOM   287  C CG  . LEU A 1 38  ? -6.356  -0.894  10.719  1.00 22.71 ? 38  LEU A CG  1 
ATOM   288  C CD1 . LEU A 1 38  ? -4.924  -1.144  10.288  1.00 25.76 ? 38  LEU A CD1 1 
ATOM   289  C CD2 . LEU A 1 38  ? -7.263  -0.783  9.525   1.00 22.69 ? 38  LEU A CD2 1 
ATOM   290  N N   . ARG A 1 39  ? -9.472  -3.742  12.793  1.00 15.70 ? 39  ARG A N   1 
ATOM   291  C CA  . ARG A 1 39  ? -9.906  -4.943  13.500  1.00 16.85 ? 39  ARG A CA  1 
ATOM   292  C C   . ARG A 1 39  ? -9.979  -6.074  12.473  1.00 14.47 ? 39  ARG A C   1 
ATOM   293  O O   . ARG A 1 39  ? -10.464 -5.865  11.356  1.00 15.22 ? 39  ARG A O   1 
ATOM   294  C CB  . ARG A 1 39  ? -11.281 -4.693  14.146  1.00 18.98 ? 39  ARG A CB  1 
ATOM   295  C CG  . ARG A 1 39  ? -11.829 -5.863  14.971  1.00 25.94 ? 39  ARG A CG  1 
ATOM   296  C CD  . ARG A 1 39  ? -13.108 -5.479  15.728  1.00 29.65 ? 39  ARG A CD  1 
ATOM   297  N NE  . ARG A 1 39  ? -14.201 -5.067  14.843  1.00 34.56 ? 39  ARG A NE  1 
ATOM   298  C CZ  . ARG A 1 39  ? -14.891 -5.896  14.057  1.00 37.90 ? 39  ARG A CZ  1 
ATOM   299  N NH1 . ARG A 1 39  ? -14.617 -7.201  14.033  1.00 39.10 ? 39  ARG A NH1 1 
ATOM   300  N NH2 . ARG A 1 39  ? -15.857 -5.419  13.281  1.00 39.26 ? 39  ARG A NH2 1 
ATOM   301  N N   . GLU A 1 40  ? -9.459  -7.251  12.813  1.00 13.63 ? 40  GLU A N   1 
ATOM   302  C CA  . GLU A 1 40  ? -9.492  -8.348  11.857  1.00 13.88 ? 40  GLU A CA  1 
ATOM   303  C C   . GLU A 1 40  ? -10.899 -8.916  11.669  1.00 15.57 ? 40  GLU A C   1 
ATOM   304  O O   . GLU A 1 40  ? -11.617 -9.155  12.646  1.00 16.57 ? 40  GLU A O   1 
ATOM   305  C CB  . GLU A 1 40  ? -8.520  -9.463  12.257  1.00 13.91 ? 40  GLU A CB  1 
ATOM   306  C CG  . GLU A 1 40  ? -8.418  -10.549 11.190  1.00 14.72 ? 40  GLU A CG  1 
ATOM   307  C CD  . GLU A 1 40  ? -7.286  -11.528 11.405  1.00 14.88 ? 40  GLU A CD  1 
ATOM   308  O OE1 . GLU A 1 40  ? -6.588  -11.467 12.443  1.00 18.37 ? 40  GLU A OE1 1 
ATOM   309  O OE2 . GLU A 1 40  ? -7.084  -12.367 10.504  1.00 14.86 ? 40  GLU A OE2 1 
ATOM   310  N N   . GLU A 1 41  ? -11.323 -9.035  10.419  1.00 15.75 ? 41  GLU A N   1 
ATOM   311  C CA  . GLU A 1 41  ? -12.627 -9.607  10.103  1.00 18.17 ? 41  GLU A CA  1 
ATOM   312  C C   . GLU A 1 41  ? -12.379 -10.836 9.235   1.00 19.13 ? 41  GLU A C   1 
ATOM   313  O O   . GLU A 1 41  ? -11.882 -10.712 8.114   1.00 18.17 ? 41  GLU A O   1 
ATOM   314  C CB  . GLU A 1 41  ? -13.504 -8.618  9.341   1.00 20.79 ? 41  GLU A CB  1 
ATOM   315  C CG  . GLU A 1 41  ? -13.974 -7.423  10.155  1.00 26.62 ? 41  GLU A CG  1 
ATOM   316  C CD  . GLU A 1 41  ? -15.196 -6.759  9.532   1.00 30.52 ? 41  GLU A CD  1 
ATOM   317  O OE1 . GLU A 1 41  ? -16.290 -7.364  9.593   1.00 31.22 ? 41  GLU A OE1 1 
ATOM   318  O OE2 . GLU A 1 41  ? -15.064 -5.651  8.964   1.00 31.98 ? 41  GLU A OE2 1 
ATOM   319  N N   . ALA A 1 42  ? -12.733 -12.012 9.755   1.00 19.06 ? 42  ALA A N   1 
ATOM   320  C CA  . ALA A 1 42  ? -12.549 -13.286 9.051   1.00 20.62 ? 42  ALA A CA  1 
ATOM   321  C C   . ALA A 1 42  ? -13.080 -13.268 7.618   1.00 19.99 ? 42  ALA A C   1 
ATOM   322  O O   . ALA A 1 42  ? -12.408 -13.709 6.680   1.00 19.76 ? 42  ALA A O   1 
ATOM   323  C CB  . ALA A 1 42  ? -13.225 -14.410 9.830   1.00 21.85 ? 42  ALA A CB  1 
ATOM   324  N N   . LYS A 1 43  ? -14.281 -12.726 7.467   1.00 19.75 ? 43  LYS A N   1 
ATOM   325  C CA  . LYS A 1 43  ? -14.970 -12.624 6.187   1.00 21.13 ? 43  LYS A CA  1 
ATOM   326  C C   . LYS A 1 43  ? -14.139 -11.954 5.078   1.00 18.88 ? 43  LYS A C   1 
ATOM   327  O O   . LYS A 1 43  ? -14.286 -12.289 3.893   1.00 18.14 ? 43  LYS A O   1 
ATOM   328  C CB  . LYS A 1 43  ? -16.273 -11.850 6.415   1.00 24.61 ? 43  LYS A CB  1 
ATOM   329  C CG  . LYS A 1 43  ? -17.222 -11.749 5.237   1.00 32.55 ? 43  LYS A CG  1 
ATOM   330  C CD  . LYS A 1 43  ? -18.483 -11.013 5.680   1.00 36.94 ? 43  LYS A CD  1 
ATOM   331  C CE  . LYS A 1 43  ? -19.581 -11.051 4.633   1.00 39.55 ? 43  LYS A CE  1 
ATOM   332  N NZ  . LYS A 1 43  ? -20.869 -10.580 5.239   1.00 43.00 ? 43  LYS A NZ  1 
ATOM   333  N N   . PHE A 1 44  ? -13.273 -11.018 5.468   1.00 14.92 ? 44  PHE A N   1 
ATOM   334  C CA  . PHE A 1 44  ? -12.444 -10.280 4.516   1.00 14.10 ? 44  PHE A CA  1 
ATOM   335  C C   . PHE A 1 44  ? -10.957 -10.666 4.546   1.00 12.49 ? 44  PHE A C   1 
ATOM   336  O O   . PHE A 1 44  ? -10.142 -10.051 3.857   1.00 12.33 ? 44  PHE A O   1 
ATOM   337  C CB  . PHE A 1 44  ? -12.620 -8.767  4.750   1.00 13.99 ? 44  PHE A CB  1 
ATOM   338  C CG  . PHE A 1 44  ? -14.047 -8.304  4.649   1.00 14.77 ? 44  PHE A CG  1 
ATOM   339  C CD1 . PHE A 1 44  ? -14.808 -8.593  3.521   1.00 16.37 ? 44  PHE A CD1 1 
ATOM   340  C CD2 . PHE A 1 44  ? -14.640 -7.597  5.685   1.00 17.66 ? 44  PHE A CD2 1 
ATOM   341  C CE1 . PHE A 1 44  ? -16.136 -8.185  3.428   1.00 17.44 ? 44  PHE A CE1 1 
ATOM   342  C CE2 . PHE A 1 44  ? -15.972 -7.182  5.599   1.00 17.54 ? 44  PHE A CE2 1 
ATOM   343  C CZ  . PHE A 1 44  ? -16.715 -7.480  4.469   1.00 17.10 ? 44  PHE A CZ  1 
ATOM   344  N N   . PHE A 1 45  ? -10.614 -11.673 5.347   1.00 11.37 ? 45  PHE A N   1 
ATOM   345  C CA  . PHE A 1 45  ? -9.242  -12.177 5.461   1.00 11.72 ? 45  PHE A CA  1 
ATOM   346  C C   . PHE A 1 45  ? -8.200  -11.102 5.780   1.00 11.15 ? 45  PHE A C   1 
ATOM   347  O O   . PHE A 1 45  ? -7.094  -11.096 5.214   1.00 11.15 ? 45  PHE A O   1 
ATOM   348  C CB  . PHE A 1 45  ? -8.842  -12.937 4.188   1.00 12.88 ? 45  PHE A CB  1 
ATOM   349  C CG  . PHE A 1 45  ? -9.855  -13.961 3.763   1.00 16.62 ? 45  PHE A CG  1 
ATOM   350  C CD1 . PHE A 1 45  ? -9.947  -15.181 4.427   1.00 18.03 ? 45  PHE A CD1 1 
ATOM   351  C CD2 . PHE A 1 45  ? -10.755 -13.682 2.734   1.00 16.77 ? 45  PHE A CD2 1 
ATOM   352  C CE1 . PHE A 1 45  ? -10.932 -16.114 4.074   1.00 19.01 ? 45  PHE A CE1 1 
ATOM   353  C CE2 . PHE A 1 45  ? -11.743 -14.609 2.376   1.00 18.95 ? 45  PHE A CE2 1 
ATOM   354  C CZ  . PHE A 1 45  ? -11.826 -15.823 3.051   1.00 18.19 ? 45  PHE A CZ  1 
ATOM   355  N N   . GLY A 1 46  ? -8.552  -10.192 6.683   1.00 11.11 ? 46  GLY A N   1 
ATOM   356  C CA  . GLY A 1 46  ? -7.615  -9.147  7.049   1.00 11.13 ? 46  GLY A CA  1 
ATOM   357  C C   . GLY A 1 46  ? -8.195  -8.119  7.988   1.00 10.45 ? 46  GLY A C   1 
ATOM   358  O O   . GLY A 1 46  ? -9.359  -8.220  8.404   1.00 12.07 ? 46  GLY A O   1 
ATOM   359  N N   . TYR A 1 47  ? -7.353  -7.162  8.375   1.00 10.24 ? 47  TYR A N   1 
ATOM   360  C CA  . TYR A 1 47  ? -7.757  -6.066  9.250   1.00 9.05  ? 47  TYR A CA  1 
ATOM   361  C C   . TYR A 1 47  ? -8.507  -5.042  8.414   1.00 11.30 ? 47  TYR A C   1 
ATOM   362  O O   . TYR A 1 47  ? -8.075  -4.699  7.303   1.00 11.29 ? 47  TYR A O   1 
ATOM   363  C CB  . TYR A 1 47  ? -6.535  -5.368  9.833   1.00 9.80  ? 47  TYR A CB  1 
ATOM   364  C CG  . TYR A 1 47  ? -5.637  -6.249  10.652  1.00 10.13 ? 47  TYR A CG  1 
ATOM   365  C CD1 . TYR A 1 47  ? -5.939  -6.535  11.982  1.00 11.61 ? 47  TYR A CD1 1 
ATOM   366  C CD2 . TYR A 1 47  ? -4.441  -6.731  10.126  1.00 11.15 ? 47  TYR A CD2 1 
ATOM   367  C CE1 . TYR A 1 47  ? -5.057  -7.277  12.780  1.00 12.98 ? 47  TYR A CE1 1 
ATOM   368  C CE2 . TYR A 1 47  ? -3.551  -7.469  10.910  1.00 11.99 ? 47  TYR A CE2 1 
ATOM   369  C CZ  . TYR A 1 47  ? -3.861  -7.732  12.235  1.00 12.07 ? 47  TYR A CZ  1 
ATOM   370  O OH  . TYR A 1 47  ? -2.943  -8.410  13.006  1.00 13.15 ? 47  TYR A OH  1 
ATOM   371  N N   . THR A 1 48  ? -9.616  -4.539  8.935   1.00 10.76 ? 48  THR A N   1 
ATOM   372  C CA  . THR A 1 48  ? -10.393 -3.543  8.207   1.00 12.46 ? 48  THR A CA  1 
ATOM   373  C C   . THR A 1 48  ? -10.755 -2.375  9.118   1.00 12.91 ? 48  THR A C   1 
ATOM   374  O O   . THR A 1 48  ? -10.707 -2.486  10.350  1.00 13.18 ? 48  THR A O   1 
ATOM   375  C CB  . THR A 1 48  ? -11.730 -4.125  7.676   1.00 14.42 ? 48  THR A CB  1 
ATOM   376  O OG1 . THR A 1 48  ? -12.562 -4.475  8.790   1.00 16.33 ? 48  THR A OG1 1 
ATOM   377  C CG2 . THR A 1 48  ? -11.504 -5.353  6.817   1.00 16.20 ? 48  THR A CG2 1 
ATOM   378  N N   . SER A 1 49  ? -11.112 -1.258  8.498   1.00 12.54 ? 49  SER A N   1 
ATOM   379  C CA  . SER A 1 49  ? -11.556 -0.070  9.211   1.00 13.91 ? 49  SER A CA  1 
ATOM   380  C C   . SER A 1 49  ? -12.302 0.814   8.214   1.00 15.28 ? 49  SER A C   1 
ATOM   381  O O   . SER A 1 49  ? -12.219 0.602   7.000   1.00 14.06 ? 49  SER A O   1 
ATOM   382  C CB  . SER A 1 49  ? -10.384 0.696   9.819   1.00 14.04 ? 49  SER A CB  1 
ATOM   383  O OG  . SER A 1 49  ? -10.866 1.692   10.700  1.00 18.35 ? 49  SER A OG  1 
ATOM   384  N N   . ARG A 1 50  ? -13.053 1.778   8.727   1.00 17.24 ? 50  ARG A N   1 
ATOM   385  C CA  . ARG A 1 50  ? -13.813 2.702   7.887   1.00 19.82 ? 50  ARG A CA  1 
ATOM   386  C C   . ARG A 1 50  ? -13.465 4.092   8.387   1.00 19.54 ? 50  ARG A C   1 
ATOM   387  O O   . ARG A 1 50  ? -13.536 4.356   9.592   1.00 21.24 ? 50  ARG A O   1 
ATOM   388  C CB  . ARG A 1 50  ? -15.311 2.446   8.035   1.00 20.44 ? 50  ARG A CB  1 
ATOM   389  C CG  . ARG A 1 50  ? -16.178 3.230   7.071   1.00 24.13 ? 50  ARG A CG  1 
ATOM   390  C CD  . ARG A 1 50  ? -17.642 3.051   7.416   1.00 27.69 ? 50  ARG A CD  1 
ATOM   391  N NE  . ARG A 1 50  ? -18.532 3.623   6.407   1.00 30.04 ? 50  ARG A NE  1 
ATOM   392  C CZ  . ARG A 1 50  ? -19.858 3.520   6.431   1.00 32.93 ? 50  ARG A CZ  1 
ATOM   393  N NH1 . ARG A 1 50  ? -20.458 2.869   7.420   1.00 34.13 ? 50  ARG A NH1 1 
ATOM   394  N NH2 . ARG A 1 50  ? -20.583 4.027   5.443   1.00 33.46 ? 50  ARG A NH2 1 
ATOM   395  N N   . VAL A 1 51  ? -13.034 4.966   7.487   1.00 18.12 ? 51  VAL A N   1 
ATOM   396  C CA  . VAL A 1 51  ? -12.664 6.317   7.879   1.00 18.63 ? 51  VAL A CA  1 
ATOM   397  C C   . VAL A 1 51  ? -13.205 7.368   6.916   1.00 19.05 ? 51  VAL A C   1 
ATOM   398  O O   . VAL A 1 51  ? -13.698 7.049   5.835   1.00 17.48 ? 51  VAL A O   1 
ATOM   399  C CB  . VAL A 1 51  ? -11.127 6.493   7.953   1.00 18.21 ? 51  VAL A CB  1 
ATOM   400  C CG1 . VAL A 1 51  ? -10.532 5.565   9.008   1.00 19.61 ? 51  VAL A CG1 1 
ATOM   401  C CG2 . VAL A 1 51  ? -10.487 6.241   6.584   1.00 16.85 ? 51  VAL A CG2 1 
ATOM   402  N N   . THR A 1 52  ? -13.113 8.625   7.333   1.00 19.86 ? 52  THR A N   1 
ATOM   403  C CA  . THR A 1 52  ? -13.543 9.742   6.513   1.00 21.55 ? 52  THR A CA  1 
ATOM   404  C C   . THR A 1 52  ? -12.242 10.437  6.138   1.00 21.19 ? 52  THR A C   1 
ATOM   405  O O   . THR A 1 52  ? -11.458 10.823  7.005   1.00 23.26 ? 52  THR A O   1 
ATOM   406  C CB  . THR A 1 52  ? -14.475 10.695  7.293   1.00 22.01 ? 52  THR A CB  1 
ATOM   407  O OG1 . THR A 1 52  ? -15.670 9.992   7.654   1.00 24.28 ? 52  THR A OG1 1 
ATOM   408  C CG2 . THR A 1 52  ? -14.855 11.882  6.435   1.00 23.80 ? 52  THR A CG2 1 
ATOM   409  N N   . LEU A 1 53  ? -11.980 10.537  4.846   1.00 19.77 ? 53  LEU A N   1 
ATOM   410  C CA  . LEU A 1 53  ? -10.765 11.160  4.373   1.00 20.73 ? 53  LEU A CA  1 
ATOM   411  C C   . LEU A 1 53  ? -11.163 12.208  3.331   1.00 20.67 ? 53  LEU A C   1 
ATOM   412  O O   . LEU A 1 53  ? -11.848 11.896  2.351   1.00 19.68 ? 53  LEU A O   1 
ATOM   413  C CB  . LEU A 1 53  ? -9.873  10.073  3.768   1.00 23.91 ? 53  LEU A CB  1 
ATOM   414  C CG  . LEU A 1 53  ? -8.358  10.196  3.763   1.00 24.69 ? 53  LEU A CG  1 
ATOM   415  C CD1 . LEU A 1 53  ? -7.829  10.504  5.150   1.00 25.53 ? 53  LEU A CD1 1 
ATOM   416  C CD2 . LEU A 1 53  ? -7.804  8.876   3.257   1.00 25.81 ? 53  LEU A CD2 1 
ATOM   417  N N   . GLY A 1 54  ? -10.802 13.461  3.588   1.00 20.29 ? 54  GLY A N   1 
ATOM   418  C CA  . GLY A 1 54  ? -11.151 14.532  2.672   1.00 20.28 ? 54  GLY A CA  1 
ATOM   419  C C   . GLY A 1 54  ? -12.655 14.639  2.514   1.00 20.95 ? 54  GLY A C   1 
ATOM   420  O O   . GLY A 1 54  ? -13.142 15.075  1.473   1.00 23.23 ? 54  GLY A O   1 
ATOM   421  N N   . GLY A 1 55  ? -13.385 14.253  3.560   1.00 20.13 ? 55  GLY A N   1 
ATOM   422  C CA  . GLY A 1 55  ? -14.838 14.290  3.536   1.00 18.82 ? 55  GLY A CA  1 
ATOM   423  C C   . GLY A 1 55  ? -15.486 13.062  2.917   1.00 18.19 ? 55  GLY A C   1 
ATOM   424  O O   . GLY A 1 55  ? -16.702 12.895  3.005   1.00 18.75 ? 55  GLY A O   1 
ATOM   425  N N   . GLU A 1 56  ? -14.683 12.183  2.317   1.00 16.90 ? 56  GLU A N   1 
ATOM   426  C CA  . GLU A 1 56  ? -15.199 10.985  1.660   1.00 15.35 ? 56  GLU A CA  1 
ATOM   427  C C   . GLU A 1 56  ? -15.108 9.730   2.515   1.00 16.52 ? 56  GLU A C   1 
ATOM   428  O O   . GLU A 1 56  ? -14.208 9.609   3.351   1.00 16.37 ? 56  GLU A O   1 
ATOM   429  C CB  . GLU A 1 56  ? -14.465 10.754  0.329   1.00 15.03 ? 56  GLU A CB  1 
ATOM   430  C CG  . GLU A 1 56  ? -14.625 11.886  -0.680  1.00 14.19 ? 56  GLU A CG  1 
ATOM   431  C CD  . GLU A 1 56  ? -16.082 12.190  -0.979  1.00 15.09 ? 56  GLU A CD  1 
ATOM   432  O OE1 . GLU A 1 56  ? -16.791 11.297  -1.481  1.00 14.87 ? 56  GLU A OE1 1 
ATOM   433  O OE2 . GLU A 1 56  ? -16.527 13.316  -0.673  1.00 17.24 ? 56  GLU A OE2 1 
ATOM   434  N N   . ASP A 1 57  ? -16.024 8.797   2.261   1.00 16.00 ? 57  ASP A N   1 
ATOM   435  C CA  . ASP A 1 57  ? -16.129 7.512   2.965   1.00 18.03 ? 57  ASP A CA  1 
ATOM   436  C C   . ASP A 1 57  ? -15.126 6.536   2.337   1.00 17.64 ? 57  ASP A C   1 
ATOM   437  O O   . ASP A 1 57  ? -15.267 6.180   1.165   1.00 16.81 ? 57  ASP A O   1 
ATOM   438  C CB  . ASP A 1 57  ? -17.566 6.982   2.785   1.00 22.43 ? 57  ASP A CB  1 
ATOM   439  C CG  . ASP A 1 57  ? -17.893 5.794   3.687   1.00 29.33 ? 57  ASP A CG  1 
ATOM   440  O OD1 . ASP A 1 57  ? -17.289 5.679   4.779   1.00 31.84 ? 57  ASP A OD1 1 
ATOM   441  O OD2 . ASP A 1 57  ? -18.789 4.989   3.310   1.00 31.15 ? 57  ASP A OD2 1 
ATOM   442  N N   . VAL A 1 58  ? -14.138 6.091   3.112   1.00 14.88 ? 58  VAL A N   1 
ATOM   443  C CA  . VAL A 1 58  ? -13.114 5.185   2.598   1.00 13.77 ? 58  VAL A CA  1 
ATOM   444  C C   . VAL A 1 58  ? -12.894 3.992   3.531   1.00 13.82 ? 58  VAL A C   1 
ATOM   445  O O   . VAL A 1 58  ? -12.902 4.144   4.754   1.00 15.42 ? 58  VAL A O   1 
ATOM   446  C CB  . VAL A 1 58  ? -11.752 5.926   2.465   1.00 14.45 ? 58  VAL A CB  1 
ATOM   447  C CG1 . VAL A 1 58  ? -10.718 5.032   1.796   1.00 16.00 ? 58  VAL A CG1 1 
ATOM   448  C CG2 . VAL A 1 58  ? -11.922 7.223   1.673   1.00 15.53 ? 58  VAL A CG2 1 
ATOM   449  N N   . ARG A 1 59  ? -12.720 2.802   2.956   1.00 12.67 ? 59  ARG A N   1 
ATOM   450  C CA  . ARG A 1 59  ? -12.442 1.611   3.754   1.00 11.24 ? 59  ARG A CA  1 
ATOM   451  C C   . ARG A 1 59  ? -10.949 1.249   3.664   1.00 10.20 ? 59  ARG A C   1 
ATOM   452  O O   . ARG A 1 59  ? -10.300 1.485   2.640   1.00 10.12 ? 59  ARG A O   1 
ATOM   453  C CB  . ARG A 1 59  ? -13.344 0.460   3.311   1.00 12.48 ? 59  ARG A CB  1 
ATOM   454  C CG  . ARG A 1 59  ? -14.793 0.716   3.722   1.00 16.92 ? 59  ARG A CG  1 
ATOM   455  C CD  . ARG A 1 59  ? -15.772 -0.330  3.234   1.00 20.13 ? 59  ARG A CD  1 
ATOM   456  N NE  . ARG A 1 59  ? -17.157 0.078   3.504   1.00 24.04 ? 59  ARG A NE  1 
ATOM   457  C CZ  . ARG A 1 59  ? -17.757 -0.015  4.692   1.00 24.87 ? 59  ARG A CZ  1 
ATOM   458  N NH1 . ARG A 1 59  ? -17.111 -0.515  5.741   1.00 23.43 ? 59  ARG A NH1 1 
ATOM   459  N NH2 . ARG A 1 59  ? -18.999 0.429   4.840   1.00 24.06 ? 59  ARG A NH2 1 
ATOM   460  N N   . LEU A 1 60  ? -10.414 0.707   4.753   1.00 9.09  ? 60  LEU A N   1 
ATOM   461  C CA  . LEU A 1 60  ? -9.012  0.312   4.840   1.00 9.25  ? 60  LEU A CA  1 
ATOM   462  C C   . LEU A 1 60  ? -8.905  -1.200  4.992   1.00 10.06 ? 60  LEU A C   1 
ATOM   463  O O   . LEU A 1 60  ? -9.739  -1.816  5.669   1.00 10.53 ? 60  LEU A O   1 
ATOM   464  C CB  . LEU A 1 60  ? -8.358  0.973   6.052   1.00 10.74 ? 60  LEU A CB  1 
ATOM   465  C CG  . LEU A 1 60  ? -8.466  2.494   6.139   1.00 11.44 ? 60  LEU A CG  1 
ATOM   466  C CD1 . LEU A 1 60  ? -7.736  2.987   7.391   1.00 13.14 ? 60  LEU A CD1 1 
ATOM   467  C CD2 . LEU A 1 60  ? -7.874  3.122   4.887   1.00 12.14 ? 60  LEU A CD2 1 
ATOM   468  N N   . LEU A 1 61  ? -7.865  -1.783  4.403   1.00 8.80  ? 61  LEU A N   1 
ATOM   469  C CA  . LEU A 1 61  ? -7.635  -3.222  4.484   1.00 9.00  ? 61  LEU A CA  1 
ATOM   470  C C   . LEU A 1 61  ? -6.154  -3.579  4.534   1.00 9.37  ? 61  LEU A C   1 
ATOM   471  O O   . LEU A 1 61  ? -5.359  -3.042  3.758   1.00 9.87  ? 61  LEU A O   1 
ATOM   472  C CB  . LEU A 1 61  ? -8.251  -3.930  3.268   1.00 9.09  ? 61  LEU A CB  1 
ATOM   473  C CG  . LEU A 1 61  ? -7.972  -5.435  3.101   1.00 11.14 ? 61  LEU A CG  1 
ATOM   474  C CD1 . LEU A 1 61  ? -8.614  -6.244  4.244   1.00 10.12 ? 61  LEU A CD1 1 
ATOM   475  C CD2 . LEU A 1 61  ? -8.466  -5.914  1.746   1.00 9.97  ? 61  LEU A CD2 1 
ATOM   476  N N   . VAL A 1 62  ? -5.777  -4.432  5.481   1.00 7.80  ? 62  VAL A N   1 
ATOM   477  C CA  . VAL A 1 62  ? -4.415  -4.949  5.561   1.00 9.17  ? 62  VAL A CA  1 
ATOM   478  C C   . VAL A 1 62  ? -4.667  -6.471  5.623   1.00 10.24 ? 62  VAL A C   1 
ATOM   479  O O   . VAL A 1 62  ? -5.170  -6.980  6.628   1.00 11.00 ? 62  VAL A O   1 
ATOM   480  C CB  . VAL A 1 62  ? -3.661  -4.480  6.829   1.00 9.64  ? 62  VAL A CB  1 
ATOM   481  C CG1 . VAL A 1 62  ? -2.308  -5.198  6.928   1.00 9.56  ? 62  VAL A CG1 1 
ATOM   482  C CG2 . VAL A 1 62  ? -3.460  -2.965  6.797   1.00 10.35 ? 62  VAL A CG2 1 
ATOM   483  N N   . PRO A 1 63  ? -4.397  -7.201  4.529   1.00 10.13 ? 63  PRO A N   1 
ATOM   484  C CA  . PRO A 1 63  ? -4.622  -8.654  4.519   1.00 10.46 ? 63  PRO A CA  1 
ATOM   485  C C   . PRO A 1 63  ? -3.808  -9.425  5.568   1.00 10.24 ? 63  PRO A C   1 
ATOM   486  O O   . PRO A 1 63  ? -2.680  -9.035  5.912   1.00 10.55 ? 63  PRO A O   1 
ATOM   487  C CB  . PRO A 1 63  ? -4.177  -9.057  3.113   1.00 10.34 ? 63  PRO A CB  1 
ATOM   488  C CG  . PRO A 1 63  ? -4.399  -7.800  2.294   1.00 12.22 ? 63  PRO A CG  1 
ATOM   489  C CD  . PRO A 1 63  ? -3.885  -6.735  3.226   1.00 10.73 ? 63  PRO A CD  1 
ATOM   490  N N   . THR A 1 64  ? -4.374  -10.527 6.060   1.00 10.10 ? 64  THR A N   1 
ATOM   491  C CA  . THR A 1 64  ? -3.670  -11.385 7.018   1.00 10.67 ? 64  THR A CA  1 
ATOM   492  C C   . THR A 1 64  ? -3.514  -12.785 6.391   1.00 12.16 ? 64  THR A C   1 
ATOM   493  O O   . THR A 1 64  ? -3.293  -13.778 7.090   1.00 14.25 ? 64  THR A O   1 
ATOM   494  C CB  . THR A 1 64  ? -4.433  -11.512 8.345   1.00 10.01 ? 64  THR A CB  1 
ATOM   495  O OG1 . THR A 1 64  ? -5.788  -11.878 8.074   1.00 11.61 ? 64  THR A OG1 1 
ATOM   496  C CG2 . THR A 1 64  ? -4.398  -10.208 9.119   1.00 10.17 ? 64  THR A CG2 1 
ATOM   497  N N   . THR A 1 65  ? -3.555  -12.832 5.064   1.00 11.26 ? 65  THR A N   1 
ATOM   498  C CA  . THR A 1 65  ? -3.464  -14.074 4.287   1.00 11.23 ? 65  THR A CA  1 
ATOM   499  C C   . THR A 1 65  ? -2.045  -14.601 4.036   1.00 10.87 ? 65  THR A C   1 
ATOM   500  O O   . THR A 1 65  ? -1.880  -15.761 3.637   1.00 10.86 ? 65  THR A O   1 
ATOM   501  C CB  . THR A 1 65  ? -4.015  -13.798 2.865   1.00 11.72 ? 65  THR A CB  1 
ATOM   502  O OG1 . THR A 1 65  ? -3.347  -12.638 2.331   1.00 10.64 ? 65  THR A OG1 1 
ATOM   503  C CG2 . THR A 1 65  ? -5.526  -13.545 2.881   1.00 11.44 ? 65  THR A CG2 1 
ATOM   504  N N   . PHE A 1 66  ? -1.062  -13.715 4.249   1.00 9.91  ? 66  PHE A N   1 
ATOM   505  C CA  . PHE A 1 66  ? 0.370   -13.865 3.930   1.00 9.40  ? 66  PHE A CA  1 
ATOM   506  C C   . PHE A 1 66  ? 0.425   -13.232 2.520   1.00 9.50  ? 66  PHE A C   1 
ATOM   507  O O   . PHE A 1 66  ? -0.545  -13.302 1.743   1.00 9.58  ? 66  PHE A O   1 
ATOM   508  C CB  . PHE A 1 66  ? 0.911   -15.306 3.931   1.00 10.64 ? 66  PHE A CB  1 
ATOM   509  C CG  . PHE A 1 66  ? 1.421   -15.740 5.267   1.00 11.23 ? 66  PHE A CG  1 
ATOM   510  C CD1 . PHE A 1 66  ? 0.532   -16.089 6.279   1.00 10.85 ? 66  PHE A CD1 1 
ATOM   511  C CD2 . PHE A 1 66  ? 2.784   -15.759 5.532   1.00 12.09 ? 66  PHE A CD2 1 
ATOM   512  C CE1 . PHE A 1 66  ? 0.993   -16.443 7.542   1.00 11.59 ? 66  PHE A CE1 1 
ATOM   513  C CE2 . PHE A 1 66  ? 3.259   -16.115 6.795   1.00 14.31 ? 66  PHE A CE2 1 
ATOM   514  C CZ  . PHE A 1 66  ? 2.358   -16.457 7.800   1.00 13.06 ? 66  PHE A CZ  1 
ATOM   515  N N   . MET A 1 67  ? 1.557   -12.607 2.213   1.00 10.22 ? 67  MET A N   1 
ATOM   516  C CA  . MET A 1 67  ? 1.743   -11.858 0.967   1.00 9.85  ? 67  MET A CA  1 
ATOM   517  C C   . MET A 1 67  ? 1.248   -12.459 -0.336  1.00 9.76  ? 67  MET A C   1 
ATOM   518  O O   . MET A 1 67  ? 0.447   -11.847 -1.055  1.00 10.41 ? 67  MET A O   1 
ATOM   519  C CB  . MET A 1 67  ? 3.219   -11.471 0.815   1.00 9.51  ? 67  MET A CB  1 
ATOM   520  C CG  . MET A 1 67  ? 3.487   -10.472 -0.314  1.00 10.07 ? 67  MET A CG  1 
ATOM   521  S SD  . MET A 1 67  ? 2.641   -8.883  -0.077  1.00 11.28 ? 67  MET A SD  1 
ATOM   522  C CE  . MET A 1 67  ? 3.692   -8.105  1.130   1.00 11.91 ? 67  MET A CE  1 
ATOM   523  N N   . ASN A 1 68  ? 1.708   -13.661 -0.644  1.00 10.16 ? 68  ASN A N   1 
ATOM   524  C CA  . ASN A 1 68  ? 1.358   -14.295 -1.909  1.00 11.23 ? 68  ASN A CA  1 
ATOM   525  C C   . ASN A 1 68  ? -0.085  -14.719 -2.081  1.00 10.99 ? 68  ASN A C   1 
ATOM   526  O O   . ASN A 1 68  ? -0.477  -15.130 -3.174  1.00 11.84 ? 68  ASN A O   1 
ATOM   527  C CB  . ASN A 1 68  ? 2.316   -15.452 -2.210  1.00 13.53 ? 68  ASN A CB  1 
ATOM   528  C CG  . ASN A 1 68  ? 3.768   -14.990 -2.330  1.00 16.70 ? 68  ASN A CG  1 
ATOM   529  O OD1 . ASN A 1 68  ? 4.093   -13.848 -2.018  1.00 18.17 ? 68  ASN A OD1 1 
ATOM   530  N ND2 . ASN A 1 68  ? 4.639   -15.874 -2.790  1.00 20.09 ? 68  ASN A ND2 1 
ATOM   531  N N   . LEU A 1 69  ? -0.882  -14.569 -1.024  1.00 11.25 ? 69  LEU A N   1 
ATOM   532  C CA  . LEU A 1 69  ? -2.305  -14.931 -1.041  1.00 12.55 ? 69  LEU A CA  1 
ATOM   533  C C   . LEU A 1 69  ? -3.212  -13.704 -0.804  1.00 12.54 ? 69  LEU A C   1 
ATOM   534  O O   . LEU A 1 69  ? -4.421  -13.844 -0.547  1.00 12.22 ? 69  LEU A O   1 
ATOM   535  C CB  . LEU A 1 69  ? -2.562  -16.007 0.017   1.00 14.64 ? 69  LEU A CB  1 
ATOM   536  C CG  . LEU A 1 69  ? -1.777  -17.311 -0.234  1.00 17.27 ? 69  LEU A CG  1 
ATOM   537  C CD1 . LEU A 1 69  ? -1.704  -18.151 1.013   1.00 17.55 ? 69  LEU A CD1 1 
ATOM   538  C CD2 . LEU A 1 69  ? -2.409  -18.095 -1.368  1.00 19.35 ? 69  LEU A CD2 1 
ATOM   539  N N   . SER A 1 70  ? -2.634  -12.506 -0.947  1.00 11.62 ? 70  SER A N   1 
ATOM   540  C CA  . SER A 1 70  ? -3.340  -11.230 -0.753  1.00 12.11 ? 70  SER A CA  1 
ATOM   541  C C   . SER A 1 70  ? -4.597  -11.000 -1.602  1.00 10.85 ? 70  SER A C   1 
ATOM   542  O O   . SER A 1 70  ? -5.541  -10.330 -1.157  1.00 11.31 ? 70  SER A O   1 
ATOM   543  C CB  . SER A 1 70  ? -2.382  -10.068 -1.023  1.00 10.69 ? 70  SER A CB  1 
ATOM   544  O OG  . SER A 1 70  ? -1.317  -10.062 -0.104  1.00 14.68 ? 70  SER A OG  1 
ATOM   545  N N   . GLY A 1 71  ? -4.588  -11.504 -2.832  1.00 11.15 ? 71  GLY A N   1 
ATOM   546  C CA  . GLY A 1 71  ? -5.718  -11.303 -3.738  1.00 11.53 ? 71  GLY A CA  1 
ATOM   547  C C   . GLY A 1 71  ? -7.073  -11.670 -3.158  1.00 11.52 ? 71  GLY A C   1 
ATOM   548  O O   . GLY A 1 71  ? -8.074  -11.013 -3.405  1.00 11.84 ? 71  GLY A O   1 
ATOM   549  N N   . LYS A 1 72  ? -7.078  -12.746 -2.389  1.00 12.15 ? 72  LYS A N   1 
ATOM   550  C CA  . LYS A 1 72  ? -8.252  -13.286 -1.716  1.00 14.06 ? 72  LYS A CA  1 
ATOM   551  C C   . LYS A 1 72  ? -8.970  -12.214 -0.852  1.00 12.57 ? 72  LYS A C   1 
ATOM   552  O O   . LYS A 1 72  ? -10.194 -12.041 -0.930  1.00 11.92 ? 72  LYS A O   1 
ATOM   553  C CB  A LYS A 1 72  ? -7.789  -14.456 -0.851  0.44 17.27 ? 72  LYS A CB  1 
ATOM   554  C CB  B LYS A 1 72  ? -7.765  -14.448 -0.853  0.56 17.61 ? 72  LYS A CB  1 
ATOM   555  C CG  A LYS A 1 72  ? -8.853  -15.295 -0.196  0.44 21.35 ? 72  LYS A CG  1 
ATOM   556  C CG  B LYS A 1 72  ? -8.775  -15.204 -0.048  0.56 21.62 ? 72  LYS A CG  1 
ATOM   557  C CD  A LYS A 1 72  ? -8.147  -16.424 0.530   0.44 22.88 ? 72  LYS A CD  1 
ATOM   558  C CD  B LYS A 1 72  ? -8.011  -16.276 0.702   0.56 22.60 ? 72  LYS A CD  1 
ATOM   559  C CE  A LYS A 1 72  ? -9.074  -17.238 1.388   0.44 24.92 ? 72  LYS A CE  1 
ATOM   560  C CE  B LYS A 1 72  ? -8.877  -17.057 1.641   0.56 24.58 ? 72  LYS A CE  1 
ATOM   561  N NZ  A LYS A 1 72  ? -8.285  -18.258 2.131   0.44 26.51 ? 72  LYS A NZ  1 
ATOM   562  N NZ  B LYS A 1 72  ? -8.050  -18.045 2.376   0.56 24.97 ? 72  LYS A NZ  1 
ATOM   563  N N   . ALA A 1 73  ? -8.198  -11.480 -0.049  1.00 10.13 ? 73  ALA A N   1 
ATOM   564  C CA  . ALA A 1 73  ? -8.752  -10.439 0.813   1.00 9.31  ? 73  ALA A CA  1 
ATOM   565  C C   . ALA A 1 73  ? -9.293  -9.246  0.005   1.00 9.78  ? 73  ALA A C   1 
ATOM   566  O O   . ALA A 1 73  ? -10.418 -8.787  0.232   1.00 10.79 ? 73  ALA A O   1 
ATOM   567  C CB  . ALA A 1 73  ? -7.686  -9.966  1.817   1.00 9.98  ? 73  ALA A CB  1 
ATOM   568  N N   . VAL A 1 74  ? -8.505  -8.757  -0.954  1.00 9.66  ? 74  VAL A N   1 
ATOM   569  C CA  . VAL A 1 74  ? -8.924  -7.616  -1.766  1.00 9.29  ? 74  VAL A CA  1 
ATOM   570  C C   . VAL A 1 74  ? -10.205 -7.949  -2.526  1.00 9.82  ? 74  VAL A C   1 
ATOM   571  O O   . VAL A 1 74  ? -11.158 -7.170  -2.519  1.00 11.38 ? 74  VAL A O   1 
ATOM   572  C CB  . VAL A 1 74  ? -7.815  -7.179  -2.750  1.00 10.56 ? 74  VAL A CB  1 
ATOM   573  C CG1 . VAL A 1 74  ? -8.298  -6.027  -3.623  1.00 10.45 ? 74  VAL A CG1 1 
ATOM   574  C CG2 . VAL A 1 74  ? -6.563  -6.776  -1.978  1.00 9.82  ? 74  VAL A CG2 1 
ATOM   575  N N   . ALA A 1 75  ? -10.248 -9.135  -3.126  1.00 10.29 ? 75  ALA A N   1 
ATOM   576  C CA  . ALA A 1 75  ? -11.415 -9.589  -3.875  1.00 11.31 ? 75  ALA A CA  1 
ATOM   577  C C   . ALA A 1 75  ? -12.652 -9.710  -2.976  1.00 11.77 ? 75  ALA A C   1 
ATOM   578  O O   . ALA A 1 75  ? -13.745 -9.294  -3.367  1.00 11.42 ? 75  ALA A O   1 
ATOM   579  C CB  . ALA A 1 75  ? -11.117 -10.924 -4.548  1.00 11.72 ? 75  ALA A CB  1 
ATOM   580  N N   . ALA A 1 76  ? -12.488 -10.254 -1.767  1.00 12.69 ? 76  ALA A N   1 
ATOM   581  C CA  . ALA A 1 76  ? -13.623 -10.401 -0.836  1.00 13.49 ? 76  ALA A CA  1 
ATOM   582  C C   . ALA A 1 76  ? -14.224 -9.036  -0.470  1.00 14.45 ? 76  ALA A C   1 
ATOM   583  O O   . ALA A 1 76  ? -15.447 -8.847  -0.487  1.00 14.79 ? 76  ALA A O   1 
ATOM   584  C CB  . ALA A 1 76  ? -13.188 -11.134 0.431   1.00 13.25 ? 76  ALA A CB  1 
ATOM   585  N N   . MET A 1 77  ? -13.365 -8.073  -0.156  1.00 13.99 ? 77  MET A N   1 
ATOM   586  C CA  . MET A 1 77  ? -13.829 -6.734  0.208   1.00 14.35 ? 77  MET A CA  1 
ATOM   587  C C   . MET A 1 77  ? -14.473 -6.027  -0.985  1.00 12.96 ? 77  MET A C   1 
ATOM   588  O O   . MET A 1 77  ? -15.556 -5.446  -0.873  1.00 14.00 ? 77  MET A O   1 
ATOM   589  C CB  A MET A 1 77  ? -12.657 -5.912  0.726   0.62 16.57 ? 77  MET A CB  1 
ATOM   590  C CB  B MET A 1 77  ? -12.662 -5.895  0.735   0.38 15.27 ? 77  MET A CB  1 
ATOM   591  C CG  A MET A 1 77  ? -13.069 -4.717  1.537   0.62 21.11 ? 77  MET A CG  1 
ATOM   592  C CG  B MET A 1 77  ? -12.531 -5.866  2.247   0.38 17.01 ? 77  MET A CG  1 
ATOM   593  S SD  A MET A 1 77  ? -12.773 -5.021  3.271   0.62 23.93 ? 77  MET A SD  1 
ATOM   594  S SD  B MET A 1 77  ? -13.832 -4.887  3.027   0.38 21.95 ? 77  MET A SD  1 
ATOM   595  C CE  A MET A 1 77  ? -11.532 -3.888  3.569   0.62 25.32 ? 77  MET A CE  1 
ATOM   596  C CE  B MET A 1 77  ? -12.921 -3.429  3.536   0.38 14.72 ? 77  MET A CE  1 
ATOM   597  N N   . ALA A 1 78  ? -13.803 -6.071  -2.132  1.00 13.16 ? 78  ALA A N   1 
ATOM   598  C CA  . ALA A 1 78  ? -14.307 -5.424  -3.339  1.00 13.47 ? 78  ALA A CA  1 
ATOM   599  C C   . ALA A 1 78  ? -15.660 -5.999  -3.759  1.00 14.50 ? 78  ALA A C   1 
ATOM   600  O O   . ALA A 1 78  ? -16.540 -5.261  -4.211  1.00 14.59 ? 78  ALA A O   1 
ATOM   601  C CB  . ALA A 1 78  ? -13.294 -5.552  -4.478  1.00 13.30 ? 78  ALA A CB  1 
ATOM   602  N N   . SER A 1 79  ? -15.839 -7.308  -3.603  1.00 14.09 ? 79  SER A N   1 
ATOM   603  C CA  . SER A 1 79  ? -17.108 -7.918  -3.990  1.00 16.15 ? 79  SER A CA  1 
ATOM   604  C C   . SER A 1 79  ? -18.254 -7.571  -3.031  1.00 15.62 ? 79  SER A C   1 
ATOM   605  O O   . SER A 1 79  ? -19.357 -7.256  -3.477  1.00 16.14 ? 79  SER A O   1 
ATOM   606  C CB  A SER A 1 79  ? -16.952 -9.439  -4.115  0.55 16.84 ? 79  SER A CB  1 
ATOM   607  C CB  B SER A 1 79  ? -16.965 -9.437  -4.132  0.45 16.80 ? 79  SER A CB  1 
ATOM   608  O OG  A SER A 1 79  ? -16.075 -9.776  -5.184  0.55 16.36 ? 79  SER A OG  1 
ATOM   609  O OG  B SER A 1 79  ? -16.643 -10.036 -2.896  0.45 17.02 ? 79  SER A OG  1 
ATOM   610  N N   . PHE A 1 80  ? -17.988 -7.558  -1.730  1.00 13.46 ? 80  PHE A N   1 
ATOM   611  C CA  . PHE A 1 80  ? -19.038 -7.238  -0.773  1.00 14.52 ? 80  PHE A CA  1 
ATOM   612  C C   . PHE A 1 80  ? -19.544 -5.792  -0.891  1.00 16.12 ? 80  PHE A C   1 
ATOM   613  O O   . PHE A 1 80  ? -20.746 -5.526  -0.807  1.00 16.56 ? 80  PHE A O   1 
ATOM   614  C CB  . PHE A 1 80  ? -18.553 -7.483  0.654   1.00 16.51 ? 80  PHE A CB  1 
ATOM   615  C CG  . PHE A 1 80  ? -19.642 -7.387  1.682   1.00 19.77 ? 80  PHE A CG  1 
ATOM   616  C CD1 . PHE A 1 80  ? -20.502 -8.463  1.902   1.00 22.10 ? 80  PHE A CD1 1 
ATOM   617  C CD2 . PHE A 1 80  ? -19.813 -6.230  2.429   1.00 20.12 ? 80  PHE A CD2 1 
ATOM   618  C CE1 . PHE A 1 80  ? -21.515 -8.382  2.851   1.00 23.00 ? 80  PHE A CE1 1 
ATOM   619  C CE2 . PHE A 1 80  ? -20.825 -6.141  3.383   1.00 23.32 ? 80  PHE A CE2 1 
ATOM   620  C CZ  . PHE A 1 80  ? -21.677 -7.222  3.593   1.00 24.53 ? 80  PHE A CZ  1 
ATOM   621  N N   . PHE A 1 81  ? -18.616 -4.854  -1.018  1.00 14.57 ? 81  PHE A N   1 
ATOM   622  C CA  . PHE A 1 81  ? -18.979 -3.443  -1.119  1.00 14.75 ? 81  PHE A CA  1 
ATOM   623  C C   . PHE A 1 81  ? -19.159 -2.970  -2.560  1.00 13.88 ? 81  PHE A C   1 
ATOM   624  O O   . PHE A 1 81  ? -19.451 -1.803  -2.802  1.00 14.07 ? 81  PHE A O   1 
ATOM   625  C CB  . PHE A 1 81  ? -17.949 -2.593  -0.360  1.00 14.46 ? 81  PHE A CB  1 
ATOM   626  C CG  . PHE A 1 81  ? -17.935 -2.867  1.125   1.00 16.24 ? 81  PHE A CG  1 
ATOM   627  C CD1 . PHE A 1 81  ? -18.976 -2.414  1.933   1.00 16.71 ? 81  PHE A CD1 1 
ATOM   628  C CD2 . PHE A 1 81  ? -16.922 -3.627  1.700   1.00 16.36 ? 81  PHE A CD2 1 
ATOM   629  C CE1 . PHE A 1 81  ? -19.013 -2.716  3.289   1.00 17.56 ? 81  PHE A CE1 1 
ATOM   630  C CE2 . PHE A 1 81  ? -16.951 -3.931  3.060   1.00 18.05 ? 81  PHE A CE2 1 
ATOM   631  C CZ  . PHE A 1 81  ? -18.000 -3.476  3.853   1.00 17.91 ? 81  PHE A CZ  1 
ATOM   632  N N   . ARG A 1 82  ? -18.970 -3.887  -3.504  1.00 13.30 ? 82  ARG A N   1 
ATOM   633  C CA  . ARG A 1 82  ? -19.115 -3.609  -4.930  1.00 14.75 ? 82  ARG A CA  1 
ATOM   634  C C   . ARG A 1 82  ? -18.244 -2.429  -5.382  1.00 14.46 ? 82  ARG A C   1 
ATOM   635  O O   . ARG A 1 82  ? -18.737 -1.423  -5.892  1.00 15.35 ? 82  ARG A O   1 
ATOM   636  C CB  . ARG A 1 82  ? -20.603 -3.408  -5.279  1.00 14.76 ? 82  ARG A CB  1 
ATOM   637  C CG  . ARG A 1 82  ? -21.461 -4.638  -4.952  1.00 14.70 ? 82  ARG A CG  1 
ATOM   638  C CD  . ARG A 1 82  ? -22.894 -4.475  -5.400  1.00 14.98 ? 82  ARG A CD  1 
ATOM   639  N NE  . ARG A 1 82  ? -22.967 -4.375  -6.849  1.00 14.28 ? 82  ARG A NE  1 
ATOM   640  C CZ  . ARG A 1 82  ? -23.766 -3.543  -7.506  1.00 15.25 ? 82  ARG A CZ  1 
ATOM   641  N NH1 . ARG A 1 82  ? -24.578 -2.729  -6.840  1.00 17.33 ? 82  ARG A NH1 1 
ATOM   642  N NH2 . ARG A 1 82  ? -23.760 -3.536  -8.833  1.00 15.76 ? 82  ARG A NH2 1 
ATOM   643  N N   . ILE A 1 83  ? -16.939 -2.600  -5.223  1.00 13.60 ? 83  ILE A N   1 
ATOM   644  C CA  . ILE A 1 83  ? -15.942 -1.589  -5.569  1.00 13.04 ? 83  ILE A CA  1 
ATOM   645  C C   . ILE A 1 83  ? -15.209 -2.011  -6.847  1.00 13.82 ? 83  ILE A C   1 
ATOM   646  O O   . ILE A 1 83  ? -14.791 -3.169  -6.979  1.00 14.60 ? 83  ILE A O   1 
ATOM   647  C CB  . ILE A 1 83  ? -14.928 -1.443  -4.398  1.00 13.12 ? 83  ILE A CB  1 
ATOM   648  C CG1 . ILE A 1 83  ? -15.659 -0.987  -3.130  1.00 13.33 ? 83  ILE A CG1 1 
ATOM   649  C CG2 . ILE A 1 83  ? -13.784 -0.485  -4.767  1.00 11.74 ? 83  ILE A CG2 1 
ATOM   650  C CD1 . ILE A 1 83  ? -14.826 -1.071  -1.867  1.00 14.50 ? 83  ILE A CD1 1 
ATOM   651  N N   . ASN A 1 84  ? -15.087 -1.091  -7.800  1.00 12.44 ? 84  ASN A N   1 
ATOM   652  C CA  . ASN A 1 84  ? -14.395 -1.373  -9.063  1.00 13.16 ? 84  ASN A CA  1 
ATOM   653  C C   . ASN A 1 84  ? -12.876 -1.321  -8.871  1.00 13.31 ? 84  ASN A C   1 
ATOM   654  O O   . ASN A 1 84  ? -12.386 -0.596  -8.006  1.00 12.41 ? 84  ASN A O   1 
ATOM   655  C CB  . ASN A 1 84  ? -14.804 -0.364  -10.142 1.00 14.95 ? 84  ASN A CB  1 
ATOM   656  C CG  . ASN A 1 84  ? -16.278 -0.464  -10.503 1.00 18.72 ? 84  ASN A CG  1 
ATOM   657  O OD1 . ASN A 1 84  ? -16.925 -1.492  -10.259 1.00 19.30 ? 84  ASN A OD1 1 
ATOM   658  N ND2 . ASN A 1 84  ? -16.823 0.606   -11.068 1.00 18.27 ? 84  ASN A ND2 1 
ATOM   659  N N   . PRO A 1 85  ? -12.110 -2.037  -9.713  1.00 13.95 ? 85  PRO A N   1 
ATOM   660  C CA  . PRO A 1 85  ? -10.650 -2.033  -9.577  1.00 14.14 ? 85  PRO A CA  1 
ATOM   661  C C   . PRO A 1 85  ? -10.025 -0.637  -9.574  1.00 13.70 ? 85  PRO A C   1 
ATOM   662  O O   . PRO A 1 85  ? -9.104  -0.379  -8.794  1.00 13.03 ? 85  PRO A O   1 
ATOM   663  C CB  . PRO A 1 85  ? -10.195 -2.865  -10.775 1.00 16.13 ? 85  PRO A CB  1 
ATOM   664  C CG  . PRO A 1 85  ? -11.322 -3.863  -10.929 1.00 16.88 ? 85  PRO A CG  1 
ATOM   665  C CD  . PRO A 1 85  ? -12.537 -2.974  -10.772 1.00 15.32 ? 85  PRO A CD  1 
ATOM   666  N N   . ASP A 1 86  ? -10.539 0.278   -10.399 1.00 12.86 ? 86  ASP A N   1 
ATOM   667  C CA  . ASP A 1 86  ? -9.965  1.620   -10.420 1.00 14.03 ? 86  ASP A CA  1 
ATOM   668  C C   . ASP A 1 86  ? -10.407 2.530   -9.277  1.00 13.35 ? 86  ASP A C   1 
ATOM   669  O O   . ASP A 1 86  ? -10.051 3.715   -9.242  1.00 14.22 ? 86  ASP A O   1 
ATOM   670  C CB  . ASP A 1 86  ? -10.071 2.299   -11.795 1.00 16.46 ? 86  ASP A CB  1 
ATOM   671  C CG  . ASP A 1 86  ? -11.504 2.554   -12.245 1.00 20.50 ? 86  ASP A CG  1 
ATOM   672  O OD1 . ASP A 1 86  ? -12.480 2.164   -11.558 1.00 20.55 ? 86  ASP A OD1 1 
ATOM   673  O OD2 . ASP A 1 86  ? -11.640 3.164   -13.325 1.00 23.16 ? 86  ASP A OD2 1 
ATOM   674  N N   . GLU A 1 87  ? -11.141 1.955   -8.324  1.00 11.16 ? 87  GLU A N   1 
ATOM   675  C CA  . GLU A 1 87  ? -11.568 2.650   -7.116  1.00 11.07 ? 87  GLU A CA  1 
ATOM   676  C C   . GLU A 1 87  ? -10.752 2.091   -5.936  1.00 9.28  ? 87  GLU A C   1 
ATOM   677  O O   . GLU A 1 87  ? -11.039 2.372   -4.772  1.00 10.85 ? 87  GLU A O   1 
ATOM   678  C CB  . GLU A 1 87  ? -13.067 2.441   -6.870  1.00 11.26 ? 87  GLU A CB  1 
ATOM   679  C CG  . GLU A 1 87  ? -13.941 3.144   -7.913  1.00 14.16 ? 87  GLU A CG  1 
ATOM   680  C CD  . GLU A 1 87  ? -15.416 2.785   -7.798  1.00 16.98 ? 87  GLU A CD  1 
ATOM   681  O OE1 . GLU A 1 87  ? -15.737 1.624   -7.451  1.00 15.83 ? 87  GLU A OE1 1 
ATOM   682  O OE2 . GLU A 1 87  ? -16.259 3.676   -8.055  1.00 20.22 ? 87  GLU A OE2 1 
ATOM   683  N N   . ILE A 1 88  ? -9.717  1.324   -6.252  1.00 9.63  ? 88  ILE A N   1 
ATOM   684  C CA  . ILE A 1 88  ? -8.855  0.724   -5.234  1.00 9.41  ? 88  ILE A CA  1 
ATOM   685  C C   . ILE A 1 88  ? -7.431  1.267   -5.333  1.00 9.30  ? 88  ILE A C   1 
ATOM   686  O O   . ILE A 1 88  ? -6.881  1.398   -6.439  1.00 9.75  ? 88  ILE A O   1 
ATOM   687  C CB  . ILE A 1 88  ? -8.765  -0.820  -5.428  1.00 10.11 ? 88  ILE A CB  1 
ATOM   688  C CG1 . ILE A 1 88  ? -10.174 -1.444  -5.453  1.00 11.64 ? 88  ILE A CG1 1 
ATOM   689  C CG2 . ILE A 1 88  ? -7.888  -1.455  -4.337  1.00 11.16 ? 88  ILE A CG2 1 
ATOM   690  C CD1 . ILE A 1 88  ? -10.173 -2.969  -5.614  1.00 13.55 ? 88  ILE A CD1 1 
ATOM   691  N N   . LEU A 1 89  ? -6.847  1.571   -4.176  1.00 8.71  ? 89  LEU A N   1 
ATOM   692  C CA  . LEU A 1 89  ? -5.455  2.039   -4.075  1.00 9.28  ? 89  LEU A CA  1 
ATOM   693  C C   . LEU A 1 89  ? -4.693  0.997   -3.245  1.00 9.03  ? 89  LEU A C   1 
ATOM   694  O O   . LEU A 1 89  ? -5.052  0.740   -2.090  1.00 10.00 ? 89  LEU A O   1 
ATOM   695  C CB  . LEU A 1 89  ? -5.371  3.394   -3.366  1.00 8.72  ? 89  LEU A CB  1 
ATOM   696  C CG  . LEU A 1 89  ? -3.956  3.936   -3.093  1.00 10.50 ? 89  LEU A CG  1 
ATOM   697  C CD1 . LEU A 1 89  ? -3.195  4.139   -4.408  1.00 10.41 ? 89  LEU A CD1 1 
ATOM   698  C CD2 . LEU A 1 89  ? -4.047  5.244   -2.299  1.00 11.35 ? 89  LEU A CD2 1 
ATOM   699  N N   . VAL A 1 90  ? -3.660  0.398   -3.832  1.00 8.74  ? 90  VAL A N   1 
ATOM   700  C CA  . VAL A 1 90  ? -2.848  -0.597  -3.140  1.00 8.06  ? 90  VAL A CA  1 
ATOM   701  C C   . VAL A 1 90  ? -1.459  -0.027  -2.845  1.00 8.81  ? 90  VAL A C   1 
ATOM   702  O O   . VAL A 1 90  ? -0.706  0.316   -3.777  1.00 8.98  ? 90  VAL A O   1 
ATOM   703  C CB  . VAL A 1 90  ? -2.681  -1.882  -3.983  1.00 8.72  ? 90  VAL A CB  1 
ATOM   704  C CG1 . VAL A 1 90  ? -1.809  -2.890  -3.225  1.00 10.62 ? 90  VAL A CG1 1 
ATOM   705  C CG2 . VAL A 1 90  ? -4.050  -2.501  -4.301  1.00 8.14  ? 90  VAL A CG2 1 
ATOM   706  N N   . ALA A 1 91  ? -1.134  0.073   -1.557  1.00 8.02  ? 91  ALA A N   1 
ATOM   707  C CA  . ALA A 1 91  ? 0.158   0.569   -1.102  1.00 8.29  ? 91  ALA A CA  1 
ATOM   708  C C   . ALA A 1 91  ? 1.091   -0.626  -0.963  1.00 9.06  ? 91  ALA A C   1 
ATOM   709  O O   . ALA A 1 91  ? 0.734   -1.630  -0.341  1.00 9.48  ? 91  ALA A O   1 
ATOM   710  C CB  . ALA A 1 91  ? 0.005   1.280   0.232   1.00 8.56  ? 91  ALA A CB  1 
ATOM   711  N N   . HIS A 1 92  ? 2.300   -0.519  -1.504  1.00 7.98  ? 92  HIS A N   1 
ATOM   712  C CA  . HIS A 1 92  ? 3.254   -1.624  -1.439  1.00 8.70  ? 92  HIS A CA  1 
ATOM   713  C C   . HIS A 1 92  ? 4.698   -1.122  -1.494  1.00 9.34  ? 92  HIS A C   1 
ATOM   714  O O   . HIS A 1 92  ? 4.956   0.010   -1.921  1.00 9.89  ? 92  HIS A O   1 
ATOM   715  C CB  . HIS A 1 92  ? 3.010   -2.590  -2.617  1.00 8.09  ? 92  HIS A CB  1 
ATOM   716  C CG  . HIS A 1 92  ? 3.377   -2.018  -3.958  1.00 9.43  ? 92  HIS A CG  1 
ATOM   717  N ND1 . HIS A 1 92  ? 2.491   -1.319  -4.753  1.00 11.99 ? 92  HIS A ND1 1 
ATOM   718  C CD2 . HIS A 1 92  ? 4.549   -2.039  -4.640  1.00 7.70  ? 92  HIS A CD2 1 
ATOM   719  C CE1 . HIS A 1 92  ? 3.099   -0.938  -5.864  1.00 9.22  ? 92  HIS A CE1 1 
ATOM   720  N NE2 . HIS A 1 92  ? 4.348   -1.361  -5.817  1.00 12.28 ? 92  HIS A NE2 1 
ATOM   721  N N   . ASP A 1 93  ? 5.624   -1.970  -1.044  1.00 8.25  ? 93  ASP A N   1 
ATOM   722  C CA  . ASP A 1 93  ? 7.055   -1.684  -1.095  1.00 8.12  ? 93  ASP A CA  1 
ATOM   723  C C   . ASP A 1 93  ? 7.514   -1.800  -2.546  1.00 7.71  ? 93  ASP A C   1 
ATOM   724  O O   . ASP A 1 93  ? 7.080   -2.700  -3.284  1.00 9.09  ? 93  ASP A O   1 
ATOM   725  C CB  . ASP A 1 93  ? 7.842   -2.650  -0.206  1.00 8.48  ? 93  ASP A CB  1 
ATOM   726  C CG  . ASP A 1 93  ? 7.531   -4.110  -0.488  1.00 9.57  ? 93  ASP A CG  1 
ATOM   727  O OD1 . ASP A 1 93  ? 6.341   -4.514  -0.490  1.00 9.92  ? 93  ASP A OD1 1 
ATOM   728  O OD2 . ASP A 1 93  ? 8.501   -4.873  -0.675  1.00 12.35 ? 93  ASP A OD2 1 
ATOM   729  N N   . GLU A 1 94  ? 8.419   -0.909  -2.933  1.00 8.79  ? 94  GLU A N   1 
ATOM   730  C CA  . GLU A 1 94  ? 8.936   -0.842  -4.296  1.00 9.14  ? 94  GLU A CA  1 
ATOM   731  C C   . GLU A 1 94  ? 10.479  -0.880  -4.331  1.00 9.15  ? 94  GLU A C   1 
ATOM   732  O O   . GLU A 1 94  ? 11.147  0.061   -3.887  1.00 9.32  ? 94  GLU A O   1 
ATOM   733  C CB  . GLU A 1 94  ? 8.425   0.457   -4.946  1.00 8.78  ? 94  GLU A CB  1 
ATOM   734  C CG  . GLU A 1 94  ? 8.967   0.731   -6.346  1.00 9.68  ? 94  GLU A CG  1 
ATOM   735  C CD  . GLU A 1 94  ? 8.613   -0.364  -7.345  1.00 12.27 ? 94  GLU A CD  1 
ATOM   736  O OE1 . GLU A 1 94  ? 7.484   -0.324  -7.889  1.00 14.74 ? 94  GLU A OE1 1 
ATOM   737  O OE2 . GLU A 1 94  ? 9.460   -1.257  -7.592  1.00 12.68 ? 94  GLU A OE2 1 
ATOM   738  N N   . LEU A 1 95  ? 11.035  -1.959  -4.883  1.00 10.82 ? 95  LEU A N   1 
ATOM   739  C CA  . LEU A 1 95  ? 12.495  -2.117  -4.992  1.00 11.61 ? 95  LEU A CA  1 
ATOM   740  C C   . LEU A 1 95  ? 13.134  -1.103  -5.951  1.00 12.04 ? 95  LEU A C   1 
ATOM   741  O O   . LEU A 1 95  ? 14.287  -0.705  -5.759  1.00 12.21 ? 95  LEU A O   1 
ATOM   742  C CB  . LEU A 1 95  ? 12.852  -3.526  -5.496  1.00 13.30 ? 95  LEU A CB  1 
ATOM   743  C CG  . LEU A 1 95  ? 12.579  -4.746  -4.612  1.00 13.74 ? 95  LEU A CG  1 
ATOM   744  C CD1 . LEU A 1 95  ? 12.597  -6.017  -5.474  1.00 15.53 ? 95  LEU A CD1 1 
ATOM   745  C CD2 . LEU A 1 95  ? 13.612  -4.838  -3.499  1.00 15.26 ? 95  LEU A CD2 1 
ATOM   746  N N   . ASP A 1 96  ? 12.370  -0.679  -6.959  1.00 10.80 ? 96  ASP A N   1 
ATOM   747  C CA  . ASP A 1 96  ? 12.863  0.246   -7.982  1.00 12.58 ? 96  ASP A CA  1 
ATOM   748  C C   . ASP A 1 96  ? 12.920  1.734   -7.630  1.00 12.44 ? 96  ASP A C   1 
ATOM   749  O O   . ASP A 1 96  ? 13.226  2.564   -8.497  1.00 13.23 ? 96  ASP A O   1 
ATOM   750  C CB  . ASP A 1 96  ? 12.107  0.036   -9.303  1.00 15.17 ? 96  ASP A CB  1 
ATOM   751  C CG  . ASP A 1 96  ? 12.463  -1.293  -9.985  1.00 19.35 ? 96  ASP A CG  1 
ATOM   752  O OD1 . ASP A 1 96  ? 13.435  -1.958  -9.561  1.00 19.80 ? 96  ASP A OD1 1 
ATOM   753  O OD2 . ASP A 1 96  ? 11.761  -1.673  -10.950 1.00 20.14 ? 96  ASP A OD2 1 
ATOM   754  N N   . LEU A 1 97  ? 12.584  2.068   -6.388  1.00 10.31 ? 97  LEU A N   1 
ATOM   755  C CA  . LEU A 1 97  ? 12.647  3.443   -5.900  1.00 10.67 ? 97  LEU A CA  1 
ATOM   756  C C   . LEU A 1 97  ? 13.453  3.386   -4.598  1.00 11.68 ? 97  LEU A C   1 
ATOM   757  O O   . LEU A 1 97  ? 13.358  2.408   -3.851  1.00 10.43 ? 97  LEU A O   1 
ATOM   758  C CB  . LEU A 1 97  ? 11.246  4.015   -5.648  1.00 10.28 ? 97  LEU A CB  1 
ATOM   759  C CG  . LEU A 1 97  ? 10.375  4.259   -6.882  1.00 10.92 ? 97  LEU A CG  1 
ATOM   760  C CD1 . LEU A 1 97  ? 9.016   4.744   -6.434  1.00 11.56 ? 97  LEU A CD1 1 
ATOM   761  C CD2 . LEU A 1 97  ? 11.022  5.274   -7.828  1.00 12.20 ? 97  LEU A CD2 1 
ATOM   762  N N   . PRO A 1 98  ? 14.273  4.418   -4.319  1.00 9.99  ? 98  PRO A N   1 
ATOM   763  C CA  . PRO A 1 98  ? 15.068  4.400   -3.084  1.00 10.33 ? 98  PRO A CA  1 
ATOM   764  C C   . PRO A 1 98  ? 14.277  4.840   -1.848  1.00 10.50 ? 98  PRO A C   1 
ATOM   765  O O   . PRO A 1 98  ? 13.177  5.419   -1.963  1.00 9.81  ? 98  PRO A O   1 
ATOM   766  C CB  . PRO A 1 98  ? 16.177  5.413   -3.387  1.00 11.01 ? 98  PRO A CB  1 
ATOM   767  C CG  . PRO A 1 98  ? 15.445  6.452   -4.202  1.00 13.02 ? 98  PRO A CG  1 
ATOM   768  C CD  . PRO A 1 98  ? 14.562  5.620   -5.131  1.00 11.49 ? 98  PRO A CD  1 
ATOM   769  N N   . PRO A 1 99  ? 14.778  4.498   -0.643  1.00 10.74 ? 99  PRO A N   1 
ATOM   770  C CA  . PRO A 1 99  ? 14.083  4.907   0.575   1.00 10.66 ? 99  PRO A CA  1 
ATOM   771  C C   . PRO A 1 99  ? 14.000  6.458   0.587   1.00 11.27 ? 99  PRO A C   1 
ATOM   772  O O   . PRO A 1 99  ? 14.990  7.137   0.294   1.00 10.51 ? 99  PRO A O   1 
ATOM   773  C CB  A PRO A 1 99  ? 14.980  4.349   1.693   0.40 10.52 ? 99  PRO A CB  1 
ATOM   774  C CB  B PRO A 1 99  ? 15.026  4.411   1.678   0.60 10.05 ? 99  PRO A CB  1 
ATOM   775  C CG  A PRO A 1 99  ? 16.312  4.127   1.030   0.40 10.55 ? 99  PRO A CG  1 
ATOM   776  C CG  B PRO A 1 99  ? 15.681  3.223   1.063   0.60 9.89  ? 99  PRO A CG  1 
ATOM   777  C CD  A PRO A 1 99  ? 15.932  3.636   -0.329  0.48 10.42 ? 99  PRO A CD  1 
ATOM   778  C CD  B PRO A 1 99  ? 15.972  3.685   -0.334  0.60 10.47 ? 99  PRO A CD  1 
ATOM   779  N N   . GLY A 1 100 ? 12.819  6.997   0.885   1.00 10.78 ? 100 GLY A N   1 
ATOM   780  C CA  . GLY A 1 100 ? 12.619  8.439   0.914   1.00 10.88 ? 100 GLY A CA  1 
ATOM   781  C C   . GLY A 1 100 ? 11.743  8.963   -0.222  1.00 11.75 ? 100 GLY A C   1 
ATOM   782  O O   . GLY A 1 100 ? 11.274  10.105  -0.188  1.00 11.87 ? 100 GLY A O   1 
ATOM   783  N N   . VAL A 1 101 ? 11.474  8.107   -1.205  1.00 10.00 ? 101 VAL A N   1 
ATOM   784  C CA  . VAL A 1 101 ? 10.673  8.464   -2.370  1.00 9.81  ? 101 VAL A CA  1 
ATOM   785  C C   . VAL A 1 101 ? 9.442   7.557   -2.468  1.00 10.23 ? 101 VAL A C   1 
ATOM   786  O O   . VAL A 1 101 ? 9.491   6.386   -2.075  1.00 11.01 ? 101 VAL A O   1 
ATOM   787  C CB  . VAL A 1 101 ? 11.536  8.297   -3.659  1.00 11.48 ? 101 VAL A CB  1 
ATOM   788  C CG1 . VAL A 1 101 ? 10.716  8.516   -4.923  1.00 13.21 ? 101 VAL A CG1 1 
ATOM   789  C CG2 . VAL A 1 101 ? 12.748  9.244   -3.609  1.00 13.02 ? 101 VAL A CG2 1 
ATOM   790  N N   . ALA A 1 102 ? 8.339   8.099   -2.963  1.00 9.69  ? 102 ALA A N   1 
ATOM   791  C CA  . ALA A 1 102 ? 7.108   7.327   -3.159  1.00 9.84  ? 102 ALA A CA  1 
ATOM   792  C C   . ALA A 1 102 ? 6.439   7.880   -4.427  1.00 12.21 ? 102 ALA A C   1 
ATOM   793  O O   . ALA A 1 102 ? 6.599   9.067   -4.750  1.00 12.44 ? 102 ALA A O   1 
ATOM   794  C CB  . ALA A 1 102 ? 6.178   7.470   -1.957  1.00 9.75  ? 102 ALA A CB  1 
ATOM   795  N N   . LYS A 1 103 ? 5.714   7.031   -5.154  1.00 10.75 ? 103 LYS A N   1 
ATOM   796  C CA  . LYS A 1 103 ? 5.031   7.447   -6.381  1.00 11.15 ? 103 LYS A CA  1 
ATOM   797  C C   . LYS A 1 103 ? 3.684   6.755   -6.561  1.00 12.24 ? 103 LYS A C   1 
ATOM   798  O O   . LYS A 1 103 ? 3.489   5.644   -6.074  1.00 12.65 ? 103 LYS A O   1 
ATOM   799  C CB  . LYS A 1 103 ? 5.871   7.100   -7.616  1.00 11.87 ? 103 LYS A CB  1 
ATOM   800  C CG  . LYS A 1 103 ? 7.131   7.912   -7.795  1.00 15.43 ? 103 LYS A CG  1 
ATOM   801  C CD  . LYS A 1 103 ? 7.758   7.610   -9.145  1.00 18.12 ? 103 LYS A CD  1 
ATOM   802  C CE  . LYS A 1 103 ? 8.970   8.490   -9.391  1.00 21.12 ? 103 LYS A CE  1 
ATOM   803  N NZ  . LYS A 1 103 ? 8.545   9.899   -9.572  1.00 23.01 ? 103 LYS A NZ  1 
ATOM   804  N N   . PHE A 1 104 ? 2.760   7.424   -7.249  1.00 11.53 ? 104 PHE A N   1 
ATOM   805  C CA  . PHE A 1 104 ? 1.454   6.858   -7.581  1.00 11.08 ? 104 PHE A CA  1 
ATOM   806  C C   . PHE A 1 104 ? 1.603   6.291   -8.986  1.00 12.30 ? 104 PHE A C   1 
ATOM   807  O O   . PHE A 1 104 ? 2.402   6.801   -9.782  1.00 14.11 ? 104 PHE A O   1 
ATOM   808  C CB  . PHE A 1 104 ? 0.366   7.932   -7.646  1.00 11.89 ? 104 PHE A CB  1 
ATOM   809  C CG  . PHE A 1 104 ? -0.055  8.470   -6.318  1.00 13.76 ? 104 PHE A CG  1 
ATOM   810  C CD1 . PHE A 1 104 ? -0.459  7.614   -5.293  1.00 14.97 ? 104 PHE A CD1 1 
ATOM   811  C CD2 . PHE A 1 104 ? -0.096  9.843   -6.097  1.00 14.96 ? 104 PHE A CD2 1 
ATOM   812  C CE1 . PHE A 1 104 ? -0.912  8.122   -4.069  1.00 14.89 ? 104 PHE A CE1 1 
ATOM   813  C CE2 . PHE A 1 104 ? -0.546  10.359  -4.878  1.00 16.27 ? 104 PHE A CE2 1 
ATOM   814  C CZ  . PHE A 1 104 ? -0.954  9.496   -3.862  1.00 16.36 ? 104 PHE A CZ  1 
ATOM   815  N N   . LYS A 1 105 ? 0.817   5.268   -9.300  1.00 12.68 ? 105 LYS A N   1 
ATOM   816  C CA  . LYS A 1 105 ? 0.814   4.630   -10.617 1.00 13.46 ? 105 LYS A CA  1 
ATOM   817  C C   . LYS A 1 105 ? -0.559  3.954   -10.805 1.00 13.18 ? 105 LYS A C   1 
ATOM   818  O O   . LYS A 1 105 ? -1.168  3.504   -9.839  1.00 12.62 ? 105 LYS A O   1 
ATOM   819  C CB  A LYS A 1 105 ? 1.932   3.583   -10.703 0.50 15.03 ? 105 LYS A CB  1 
ATOM   820  C CB  B LYS A 1 105 ? 1.934   3.581   -10.676 0.50 14.30 ? 105 LYS A CB  1 
ATOM   821  C CG  A LYS A 1 105 ? 1.986   2.774   -11.993 0.50 17.81 ? 105 LYS A CG  1 
ATOM   822  C CG  B LYS A 1 105 ? 2.008   2.703   -11.923 0.50 16.19 ? 105 LYS A CG  1 
ATOM   823  C CD  A LYS A 1 105 ? 3.163   1.803   -11.946 0.50 21.15 ? 105 LYS A CD  1 
ATOM   824  C CD  B LYS A 1 105 ? 3.150   1.693   -11.752 0.50 19.08 ? 105 LYS A CD  1 
ATOM   825  C CE  A LYS A 1 105 ? 3.202   0.857   -13.140 0.50 24.11 ? 105 LYS A CE  1 
ATOM   826  C CE  B LYS A 1 105 ? 3.245   0.671   -12.879 0.50 21.80 ? 105 LYS A CE  1 
ATOM   827  N NZ  A LYS A 1 105 ? 3.314   1.571   -14.446 0.50 26.57 ? 105 LYS A NZ  1 
ATOM   828  N NZ  B LYS A 1 105 ? 3.589   1.284   -14.194 0.50 24.56 ? 105 LYS A NZ  1 
ATOM   829  N N   . LEU A 1 106 ? -1.077  3.968   -12.023 1.00 12.35 ? 106 LEU A N   1 
ATOM   830  C CA  . LEU A 1 106 ? -2.339  3.307   -12.318 1.00 12.98 ? 106 LEU A CA  1 
ATOM   831  C C   . LEU A 1 106 ? -2.013  2.207   -13.306 1.00 14.05 ? 106 LEU A C   1 
ATOM   832  O O   . LEU A 1 106 ? -1.438  2.484   -14.364 1.00 15.62 ? 106 LEU A O   1 
ATOM   833  C CB  . LEU A 1 106 ? -3.357  4.261   -12.960 1.00 14.73 ? 106 LEU A CB  1 
ATOM   834  C CG  . LEU A 1 106 ? -4.660  3.605   -13.453 1.00 14.68 ? 106 LEU A CG  1 
ATOM   835  C CD1 . LEU A 1 106 ? -5.410  2.945   -12.303 1.00 15.45 ? 106 LEU A CD1 1 
ATOM   836  C CD2 . LEU A 1 106 ? -5.555  4.628   -14.126 1.00 17.35 ? 106 LEU A CD2 1 
ATOM   837  N N   . GLY A 1 107 ? -2.312  0.967   -12.936 1.00 13.16 ? 107 GLY A N   1 
ATOM   838  C CA  . GLY A 1 107 ? -2.081  -0.154  -13.828 1.00 14.04 ? 107 GLY A CA  1 
ATOM   839  C C   . GLY A 1 107 ? -0.643  -0.616  -13.928 1.00 15.56 ? 107 GLY A C   1 
ATOM   840  O O   . GLY A 1 107 ? 0.197   -0.255  -13.101 1.00 16.62 ? 107 GLY A O   1 
ATOM   841  N N   . GLY A 1 108 ? -0.352  -1.379  -14.981 1.00 17.54 ? 108 GLY A N   1 
ATOM   842  C CA  . GLY A 1 108 ? 0.985   -1.914  -15.178 1.00 17.53 ? 108 GLY A CA  1 
ATOM   843  C C   . GLY A 1 108 ? 1.024   -3.343  -14.662 1.00 19.14 ? 108 GLY A C   1 
ATOM   844  O O   . GLY A 1 108 ? 0.000   -3.881  -14.237 1.00 20.70 ? 108 GLY A O   1 
ATOM   845  N N   . GLY A 1 109 ? 2.183   -3.973  -14.676 1.00 18.76 ? 109 GLY A N   1 
ATOM   846  C CA  . GLY A 1 109 ? 2.226   -5.348  -14.208 1.00 19.31 ? 109 GLY A CA  1 
ATOM   847  C C   . GLY A 1 109 ? 2.494   -5.431  -12.722 1.00 19.03 ? 109 GLY A C   1 
ATOM   848  O O   . GLY A 1 109 ? 2.263   -4.480  -11.975 1.00 20.83 ? 109 GLY A O   1 
ATOM   849  N N   . HIS A 1 110 ? 2.978   -6.582  -12.285 1.00 18.03 ? 110 HIS A N   1 
ATOM   850  C CA  . HIS A 1 110 ? 3.311   -6.773  -10.881 1.00 16.60 ? 110 HIS A CA  1 
ATOM   851  C C   . HIS A 1 110 ? 4.807   -6.489  -10.678 1.00 16.25 ? 110 HIS A C   1 
ATOM   852  O O   . HIS A 1 110 ? 5.259   -6.277  -9.554  1.00 15.92 ? 110 HIS A O   1 
ATOM   853  C CB  . HIS A 1 110 ? 2.951   -8.197  -10.441 1.00 16.30 ? 110 HIS A CB  1 
ATOM   854  C CG  . HIS A 1 110 ? 3.535   -9.272  -11.311 1.00 17.56 ? 110 HIS A CG  1 
ATOM   855  N ND1 . HIS A 1 110 ? 2.756   -10.118 -12.072 1.00 19.92 ? 110 HIS A ND1 1 
ATOM   856  C CD2 . HIS A 1 110 ? 4.817   -9.645  -11.533 1.00 15.33 ? 110 HIS A CD2 1 
ATOM   857  C CE1 . HIS A 1 110 ? 3.537   -10.964 -12.724 1.00 18.21 ? 110 HIS A CE1 1 
ATOM   858  N NE2 . HIS A 1 110 ? 4.793   -10.699 -12.413 1.00 19.65 ? 110 HIS A NE2 1 
ATOM   859  N N   . GLY A 1 111 ? 5.571   -6.518  -11.773 1.00 16.00 ? 111 GLY A N   1 
ATOM   860  C CA  . GLY A 1 111 ? 7.005   -6.271  -11.701 1.00 15.66 ? 111 GLY A CA  1 
ATOM   861  C C   . GLY A 1 111 ? 7.784   -7.199  -10.782 1.00 16.11 ? 111 GLY A C   1 
ATOM   862  O O   . GLY A 1 111 ? 8.837   -6.836  -10.270 1.00 18.33 ? 111 GLY A O   1 
ATOM   863  N N   . GLY A 1 112 ? 7.278   -8.412  -10.588 1.00 15.22 ? 112 GLY A N   1 
ATOM   864  C CA  . GLY A 1 112 ? 7.934   -9.383  -9.725  1.00 14.26 ? 112 GLY A CA  1 
ATOM   865  C C   . GLY A 1 112 ? 7.455   -9.410  -8.276  1.00 14.54 ? 112 GLY A C   1 
ATOM   866  O O   . GLY A 1 112 ? 7.891   -10.271 -7.512  1.00 15.73 ? 112 GLY A O   1 
ATOM   867  N N   . HIS A 1 113 ? 6.576   -8.478  -7.895  1.00 12.67 ? 113 HIS A N   1 
ATOM   868  C CA  . HIS A 1 113 ? 6.036   -8.419  -6.532  1.00 10.89 ? 113 HIS A CA  1 
ATOM   869  C C   . HIS A 1 113 ? 4.892   -9.441  -6.477  1.00 10.59 ? 113 HIS A C   1 
ATOM   870  O O   . HIS A 1 113 ? 3.851   -9.254  -7.113  1.00 11.13 ? 113 HIS A O   1 
ATOM   871  C CB  . HIS A 1 113 ? 5.524   -7.001  -6.235  1.00 11.07 ? 113 HIS A CB  1 
ATOM   872  C CG  . HIS A 1 113 ? 5.245   -6.746  -4.787  1.00 11.80 ? 113 HIS A CG  1 
ATOM   873  N ND1 . HIS A 1 113 ? 4.220   -7.367  -4.100  1.00 12.95 ? 113 HIS A ND1 1 
ATOM   874  C CD2 . HIS A 1 113 ? 5.874   -5.955  -3.883  1.00 11.62 ? 113 HIS A CD2 1 
ATOM   875  C CE1 . HIS A 1 113 ? 4.234   -6.973  -2.838  1.00 12.46 ? 113 HIS A CE1 1 
ATOM   876  N NE2 . HIS A 1 113 ? 5.227   -6.117  -2.679  1.00 11.52 ? 113 HIS A NE2 1 
ATOM   877  N N   . ASN A 1 114 ? 5.070   -10.496 -5.685  1.00 11.68 ? 114 ASN A N   1 
ATOM   878  C CA  . ASN A 1 114 ? 4.069   -11.559 -5.600  1.00 12.15 ? 114 ASN A CA  1 
ATOM   879  C C   . ASN A 1 114 ? 2.731   -11.213 -4.950  1.00 11.98 ? 114 ASN A C   1 
ATOM   880  O O   . ASN A 1 114 ? 1.725   -11.895 -5.175  1.00 13.30 ? 114 ASN A O   1 
ATOM   881  C CB  . ASN A 1 114 ? 4.706   -12.829 -5.039  1.00 14.68 ? 114 ASN A CB  1 
ATOM   882  C CG  . ASN A 1 114 ? 5.667   -13.481 -6.039  1.00 17.58 ? 114 ASN A CG  1 
ATOM   883  O OD1 . ASN A 1 114 ? 5.360   -13.574 -7.233  1.00 20.82 ? 114 ASN A OD1 1 
ATOM   884  N ND2 . ASN A 1 114 ? 6.830   -13.909 -5.567  1.00 19.23 ? 114 ASN A ND2 1 
ATOM   885  N N   . GLY A 1 115 ? 2.708   -10.142 -4.159  1.00 10.64 ? 115 GLY A N   1 
ATOM   886  C CA  . GLY A 1 115 ? 1.454   -9.702  -3.563  1.00 11.30 ? 115 GLY A CA  1 
ATOM   887  C C   . GLY A 1 115 ? 0.619   -9.069  -4.676  1.00 10.89 ? 115 GLY A C   1 
ATOM   888  O O   . GLY A 1 115 ? -0.578  -9.358  -4.829  1.00 11.07 ? 115 GLY A O   1 
ATOM   889  N N   . LEU A 1 116 ? 1.258   -8.212  -5.482  1.00 10.94 ? 116 LEU A N   1 
ATOM   890  C CA  . LEU A 1 116 ? 0.555   -7.560  -6.596  1.00 10.10 ? 116 LEU A CA  1 
ATOM   891  C C   . LEU A 1 116 ? 0.088   -8.602  -7.600  1.00 10.03 ? 116 LEU A C   1 
ATOM   892  O O   . LEU A 1 116 ? -1.014  -8.505  -8.136  1.00 10.59 ? 116 LEU A O   1 
ATOM   893  C CB  . LEU A 1 116 ? 1.446   -6.537  -7.305  1.00 10.15 ? 116 LEU A CB  1 
ATOM   894  C CG  . LEU A 1 116 ? 1.778   -5.260  -6.531  1.00 10.80 ? 116 LEU A CG  1 
ATOM   895  C CD1 . LEU A 1 116 ? 2.654   -4.375  -7.404  1.00 12.41 ? 116 LEU A CD1 1 
ATOM   896  C CD2 . LEU A 1 116 ? 0.509   -4.516  -6.117  1.00 12.75 ? 116 LEU A CD2 1 
ATOM   897  N N   . LYS A 1 117 ? 0.931   -9.598  -7.852  1.00 10.51 ? 117 LYS A N   1 
ATOM   898  C CA  . LYS A 1 117 ? 0.583   -10.649 -8.804  1.00 12.82 ? 117 LYS A CA  1 
ATOM   899  C C   . LYS A 1 117 ? -0.738  -11.341 -8.420  1.00 12.33 ? 117 LYS A C   1 
ATOM   900  O O   . LYS A 1 117 ? -1.626  -11.522 -9.266  1.00 12.10 ? 117 LYS A O   1 
ATOM   901  C CB  . LYS A 1 117 ? 1.726   -11.662 -8.917  1.00 13.12 ? 117 LYS A CB  1 
ATOM   902  C CG  . LYS A 1 117 ? 1.487   -12.745 -9.940  1.00 15.40 ? 117 LYS A CG  1 
ATOM   903  C CD  . LYS A 1 117 ? 2.654   -13.703 -9.991  1.00 20.48 ? 117 LYS A CD  1 
ATOM   904  C CE  . LYS A 1 117 ? 2.284   -14.936 -10.802 1.00 27.10 ? 117 LYS A CE  1 
ATOM   905  N NZ  . LYS A 1 117 ? 3.420   -15.896 -10.928 1.00 33.40 ? 117 LYS A NZ  1 
ATOM   906  N N   . ASP A 1 118 ? -0.876  -11.701 -7.145  1.00 11.69 ? 118 ASP A N   1 
ATOM   907  C CA  . ASP A 1 118 ? -2.094  -12.362 -6.693  1.00 12.08 ? 118 ASP A CA  1 
ATOM   908  C C   . ASP A 1 118 ? -3.335  -11.462 -6.763  1.00 12.25 ? 118 ASP A C   1 
ATOM   909  O O   . ASP A 1 118 ? -4.434  -11.945 -7.066  1.00 12.93 ? 118 ASP A O   1 
ATOM   910  C CB  . ASP A 1 118 ? -1.921  -12.935 -5.289  1.00 12.43 ? 118 ASP A CB  1 
ATOM   911  C CG  . ASP A 1 118 ? -2.968  -13.983 -4.976  1.00 14.41 ? 118 ASP A CG  1 
ATOM   912  O OD1 . ASP A 1 118 ? -3.047  -14.975 -5.743  1.00 14.37 ? 118 ASP A OD1 1 
ATOM   913  O OD2 . ASP A 1 118 ? -3.735  -13.793 -4.009  1.00 13.73 ? 118 ASP A OD2 1 
ATOM   914  N N   . ILE A 1 119 ? -3.178  -10.166 -6.484  1.00 10.69 ? 119 ILE A N   1 
ATOM   915  C CA  . ILE A 1 119 ? -4.308  -9.246  -6.570  1.00 11.62 ? 119 ILE A CA  1 
ATOM   916  C C   . ILE A 1 119 ? -4.811  -9.148  -8.017  1.00 11.53 ? 119 ILE A C   1 
ATOM   917  O O   . ILE A 1 119 ? -6.018  -9.232  -8.267  1.00 12.80 ? 119 ILE A O   1 
ATOM   918  C CB  . ILE A 1 119 ? -3.961  -7.843  -5.988  1.00 10.52 ? 119 ILE A CB  1 
ATOM   919  C CG1 . ILE A 1 119 ? -3.728  -7.979  -4.478  1.00 11.43 ? 119 ILE A CG1 1 
ATOM   920  C CG2 . ILE A 1 119 ? -5.081  -6.844  -6.280  1.00 11.36 ? 119 ILE A CG2 1 
ATOM   921  C CD1 . ILE A 1 119 ? -3.094  -6.776  -3.818  1.00 14.14 ? 119 ILE A CD1 1 
ATOM   922  N N   . ILE A 1 120 ? -3.891  -9.034  -8.973  1.00 11.25 ? 120 ILE A N   1 
ATOM   923  C CA  . ILE A 1 120 ? -4.266  -8.960  -10.392 1.00 12.19 ? 120 ILE A CA  1 
ATOM   924  C C   . ILE A 1 120 ? -5.053  -10.223 -10.767 1.00 13.27 ? 120 ILE A C   1 
ATOM   925  O O   . ILE A 1 120 ? -6.099  -10.157 -11.416 1.00 13.84 ? 120 ILE A O   1 
ATOM   926  C CB  . ILE A 1 120 ? -3.010  -8.866  -11.300 1.00 12.33 ? 120 ILE A CB  1 
ATOM   927  C CG1 . ILE A 1 120 ? -2.275  -7.548  -11.053 1.00 11.41 ? 120 ILE A CG1 1 
ATOM   928  C CG2 . ILE A 1 120 ? -3.393  -9.027  -12.781 1.00 13.22 ? 120 ILE A CG2 1 
ATOM   929  C CD1 . ILE A 1 120 ? -0.894  -7.497  -11.695 1.00 13.83 ? 120 ILE A CD1 1 
ATOM   930  N N   . SER A 1 121 ? -4.556  -11.372 -10.337 1.00 13.22 ? 121 SER A N   1 
ATOM   931  C CA  . SER A 1 121 ? -5.222  -12.632 -10.618 1.00 15.54 ? 121 SER A CA  1 
ATOM   932  C C   . SER A 1 121 ? -6.649  -12.703 -10.043 1.00 16.38 ? 121 SER A C   1 
ATOM   933  O O   . SER A 1 121 ? -7.617  -12.891 -10.795 1.00 16.86 ? 121 SER A O   1 
ATOM   934  C CB  . SER A 1 121 ? -4.378  -13.775 -10.078 1.00 15.36 ? 121 SER A CB  1 
ATOM   935  O OG  . SER A 1 121 ? -5.003  -15.010 -10.337 1.00 21.78 ? 121 SER A OG  1 
ATOM   936  N N   . LYS A 1 122 ? -6.789  -12.443 -8.743  1.00 16.11 ? 122 LYS A N   1 
ATOM   937  C CA  . LYS A 1 122 ? -8.084  -12.522 -8.068  1.00 17.08 ? 122 LYS A CA  1 
ATOM   938  C C   . LYS A 1 122 ? -9.137  -11.485 -8.458  1.00 17.47 ? 122 LYS A C   1 
ATOM   939  O O   . LYS A 1 122 ? -10.325 -11.666 -8.167  1.00 16.42 ? 122 LYS A O   1 
ATOM   940  C CB  . LYS A 1 122 ? -7.902  -12.551 -6.551  1.00 18.12 ? 122 LYS A CB  1 
ATOM   941  C CG  . LYS A 1 122 ? -7.024  -13.683 -6.052  1.00 21.18 ? 122 LYS A CG  1 
ATOM   942  C CD  . LYS A 1 122 ? -7.511  -15.030 -6.505  1.00 23.00 ? 122 LYS A CD  1 
ATOM   943  C CE  . LYS A 1 122 ? -6.789  -16.142 -5.743  1.00 25.77 ? 122 LYS A CE  1 
ATOM   944  N NZ  . LYS A 1 122 ? -5.373  -16.328 -6.157  1.00 24.86 ? 122 LYS A NZ  1 
ATOM   945  N N   . LEU A 1 123 ? -8.715  -10.389 -9.081  1.00 17.21 ? 123 LEU A N   1 
ATOM   946  C CA  . LEU A 1 123 ? -9.663  -9.375  -9.542  1.00 17.48 ? 123 LEU A CA  1 
ATOM   947  C C   . LEU A 1 123 ? -10.096 -9.716  -10.968 1.00 17.95 ? 123 LEU A C   1 
ATOM   948  O O   . LEU A 1 123 ? -10.686 -8.895  -11.658 1.00 19.77 ? 123 LEU A O   1 
ATOM   949  C CB  . LEU A 1 123 ? -9.052  -7.962  -9.480  1.00 18.07 ? 123 LEU A CB  1 
ATOM   950  C CG  . LEU A 1 123 ? -8.805  -7.378  -8.079  1.00 18.78 ? 123 LEU A CG  1 
ATOM   951  C CD1 . LEU A 1 123 ? -8.236  -5.991  -8.208  1.00 19.09 ? 123 LEU A CD1 1 
ATOM   952  C CD2 . LEU A 1 123 ? -10.100 -7.339  -7.250  1.00 20.28 ? 123 LEU A CD2 1 
ATOM   953  N N   . GLY A 1 124 ? -9.787  -10.935 -11.399 1.00 18.13 ? 124 GLY A N   1 
ATOM   954  C CA  . GLY A 1 124 ? -10.146 -11.384 -12.733 1.00 20.29 ? 124 GLY A CA  1 
ATOM   955  C C   . GLY A 1 124 ? -9.129  -10.976 -13.773 1.00 22.02 ? 124 GLY A C   1 
ATOM   956  O O   . GLY A 1 124 ? -9.504  -10.562 -14.877 1.00 21.47 ? 124 GLY A O   1 
ATOM   957  N N   . ASN A 1 125 ? -7.848  -11.125 -13.433 1.00 21.67 ? 125 ASN A N   1 
ATOM   958  C CA  . ASN A 1 125 ? -6.739  -10.752 -14.313 1.00 22.28 ? 125 ASN A CA  1 
ATOM   959  C C   . ASN A 1 125 ? -6.868  -9.283  -14.753 1.00 21.58 ? 125 ASN A C   1 
ATOM   960  O O   . ASN A 1 125 ? -6.717  -8.940  -15.928 1.00 22.07 ? 125 ASN A O   1 
ATOM   961  C CB  A ASN A 1 125 ? -6.675  -11.690 -15.533 0.50 24.36 ? 125 ASN A CB  1 
ATOM   962  C CB  B ASN A 1 125 ? -6.689  -11.671 -15.537 0.50 24.39 ? 125 ASN A CB  1 
ATOM   963  C CG  A ASN A 1 125 ? -5.392  -11.518 -16.352 0.50 26.31 ? 125 ASN A CG  1 
ATOM   964  C CG  B ASN A 1 125 ? -6.016  -12.994 -15.243 0.50 26.18 ? 125 ASN A CG  1 
ATOM   965  O OD1 A ASN A 1 125 ? -5.378  -11.755 -17.562 0.50 26.99 ? 125 ASN A OD1 1 
ATOM   966  O OD1 B ASN A 1 125 ? -6.474  -13.770 -14.409 0.50 28.04 ? 125 ASN A OD1 1 
ATOM   967  N ND2 A ASN A 1 125 ? -4.301  -11.148 -15.687 0.50 27.59 ? 125 ASN A ND2 1 
ATOM   968  N ND2 B ASN A 1 125 ? -4.911  -13.253 -15.925 0.50 28.82 ? 125 ASN A ND2 1 
ATOM   969  N N   . ASN A 1 126 ? -7.133  -8.416  -13.783 1.00 18.28 ? 126 ASN A N   1 
ATOM   970  C CA  . ASN A 1 126 ? -7.301  -6.993  -14.048 1.00 18.00 ? 126 ASN A CA  1 
ATOM   971  C C   . ASN A 1 126 ? -6.263  -6.205  -13.251 1.00 17.02 ? 126 ASN A C   1 
ATOM   972  O O   . ASN A 1 126 ? -6.341  -6.123  -12.023 1.00 16.35 ? 126 ASN A O   1 
ATOM   973  C CB  . ASN A 1 126 ? -8.707  -6.549  -13.645 1.00 18.59 ? 126 ASN A CB  1 
ATOM   974  C CG  . ASN A 1 126 ? -9.042  -5.160  -14.134 1.00 19.22 ? 126 ASN A CG  1 
ATOM   975  O OD1 . ASN A 1 126 ? -8.155  -4.334  -14.377 1.00 20.66 ? 126 ASN A OD1 1 
ATOM   976  N ND2 . ASN A 1 126 ? -10.330 -4.896  -14.303 1.00 20.44 ? 126 ASN A ND2 1 
ATOM   977  N N   . PRO A 1 127 ? -5.259  -5.636  -13.941 1.00 15.30 ? 127 PRO A N   1 
ATOM   978  C CA  . PRO A 1 127 ? -4.200  -4.857  -13.284 1.00 14.85 ? 127 PRO A CA  1 
ATOM   979  C C   . PRO A 1 127 ? -4.526  -3.367  -13.118 1.00 14.43 ? 127 PRO A C   1 
ATOM   980  O O   . PRO A 1 127 ? -3.726  -2.606  -12.560 1.00 13.85 ? 127 PRO A O   1 
ATOM   981  C CB  . PRO A 1 127 ? -3.023  -5.054  -14.234 1.00 15.29 ? 127 PRO A CB  1 
ATOM   982  C CG  . PRO A 1 127 ? -3.700  -5.018  -15.590 1.00 16.60 ? 127 PRO A CG  1 
ATOM   983  C CD  . PRO A 1 127 ? -4.955  -5.850  -15.373 1.00 15.89 ? 127 PRO A CD  1 
ATOM   984  N N   . ASN A 1 128 ? -5.723  -2.970  -13.544 1.00 14.44 ? 128 ASN A N   1 
ATOM   985  C CA  . ASN A 1 128 ? -6.122  -1.571  -13.508 1.00 16.10 ? 128 ASN A CA  1 
ATOM   986  C C   . ASN A 1 128 ? -6.593  -0.948  -12.207 1.00 14.59 ? 128 ASN A C   1 
ATOM   987  O O   . ASN A 1 128 ? -7.667  -0.321  -12.139 1.00 15.09 ? 128 ASN A O   1 
ATOM   988  C CB  . ASN A 1 128 ? -7.093  -1.276  -14.645 1.00 20.59 ? 128 ASN A CB  1 
ATOM   989  C CG  . ASN A 1 128 ? -6.490  -1.577  -15.987 1.00 25.35 ? 128 ASN A CG  1 
ATOM   990  O OD1 . ASN A 1 128 ? -5.398  -1.094  -16.316 1.00 29.09 ? 128 ASN A OD1 1 
ATOM   991  N ND2 . ASN A 1 128 ? -7.150  -2.442  -16.749 1.00 29.77 ? 128 ASN A ND2 1 
ATOM   992  N N   . PHE A 1 129 ? -5.779  -1.121  -11.176 1.00 11.13 ? 129 PHE A N   1 
ATOM   993  C CA  . PHE A 1 129 ? -6.052  -0.517  -9.890  1.00 10.46 ? 129 PHE A CA  1 
ATOM   994  C C   . PHE A 1 129 ? -4.877  0.422   -9.628  1.00 9.98  ? 129 PHE A C   1 
ATOM   995  O O   . PHE A 1 129 ? -3.816  0.305   -10.266 1.00 9.93  ? 129 PHE A O   1 
ATOM   996  C CB  . PHE A 1 129 ? -6.199  -1.563  -8.771  1.00 10.10 ? 129 PHE A CB  1 
ATOM   997  C CG  . PHE A 1 129 ? -5.084  -2.573  -8.710  1.00 9.77  ? 129 PHE A CG  1 
ATOM   998  C CD1 . PHE A 1 129 ? -3.941  -2.323  -7.963  1.00 8.87  ? 129 PHE A CD1 1 
ATOM   999  C CD2 . PHE A 1 129 ? -5.192  -3.788  -9.393  1.00 11.03 ? 129 PHE A CD2 1 
ATOM   1000 C CE1 . PHE A 1 129 ? -2.915  -3.270  -7.893  1.00 11.46 ? 129 PHE A CE1 1 
ATOM   1001 C CE2 . PHE A 1 129 ? -4.166  -4.743  -9.330  1.00 11.64 ? 129 PHE A CE2 1 
ATOM   1002 C CZ  . PHE A 1 129 ? -3.031  -4.482  -8.579  1.00 10.20 ? 129 PHE A CZ  1 
ATOM   1003 N N   . HIS A 1 130 ? -5.095  1.390   -8.746  1.00 9.25  ? 130 HIS A N   1 
ATOM   1004 C CA  . HIS A 1 130 ? -4.065  2.357   -8.389  1.00 9.92  ? 130 HIS A CA  1 
ATOM   1005 C C   . HIS A 1 130 ? -3.057  1.769   -7.392  1.00 10.37 ? 130 HIS A C   1 
ATOM   1006 O O   . HIS A 1 130 ? -3.399  0.899   -6.580  1.00 10.90 ? 130 HIS A O   1 
ATOM   1007 C CB  . HIS A 1 130 ? -4.704  3.620   -7.791  1.00 10.48 ? 130 HIS A CB  1 
ATOM   1008 C CG  . HIS A 1 130 ? -5.442  4.455   -8.787  1.00 13.13 ? 130 HIS A CG  1 
ATOM   1009 N ND1 . HIS A 1 130 ? -6.798  4.325   -9.014  1.00 16.84 ? 130 HIS A ND1 1 
ATOM   1010 C CD2 . HIS A 1 130 ? -5.013  5.432   -9.621  1.00 11.57 ? 130 HIS A CD2 1 
ATOM   1011 C CE1 . HIS A 1 130 ? -7.172  5.186   -9.945  1.00 14.84 ? 130 HIS A CE1 1 
ATOM   1012 N NE2 . HIS A 1 130 ? -6.107  5.868   -10.328 1.00 17.34 ? 130 HIS A NE2 1 
ATOM   1013 N N   . ARG A 1 131 ? -1.829  2.274   -7.425  1.00 9.33  ? 131 ARG A N   1 
ATOM   1014 C CA  . ARG A 1 131 ? -0.792  1.812   -6.514  1.00 9.20  ? 131 ARG A CA  1 
ATOM   1015 C C   . ARG A 1 131 ? -0.001  2.980   -5.949  1.00 9.45  ? 131 ARG A C   1 
ATOM   1016 O O   . ARG A 1 131 ? 0.182   4.008   -6.618  1.00 11.59 ? 131 ARG A O   1 
ATOM   1017 C CB  . ARG A 1 131 ? 0.220   0.885   -7.224  1.00 9.58  ? 131 ARG A CB  1 
ATOM   1018 C CG  . ARG A 1 131 ? -0.368  -0.328  -7.944  1.00 9.87  ? 131 ARG A CG  1 
ATOM   1019 C CD  . ARG A 1 131 ? -0.508  -0.057  -9.435  1.00 10.60 ? 131 ARG A CD  1 
ATOM   1020 N NE  . ARG A 1 131 ? -1.091  -1.181  -10.170 1.00 10.87 ? 131 ARG A NE  1 
ATOM   1021 C CZ  . ARG A 1 131 ? -0.399  -2.210  -10.653 1.00 10.64 ? 131 ARG A CZ  1 
ATOM   1022 N NH1 . ARG A 1 131 ? 0.916   -2.279  -10.468 1.00 11.34 ? 131 ARG A NH1 1 
ATOM   1023 N NH2 . ARG A 1 131 ? -1.002  -3.121  -11.415 1.00 11.22 ? 131 ARG A NH2 1 
ATOM   1024 N N   . LEU A 1 132 ? 0.395   2.836   -4.691  1.00 8.42  ? 132 LEU A N   1 
ATOM   1025 C CA  . LEU A 1 132 ? 1.271   3.780   -4.019  1.00 8.58  ? 132 LEU A CA  1 
ATOM   1026 C C   . LEU A 1 132 ? 2.565   2.960   -3.847  1.00 9.54  ? 132 LEU A C   1 
ATOM   1027 O O   . LEU A 1 132 ? 2.612   1.981   -3.083  1.00 9.43  ? 132 LEU A O   1 
ATOM   1028 C CB  . LEU A 1 132 ? 0.723   4.220   -2.658  1.00 9.83  ? 132 LEU A CB  1 
ATOM   1029 C CG  . LEU A 1 132 ? 1.733   4.999   -1.792  1.00 10.61 ? 132 LEU A CG  1 
ATOM   1030 C CD1 . LEU A 1 132 ? 2.168   6.285   -2.494  1.00 12.16 ? 132 LEU A CD1 1 
ATOM   1031 C CD2 . LEU A 1 132 ? 1.137   5.316   -0.428  1.00 12.30 ? 132 LEU A CD2 1 
ATOM   1032 N N   . ARG A 1 133 ? 3.577   3.313   -4.631  1.00 8.85  ? 133 ARG A N   1 
ATOM   1033 C CA  . ARG A 1 133 ? 4.879   2.645   -4.638  1.00 9.21  ? 133 ARG A CA  1 
ATOM   1034 C C   . ARG A 1 133 ? 5.803   3.291   -3.603  1.00 9.03  ? 133 ARG A C   1 
ATOM   1035 O O   . ARG A 1 133 ? 6.270   4.417   -3.801  1.00 10.44 ? 133 ARG A O   1 
ATOM   1036 C CB  . ARG A 1 133 ? 5.487   2.766   -6.042  1.00 9.08  ? 133 ARG A CB  1 
ATOM   1037 C CG  . ARG A 1 133 ? 4.546   2.305   -7.158  1.00 10.45 ? 133 ARG A CG  1 
ATOM   1038 C CD  . ARG A 1 133 ? 5.039   2.717   -8.549  1.00 12.47 ? 133 ARG A CD  1 
ATOM   1039 N NE  . ARG A 1 133 ? 6.356   2.171   -8.854  1.00 15.19 ? 133 ARG A NE  1 
ATOM   1040 C CZ  . ARG A 1 133 ? 7.281   2.781   -9.596  1.00 18.45 ? 133 ARG A CZ  1 
ATOM   1041 N NH1 . ARG A 1 133 ? 7.052   3.983   -10.131 1.00 18.75 ? 133 ARG A NH1 1 
ATOM   1042 N NH2 . ARG A 1 133 ? 8.437   2.173   -9.830  1.00 18.71 ? 133 ARG A NH2 1 
ATOM   1043 N N   . ILE A 1 134 ? 6.060   2.590   -2.501  1.00 8.26  ? 134 ILE A N   1 
ATOM   1044 C CA  . ILE A 1 134 ? 6.902   3.106   -1.424  1.00 8.26  ? 134 ILE A CA  1 
ATOM   1045 C C   . ILE A 1 134 ? 8.334   2.572   -1.574  1.00 9.43  ? 134 ILE A C   1 
ATOM   1046 O O   . ILE A 1 134 ? 8.601   1.374   -1.369  1.00 8.90  ? 134 ILE A O   1 
ATOM   1047 C CB  . ILE A 1 134 ? 6.305   2.726   -0.051  1.00 9.41  ? 134 ILE A CB  1 
ATOM   1048 C CG1 . ILE A 1 134 ? 4.859   3.256   0.041   1.00 10.92 ? 134 ILE A CG1 1 
ATOM   1049 C CG2 . ILE A 1 134 ? 7.175   3.285   1.085   1.00 11.00 ? 134 ILE A CG2 1 
ATOM   1050 C CD1 . ILE A 1 134 ? 4.021   2.693   1.208   1.00 12.86 ? 134 ILE A CD1 1 
ATOM   1051 N N   . GLY A 1 135 ? 9.259   3.463   -1.924  1.00 8.56  ? 135 GLY A N   1 
ATOM   1052 C CA  . GLY A 1 135 ? 10.639  3.067   -2.145  1.00 9.19  ? 135 GLY A CA  1 
ATOM   1053 C C   . GLY A 1 135 ? 11.355  2.420   -0.976  1.00 8.81  ? 135 GLY A C   1 
ATOM   1054 O O   . GLY A 1 135 ? 11.286  2.911   0.143   1.00 9.06  ? 135 GLY A O   1 
ATOM   1055 N N   . ILE A 1 136 ? 12.001  1.280   -1.235  1.00 9.85  ? 136 ILE A N   1 
ATOM   1056 C CA  . ILE A 1 136 ? 12.783  0.577   -0.206  1.00 10.57 ? 136 ILE A CA  1 
ATOM   1057 C C   . ILE A 1 136 ? 14.226  0.303   -0.675  1.00 10.50 ? 136 ILE A C   1 
ATOM   1058 O O   . ILE A 1 136 ? 15.060  -0.161  0.102   1.00 10.81 ? 136 ILE A O   1 
ATOM   1059 C CB  . ILE A 1 136 ? 12.126  -0.779  0.257   1.00 10.33 ? 136 ILE A CB  1 
ATOM   1060 C CG1 . ILE A 1 136 ? 11.974  -1.752  -0.918  1.00 10.84 ? 136 ILE A CG1 1 
ATOM   1061 C CG2 . ILE A 1 136 ? 10.798  -0.510  0.960   1.00 10.25 ? 136 ILE A CG2 1 
ATOM   1062 C CD1 . ILE A 1 136 ? 11.685  -3.191  -0.486  1.00 10.62 ? 136 ILE A CD1 1 
ATOM   1063 N N   . GLY A 1 137 ? 14.531  0.625   -1.930  1.00 10.93 ? 137 GLY A N   1 
ATOM   1064 C CA  . GLY A 1 137 ? 15.866  0.358   -2.444  1.00 12.36 ? 137 GLY A CA  1 
ATOM   1065 C C   . GLY A 1 137 ? 15.970  -1.065  -2.988  1.00 14.10 ? 137 GLY A C   1 
ATOM   1066 O O   . GLY A 1 137 ? 15.061  -1.889  -2.800  1.00 12.71 ? 137 GLY A O   1 
ATOM   1067 N N   . HIS A 1 138 ? 17.093  -1.366  -3.642  1.00 15.24 ? 138 HIS A N   1 
ATOM   1068 C CA  . HIS A 1 138 ? 17.324  -2.672  -4.261  1.00 18.10 ? 138 HIS A CA  1 
ATOM   1069 C C   . HIS A 1 138 ? 18.695  -3.159  -3.803  1.00 19.87 ? 138 HIS A C   1 
ATOM   1070 O O   . HIS A 1 138 ? 19.648  -2.384  -3.795  1.00 19.92 ? 138 HIS A O   1 
ATOM   1071 C CB  . HIS A 1 138 ? 17.302  -2.521  -5.789  1.00 17.54 ? 138 HIS A CB  1 
ATOM   1072 C CG  . HIS A 1 138 ? 17.205  -3.819  -6.531  1.00 19.97 ? 138 HIS A CG  1 
ATOM   1073 N ND1 . HIS A 1 138 ? 16.165  -4.112  -7.386  1.00 22.17 ? 138 HIS A ND1 1 
ATOM   1074 C CD2 . HIS A 1 138 ? 18.023  -4.897  -6.558  1.00 19.92 ? 138 HIS A CD2 1 
ATOM   1075 C CE1 . HIS A 1 138 ? 16.345  -5.312  -7.905  1.00 22.11 ? 138 HIS A CE1 1 
ATOM   1076 N NE2 . HIS A 1 138 ? 17.468  -5.810  -7.417  1.00 22.86 ? 138 HIS A NE2 1 
ATOM   1077 N N   . PRO A 1 139 ? 18.818  -4.454  -3.458  1.00 19.83 ? 139 PRO A N   1 
ATOM   1078 C CA  . PRO A 1 139 ? 20.102  -5.008  -2.995  1.00 22.84 ? 139 PRO A CA  1 
ATOM   1079 C C   . PRO A 1 139 ? 21.201  -5.246  -4.053  1.00 24.73 ? 139 PRO A C   1 
ATOM   1080 O O   . PRO A 1 139 ? 22.374  -5.361  -3.702  1.00 25.89 ? 139 PRO A O   1 
ATOM   1081 C CB  . PRO A 1 139 ? 19.679  -6.297  -2.288  1.00 21.23 ? 139 PRO A CB  1 
ATOM   1082 C CG  . PRO A 1 139 ? 18.493  -6.736  -3.096  1.00 20.23 ? 139 PRO A CG  1 
ATOM   1083 C CD  . PRO A 1 139 ? 17.734  -5.439  -3.295  1.00 19.75 ? 139 PRO A CD  1 
ATOM   1084 N N   . GLY A 1 140 ? 20.821  -5.348  -5.326  1.00 26.14 ? 140 GLY A N   1 
ATOM   1085 C CA  . GLY A 1 140 ? 21.813  -5.560  -6.379  1.00 28.47 ? 140 GLY A CA  1 
ATOM   1086 C C   . GLY A 1 140 ? 21.453  -6.613  -7.415  1.00 29.03 ? 140 GLY A C   1 
ATOM   1087 O O   . GLY A 1 140 ? 21.666  -6.423  -8.614  1.00 28.33 ? 140 GLY A O   1 
ATOM   1088 N N   . ASP A 1 141 ? 20.904  -7.732  -6.951  1.00 30.26 ? 141 ASP A N   1 
ATOM   1089 C CA  . ASP A 1 141 ? 20.497  -8.820  -7.836  1.00 32.16 ? 141 ASP A CA  1 
ATOM   1090 C C   . ASP A 1 141 ? 19.366  -9.608  -7.194  1.00 32.48 ? 141 ASP A C   1 
ATOM   1091 O O   . ASP A 1 141 ? 19.094  -9.452  -6.004  1.00 32.61 ? 141 ASP A O   1 
ATOM   1092 C CB  . ASP A 1 141 ? 21.674  -9.747  -8.154  1.00 34.39 ? 141 ASP A CB  1 
ATOM   1093 C CG  . ASP A 1 141 ? 22.366  -10.259 -6.909  1.00 35.79 ? 141 ASP A CG  1 
ATOM   1094 O OD1 . ASP A 1 141 ? 21.831  -11.177 -6.248  1.00 36.51 ? 141 ASP A OD1 1 
ATOM   1095 O OD2 . ASP A 1 141 ? 23.447  -9.726  -6.599  1.00 38.45 ? 141 ASP A OD2 1 
ATOM   1096 N N   . LYS A 1 142 ? 18.741  -10.476 -7.976  1.00 32.10 ? 142 LYS A N   1 
ATOM   1097 C CA  . LYS A 1 142 ? 17.612  -11.275 -7.515  1.00 34.51 ? 142 LYS A CA  1 
ATOM   1098 C C   . LYS A 1 142 ? 17.894  -12.252 -6.373  1.00 34.34 ? 142 LYS A C   1 
ATOM   1099 O O   . LYS A 1 142 ? 17.009  -12.541 -5.567  1.00 34.76 ? 142 LYS A O   1 
ATOM   1100 C CB  . LYS A 1 142 ? 16.986  -12.014 -8.700  1.00 35.56 ? 142 LYS A CB  1 
ATOM   1101 C CG  . LYS A 1 142 ? 16.355  -11.086 -9.729  1.00 37.09 ? 142 LYS A CG  1 
ATOM   1102 C CD  . LYS A 1 142 ? 16.165  -11.804 -11.055 1.00 37.74 ? 142 LYS A CD  1 
ATOM   1103 C CE  . LYS A 1 142 ? 15.439  -10.926 -12.056 1.00 37.39 ? 142 LYS A CE  1 
ATOM   1104 N NZ  . LYS A 1 142 ? 15.171  -11.627 -13.348 1.00 33.80 ? 142 LYS A NZ  1 
ATOM   1105 N N   . ASN A 1 143 ? 19.129  -12.730 -6.285  1.00 34.02 ? 143 ASN A N   1 
ATOM   1106 C CA  . ASN A 1 143 ? 19.495  -13.679 -5.236  1.00 34.13 ? 143 ASN A CA  1 
ATOM   1107 C C   . ASN A 1 143 ? 19.441  -13.073 -3.843  1.00 32.20 ? 143 ASN A C   1 
ATOM   1108 O O   . ASN A 1 143 ? 19.167  -13.774 -2.871  1.00 32.42 ? 143 ASN A O   1 
ATOM   1109 C CB  . ASN A 1 143 ? 20.891  -14.258 -5.491  1.00 37.12 ? 143 ASN A CB  1 
ATOM   1110 C CG  . ASN A 1 143 ? 20.970  -15.026 -6.793  1.00 40.35 ? 143 ASN A CG  1 
ATOM   1111 O OD1 . ASN A 1 143 ? 20.183  -15.943 -7.038  1.00 41.78 ? 143 ASN A OD1 1 
ATOM   1112 N ND2 . ASN A 1 143 ? 21.907  -14.635 -7.652  1.00 42.83 ? 143 ASN A ND2 1 
ATOM   1113 N N   . LYS A 1 144 ? 19.673  -11.769 -3.746  1.00 28.81 ? 144 LYS A N   1 
ATOM   1114 C CA  . LYS A 1 144 ? 19.664  -11.094 -2.444  1.00 25.95 ? 144 LYS A CA  1 
ATOM   1115 C C   . LYS A 1 144 ? 18.305  -10.507 -2.059  1.00 22.36 ? 144 LYS A C   1 
ATOM   1116 O O   . LYS A 1 144 ? 18.107  -10.103 -0.912  1.00 20.28 ? 144 LYS A O   1 
ATOM   1117 C CB  . LYS A 1 144 ? 20.721  -9.982  -2.416  1.00 28.75 ? 144 LYS A CB  1 
ATOM   1118 C CG  . LYS A 1 144 ? 22.164  -10.440 -2.629  1.00 30.47 ? 144 LYS A CG  1 
ATOM   1119 C CD  . LYS A 1 144 ? 23.093  -9.240  -2.806  1.00 34.34 ? 144 LYS A CD  1 
ATOM   1120 C CE  . LYS A 1 144 ? 24.526  -9.662  -3.117  1.00 36.60 ? 144 LYS A CE  1 
ATOM   1121 N NZ  . LYS A 1 144 ? 24.569  -10.567 -4.307  1.00 40.11 ? 144 LYS A NZ  1 
ATOM   1122 N N   . VAL A 1 145 ? 17.362  -10.506 -3.000  1.00 20.83 ? 145 VAL A N   1 
ATOM   1123 C CA  . VAL A 1 145 ? 16.047  -9.929  -2.755  1.00 19.44 ? 145 VAL A CA  1 
ATOM   1124 C C   . VAL A 1 145 ? 15.265  -10.549 -1.598  1.00 19.27 ? 145 VAL A C   1 
ATOM   1125 O O   . VAL A 1 145 ? 14.709  -9.815  -0.783  1.00 17.89 ? 145 VAL A O   1 
ATOM   1126 C CB  . VAL A 1 145 ? 15.192  -9.891  -4.045  1.00 19.58 ? 145 VAL A CB  1 
ATOM   1127 C CG1 . VAL A 1 145 ? 13.766  -9.455  -3.743  1.00 20.55 ? 145 VAL A CG1 1 
ATOM   1128 C CG2 . VAL A 1 145 ? 15.809  -8.920  -5.035  1.00 19.66 ? 145 VAL A CG2 1 
ATOM   1129 N N   . VAL A 1 146 ? 15.254  -11.878 -1.490  1.00 19.84 ? 146 VAL A N   1 
ATOM   1130 C CA  . VAL A 1 146 ? 14.497  -12.544 -0.415  1.00 20.79 ? 146 VAL A CA  1 
ATOM   1131 C C   . VAL A 1 146 ? 14.881  -12.072 0.984   1.00 19.14 ? 146 VAL A C   1 
ATOM   1132 O O   . VAL A 1 146 ? 14.024  -11.615 1.747   1.00 19.50 ? 146 VAL A O   1 
ATOM   1133 C CB  . VAL A 1 146 ? 14.612  -14.084 -0.479  1.00 21.76 ? 146 VAL A CB  1 
ATOM   1134 C CG1 . VAL A 1 146 ? 13.757  -14.715 0.622   1.00 22.57 ? 146 VAL A CG1 1 
ATOM   1135 C CG2 . VAL A 1 146 ? 14.178  -14.591 -1.850  1.00 23.95 ? 146 VAL A CG2 1 
ATOM   1136 N N   . GLY A 1 147 ? 16.168  -12.145 1.312   1.00 18.23 ? 147 GLY A N   1 
ATOM   1137 C CA  . GLY A 1 147 ? 16.625  -11.718 2.622   1.00 17.48 ? 147 GLY A CA  1 
ATOM   1138 C C   . GLY A 1 147 ? 16.460  -10.222 2.836   1.00 18.16 ? 147 GLY A C   1 
ATOM   1139 O O   . GLY A 1 147 ? 16.315  -9.763  3.966   1.00 18.24 ? 147 GLY A O   1 
ATOM   1140 N N   . PHE A 1 148 ? 16.478  -9.462  1.739   1.00 17.07 ? 148 PHE A N   1 
ATOM   1141 C CA  . PHE A 1 148 ? 16.326  -8.009  1.793   1.00 14.93 ? 148 PHE A CA  1 
ATOM   1142 C C   . PHE A 1 148 ? 14.882  -7.583  2.145   1.00 13.86 ? 148 PHE A C   1 
ATOM   1143 O O   . PHE A 1 148 ? 14.669  -6.833  3.110   1.00 13.31 ? 148 PHE A O   1 
ATOM   1144 C CB  . PHE A 1 148 ? 16.765  -7.403  0.454   1.00 13.80 ? 148 PHE A CB  1 
ATOM   1145 C CG  . PHE A 1 148 ? 16.781  -5.895  0.434   1.00 16.27 ? 148 PHE A CG  1 
ATOM   1146 C CD1 . PHE A 1 148 ? 17.839  -5.187  1.004   1.00 16.58 ? 148 PHE A CD1 1 
ATOM   1147 C CD2 . PHE A 1 148 ? 15.766  -5.181  -0.206  1.00 15.89 ? 148 PHE A CD2 1 
ATOM   1148 C CE1 . PHE A 1 148 ? 17.884  -3.792  0.926   1.00 17.67 ? 148 PHE A CE1 1 
ATOM   1149 C CE2 . PHE A 1 148 ? 15.807  -3.790  -0.288  1.00 16.05 ? 148 PHE A CE2 1 
ATOM   1150 C CZ  . PHE A 1 148 ? 16.860  -3.095  0.274   1.00 15.38 ? 148 PHE A CZ  1 
ATOM   1151 N N   . VAL A 1 149 ? 13.893  -8.058  1.386   1.00 12.98 ? 149 VAL A N   1 
ATOM   1152 C CA  . VAL A 1 149 ? 12.512  -7.671  1.667   1.00 14.18 ? 149 VAL A CA  1 
ATOM   1153 C C   . VAL A 1 149 ? 11.993  -8.213  2.996   1.00 14.94 ? 149 VAL A C   1 
ATOM   1154 O O   . VAL A 1 149 ? 11.079  -7.628  3.604   1.00 13.84 ? 149 VAL A O   1 
ATOM   1155 C CB  . VAL A 1 149 ? 11.523  -8.009  0.511   1.00 14.96 ? 149 VAL A CB  1 
ATOM   1156 C CG1 . VAL A 1 149 ? 11.973  -7.326  -0.790  1.00 15.35 ? 149 VAL A CG1 1 
ATOM   1157 C CG2 . VAL A 1 149 ? 11.380  -9.502  0.326   1.00 14.31 ? 149 VAL A CG2 1 
ATOM   1158 N N   . LEU A 1 150 ? 12.557  -9.336  3.442   1.00 14.56 ? 150 LEU A N   1 
ATOM   1159 C CA  . LEU A 1 150 ? 12.152  -9.906  4.720   1.00 15.68 ? 150 LEU A CA  1 
ATOM   1160 C C   . LEU A 1 150 ? 13.107  -9.450  5.837   1.00 16.88 ? 150 LEU A C   1 
ATOM   1161 O O   . LEU A 1 150 ? 13.136  -10.013 6.937   1.00 18.62 ? 150 LEU A O   1 
ATOM   1162 C CB  . LEU A 1 150 ? 12.039  -11.432 4.621   1.00 13.96 ? 150 LEU A CB  1 
ATOM   1163 C CG  . LEU A 1 150 ? 10.964  -11.915 3.636   1.00 14.30 ? 150 LEU A CG  1 
ATOM   1164 C CD1 . LEU A 1 150 ? 10.911  -13.449 3.630   1.00 14.81 ? 150 LEU A CD1 1 
ATOM   1165 C CD2 . LEU A 1 150 ? 9.599   -11.330 3.995   1.00 15.23 ? 150 LEU A CD2 1 
ATOM   1166 N N   . GLY A 1 151 ? 13.862  -8.392  5.555   1.00 16.38 ? 151 GLY A N   1 
ATOM   1167 C CA  . GLY A 1 151 ? 14.782  -7.840  6.524   1.00 15.57 ? 151 GLY A CA  1 
ATOM   1168 C C   . GLY A 1 151 ? 14.260  -6.505  7.033   1.00 16.31 ? 151 GLY A C   1 
ATOM   1169 O O   . GLY A 1 151 ? 13.396  -5.885  6.411   1.00 15.58 ? 151 GLY A O   1 
ATOM   1170 N N   . LYS A 1 152 ? 14.774  -6.078  8.181   1.00 17.71 ? 152 LYS A N   1 
ATOM   1171 C CA  . LYS A 1 152 ? 14.408  -4.819  8.823   1.00 17.76 ? 152 LYS A CA  1 
ATOM   1172 C C   . LYS A 1 152 ? 15.412  -3.750  8.349   1.00 18.27 ? 152 LYS A C   1 
ATOM   1173 O O   . LYS A 1 152 ? 16.622  -3.996  8.332   1.00 17.60 ? 152 LYS A O   1 
ATOM   1174 C CB  . LYS A 1 152 ? 14.493  -5.006  10.340  1.00 19.96 ? 152 LYS A CB  1 
ATOM   1175 C CG  . LYS A 1 152 ? 14.096  -3.797  11.152  1.00 26.65 ? 152 LYS A CG  1 
ATOM   1176 C CD  . LYS A 1 152 ? 14.237  -4.060  12.655  1.00 31.10 ? 152 LYS A CD  1 
ATOM   1177 C CE  . LYS A 1 152 ? 14.121  -2.751  13.440  1.00 34.47 ? 152 LYS A CE  1 
ATOM   1178 N NZ  . LYS A 1 152 ? 14.257  -2.931  14.917  1.00 38.41 ? 152 LYS A NZ  1 
ATOM   1179 N N   . PRO A 1 153 ? 14.930  -2.565  7.916   1.00 17.89 ? 153 PRO A N   1 
ATOM   1180 C CA  . PRO A 1 153 ? 15.849  -1.518  7.448   1.00 16.48 ? 153 PRO A CA  1 
ATOM   1181 C C   . PRO A 1 153 ? 16.636  -0.864  8.579   1.00 16.13 ? 153 PRO A C   1 
ATOM   1182 O O   . PRO A 1 153 ? 16.159  -0.806  9.720   1.00 14.73 ? 153 PRO A O   1 
ATOM   1183 C CB  A PRO A 1 153 ? 14.908  -0.523  6.765   0.33 16.88 ? 153 PRO A CB  1 
ATOM   1184 C CB  B PRO A 1 153 ? 14.904  -0.473  6.837   0.67 16.41 ? 153 PRO A CB  1 
ATOM   1185 C CG  A PRO A 1 153 ? 13.655  -0.661  7.555   0.33 16.57 ? 153 PRO A CG  1 
ATOM   1186 C CG  B PRO A 1 153 ? 13.584  -1.169  6.690   0.67 16.83 ? 153 PRO A CG  1 
ATOM   1187 C CD  A PRO A 1 153 ? 13.526  -2.149  7.740   0.33 17.14 ? 153 PRO A CD  1 
ATOM   1188 C CD  B PRO A 1 153 ? 13.540  -2.083  7.874   0.67 16.88 ? 153 PRO A CD  1 
ATOM   1189 N N   . PRO A 1 154 ? 17.879  -0.427  8.300   1.00 15.16 ? 154 PRO A N   1 
ATOM   1190 C CA  . PRO A 1 154 ? 18.677  0.232   9.341   1.00 16.00 ? 154 PRO A CA  1 
ATOM   1191 C C   . PRO A 1 154 ? 17.930  1.533   9.717   1.00 16.68 ? 154 PRO A C   1 
ATOM   1192 O O   . PRO A 1 154 ? 17.137  2.051   8.916   1.00 15.93 ? 154 PRO A O   1 
ATOM   1193 C CB  A PRO A 1 154 ? 20.008  0.508   8.632   0.48 16.61 ? 154 PRO A CB  1 
ATOM   1194 C CB  B PRO A 1 154 ? 19.983  0.559   8.608   0.52 16.60 ? 154 PRO A CB  1 
ATOM   1195 C CG  A PRO A 1 154 ? 19.625  0.620   7.194   0.48 15.93 ? 154 PRO A CG  1 
ATOM   1196 C CG  B PRO A 1 154 ? 20.088  -0.527  7.585   0.52 16.18 ? 154 PRO A CG  1 
ATOM   1197 C CD  A PRO A 1 154 ? 18.627  -0.507  7.036   0.48 15.86 ? 154 PRO A CD  1 
ATOM   1198 C CD  B PRO A 1 154 ? 18.668  -0.634  7.075   0.52 15.60 ? 154 PRO A CD  1 
ATOM   1199 N N   . VAL A 1 155 ? 18.196  2.071   10.905  1.00 18.19 ? 155 VAL A N   1 
ATOM   1200 C CA  . VAL A 1 155 ? 17.529  3.293   11.377  1.00 19.23 ? 155 VAL A CA  1 
ATOM   1201 C C   . VAL A 1 155 ? 17.504  4.469   10.384  1.00 20.40 ? 155 VAL A C   1 
ATOM   1202 O O   . VAL A 1 155 ? 16.456  5.097   10.183  1.00 19.06 ? 155 VAL A O   1 
ATOM   1203 C CB  . VAL A 1 155 ? 18.109  3.768   12.754  1.00 21.31 ? 155 VAL A CB  1 
ATOM   1204 C CG1 . VAL A 1 155 ? 17.593  5.164   13.108  1.00 20.51 ? 155 VAL A CG1 1 
ATOM   1205 C CG2 . VAL A 1 155 ? 17.714  2.773   13.855  1.00 21.82 ? 155 VAL A CG2 1 
ATOM   1206 N N   . SER A 1 156 ? 18.631  4.748   9.729   1.00 20.82 ? 156 SER A N   1 
ATOM   1207 C CA  . SER A 1 156 ? 18.669  5.863   8.790   1.00 22.23 ? 156 SER A CA  1 
ATOM   1208 C C   . SER A 1 156 ? 17.709  5.670   7.607   1.00 19.90 ? 156 SER A C   1 
ATOM   1209 O O   . SER A 1 156 ? 17.071  6.625   7.172   1.00 20.74 ? 156 SER A O   1 
ATOM   1210 C CB  . SER A 1 156 ? 20.101  6.143   8.310   1.00 24.06 ? 156 SER A CB  1 
ATOM   1211 O OG  . SER A 1 156 ? 20.565  5.128   7.446   1.00 28.98 ? 156 SER A OG  1 
ATOM   1212 N N   . GLU A 1 157 ? 17.598  4.445   7.094   1.00 17.15 ? 157 GLU A N   1 
ATOM   1213 C CA  . GLU A 1 157 ? 16.676  4.178   5.991   1.00 15.79 ? 157 GLU A CA  1 
ATOM   1214 C C   . GLU A 1 157 ? 15.238  4.240   6.472   1.00 13.50 ? 157 GLU A C   1 
ATOM   1215 O O   . GLU A 1 157 ? 14.368  4.728   5.759   1.00 14.53 ? 157 GLU A O   1 
ATOM   1216 C CB  . GLU A 1 157 ? 16.930  2.817   5.354   1.00 15.30 ? 157 GLU A CB  1 
ATOM   1217 C CG  . GLU A 1 157 ? 18.088  2.814   4.429   1.00 18.50 ? 157 GLU A CG  1 
ATOM   1218 C CD  . GLU A 1 157 ? 18.275  1.496   3.714   1.00 18.30 ? 157 GLU A CD  1 
ATOM   1219 O OE1 . GLU A 1 157 ? 17.504  0.535   3.947   1.00 18.07 ? 157 GLU A OE1 1 
ATOM   1220 O OE2 . GLU A 1 157 ? 19.209  1.437   2.899   1.00 20.75 ? 157 GLU A OE2 1 
ATOM   1221 N N   . GLN A 1 158 ? 14.989  3.741   7.681   1.00 13.38 ? 158 GLN A N   1 
ATOM   1222 C CA  . GLN A 1 158 ? 13.643  3.774   8.251   1.00 13.54 ? 158 GLN A CA  1 
ATOM   1223 C C   . GLN A 1 158 ? 13.144  5.223   8.348   1.00 14.27 ? 158 GLN A C   1 
ATOM   1224 O O   . GLN A 1 158 ? 11.986  5.513   8.028   1.00 12.97 ? 158 GLN A O   1 
ATOM   1225 C CB  . GLN A 1 158 ? 13.621  3.125   9.642   1.00 15.54 ? 158 GLN A CB  1 
ATOM   1226 C CG  . GLN A 1 158 ? 12.218  3.026   10.254  1.00 18.04 ? 158 GLN A CG  1 
ATOM   1227 C CD  . GLN A 1 158 ? 11.296  2.132   9.440   1.00 22.81 ? 158 GLN A CD  1 
ATOM   1228 O OE1 . GLN A 1 158 ? 10.227  2.558   8.989   1.00 25.68 ? 158 GLN A OE1 1 
ATOM   1229 N NE2 . GLN A 1 158 ? 11.707  0.887   9.240   1.00 22.37 ? 158 GLN A NE2 1 
ATOM   1230 N N   . LYS A 1 159 ? 14.021  6.137   8.770   1.00 14.70 ? 159 LYS A N   1 
ATOM   1231 C CA  . LYS A 1 159 ? 13.641  7.545   8.889   1.00 15.66 ? 159 LYS A CA  1 
ATOM   1232 C C   . LYS A 1 159 ? 13.196  8.080   7.522   1.00 14.67 ? 159 LYS A C   1 
ATOM   1233 O O   . LYS A 1 159 ? 12.191  8.788   7.433   1.00 14.23 ? 159 LYS A O   1 
ATOM   1234 C CB  A LYS A 1 159 ? 14.822  8.386   9.397   0.50 17.48 ? 159 LYS A CB  1 
ATOM   1235 C CB  B LYS A 1 159 ? 14.801  8.382   9.442   0.50 20.11 ? 159 LYS A CB  1 
ATOM   1236 C CG  A LYS A 1 159 ? 15.393  7.981   10.763  0.50 20.42 ? 159 LYS A CG  1 
ATOM   1237 C CG  B LYS A 1 159 ? 14.389  9.746   10.015  0.50 26.13 ? 159 LYS A CG  1 
ATOM   1238 C CD  A LYS A 1 159 ? 14.512  8.417   11.917  0.50 23.79 ? 159 LYS A CD  1 
ATOM   1239 C CD  B LYS A 1 159 ? 14.534  10.877  9.003   0.50 31.68 ? 159 LYS A CD  1 
ATOM   1240 C CE  A LYS A 1 159 ? 15.103  7.978   13.255  0.50 26.13 ? 159 LYS A CE  1 
ATOM   1241 C CE  B LYS A 1 159 ? 14.070  12.222  9.581   0.50 34.91 ? 159 LYS A CE  1 
ATOM   1242 N NZ  A LYS A 1 159 ? 14.238  8.365   14.411  0.50 27.78 ? 159 LYS A NZ  1 
ATOM   1243 N NZ  B LYS A 1 159 ? 12.817  12.740  8.939   0.50 36.31 ? 159 LYS A NZ  1 
ATOM   1244 N N   . LEU A 1 160 ? 13.932  7.731   6.461   1.00 12.43 ? 160 LEU A N   1 
ATOM   1245 C CA  . LEU A 1 160 ? 13.587  8.181   5.109   1.00 12.78 ? 160 LEU A CA  1 
ATOM   1246 C C   . LEU A 1 160 ? 12.252  7.618   4.631   1.00 12.27 ? 160 LEU A C   1 
ATOM   1247 O O   . LEU A 1 160 ? 11.448  8.341   4.040   1.00 11.66 ? 160 LEU A O   1 
ATOM   1248 C CB  . LEU A 1 160 ? 14.702  7.827   4.106   1.00 14.32 ? 160 LEU A CB  1 
ATOM   1249 C CG  . LEU A 1 160 ? 16.008  8.620   4.238   1.00 14.96 ? 160 LEU A CG  1 
ATOM   1250 C CD1 . LEU A 1 160 ? 17.079  8.005   3.360   1.00 15.08 ? 160 LEU A CD1 1 
ATOM   1251 C CD2 . LEU A 1 160 ? 15.766  10.067  3.861   1.00 17.12 ? 160 LEU A CD2 1 
ATOM   1252 N N   . ILE A 1 161 ? 12.023  6.326   4.879   1.00 12.52 ? 161 ILE A N   1 
ATOM   1253 C CA  . ILE A 1 161 ? 10.764  5.692   4.478   1.00 12.11 ? 161 ILE A CA  1 
ATOM   1254 C C   . ILE A 1 161 ? 9.595   6.347   5.220   1.00 12.71 ? 161 ILE A C   1 
ATOM   1255 O O   . ILE A 1 161 ? 8.548   6.626   4.620   1.00 12.92 ? 161 ILE A O   1 
ATOM   1256 C CB  . ILE A 1 161 ? 10.792  4.160   4.710   1.00 12.81 ? 161 ILE A CB  1 
ATOM   1257 C CG1 . ILE A 1 161 ? 11.845  3.517   3.790   1.00 13.62 ? 161 ILE A CG1 1 
ATOM   1258 C CG2 . ILE A 1 161 ? 9.427   3.558   4.431   1.00 13.67 ? 161 ILE A CG2 1 
ATOM   1259 C CD1 . ILE A 1 161 ? 12.234  2.096   4.164   1.00 14.39 ? 161 ILE A CD1 1 
ATOM   1260 N N   . ASP A 1 162 ? 9.779   6.615   6.515   1.00 13.85 ? 162 ASP A N   1 
ATOM   1261 C CA  . ASP A 1 162 ? 8.746   7.264   7.333   1.00 13.86 ? 162 ASP A CA  1 
ATOM   1262 C C   . ASP A 1 162 ? 8.372   8.647   6.780   1.00 14.02 ? 162 ASP A C   1 
ATOM   1263 O O   . ASP A 1 162 ? 7.196   9.025   6.777   1.00 14.46 ? 162 ASP A O   1 
ATOM   1264 C CB  . ASP A 1 162 ? 9.188   7.378   8.804   1.00 16.63 ? 162 ASP A CB  1 
ATOM   1265 C CG  . ASP A 1 162 ? 9.126   6.045   9.545   1.00 20.11 ? 162 ASP A CG  1 
ATOM   1266 O OD1 . ASP A 1 162 ? 8.547   5.077   9.001   1.00 22.52 ? 162 ASP A OD1 1 
ATOM   1267 O OD2 . ASP A 1 162 ? 9.658   5.965   10.673  1.00 23.34 ? 162 ASP A OD2 1 
ATOM   1268 N N   . GLU A 1 163 ? 9.367   9.394   6.304   1.00 14.98 ? 163 GLU A N   1 
ATOM   1269 C CA  . GLU A 1 163 ? 9.115   10.707  5.716   1.00 15.77 ? 163 GLU A CA  1 
ATOM   1270 C C   . GLU A 1 163 ? 8.250   10.571  4.466   1.00 14.86 ? 163 GLU A C   1 
ATOM   1271 O O   . GLU A 1 163 ? 7.304   11.336  4.264   1.00 14.96 ? 163 GLU A O   1 
ATOM   1272 C CB  . GLU A 1 163 ? 10.419  11.382  5.296   1.00 19.42 ? 163 GLU A CB  1 
ATOM   1273 C CG  . GLU A 1 163 ? 11.178  12.063  6.385   1.00 27.42 ? 163 GLU A CG  1 
ATOM   1274 C CD  . GLU A 1 163 ? 12.472  12.645  5.850   1.00 30.76 ? 163 GLU A CD  1 
ATOM   1275 O OE1 . GLU A 1 163 ? 12.408  13.443  4.886   1.00 32.86 ? 163 GLU A OE1 1 
ATOM   1276 O OE2 . GLU A 1 163 ? 13.547  12.281  6.386   1.00 34.21 ? 163 GLU A OE2 1 
ATOM   1277 N N   . ALA A 1 164 ? 8.613   9.633   3.597   1.00 12.52 ? 164 ALA A N   1 
ATOM   1278 C CA  . ALA A 1 164 ? 7.863   9.431   2.363   1.00 12.31 ? 164 ALA A CA  1 
ATOM   1279 C C   . ALA A 1 164 ? 6.429   9.013   2.653   1.00 12.04 ? 164 ALA A C   1 
ATOM   1280 O O   . ALA A 1 164 ? 5.504   9.484   1.996   1.00 11.89 ? 164 ALA A O   1 
ATOM   1281 C CB  . ALA A 1 164 ? 8.545   8.395   1.483   1.00 12.02 ? 164 ALA A CB  1 
ATOM   1282 N N   . ILE A 1 165 ? 6.244   8.140   3.643   1.00 11.73 ? 165 ILE A N   1 
ATOM   1283 C CA  . ILE A 1 165 ? 4.905   7.666   4.007   1.00 12.96 ? 165 ILE A CA  1 
ATOM   1284 C C   . ILE A 1 165 ? 4.038   8.813   4.524   1.00 13.13 ? 165 ILE A C   1 
ATOM   1285 O O   . ILE A 1 165 ? 2.856   8.933   4.180   1.00 12.95 ? 165 ILE A O   1 
ATOM   1286 C CB  . ILE A 1 165 ? 4.995   6.504   5.032   1.00 13.61 ? 165 ILE A CB  1 
ATOM   1287 C CG1 . ILE A 1 165 ? 5.418   5.223   4.301   1.00 12.53 ? 165 ILE A CG1 1 
ATOM   1288 C CG2 . ILE A 1 165 ? 3.663   6.319   5.757   1.00 14.58 ? 165 ILE A CG2 1 
ATOM   1289 C CD1 . ILE A 1 165 ? 5.759   4.056   5.214   1.00 15.92 ? 165 ILE A CD1 1 
ATOM   1290 N N   . ASP A 1 166 ? 4.639   9.670   5.335   1.00 14.88 ? 166 ASP A N   1 
ATOM   1291 C CA  . ASP A 1 166 ? 3.945   10.837  5.877   1.00 16.49 ? 166 ASP A CA  1 
ATOM   1292 C C   . ASP A 1 166 ? 3.488   11.755  4.710   1.00 16.29 ? 166 ASP A C   1 
ATOM   1293 O O   . ASP A 1 166 ? 2.322   12.167  4.643   1.00 15.95 ? 166 ASP A O   1 
ATOM   1294 C CB  A ASP A 1 166 ? 4.898   11.604  6.799   0.50 18.80 ? 166 ASP A CB  1 
ATOM   1295 C CB  B ASP A 1 166 ? 4.881   11.564  6.837   0.50 20.40 ? 166 ASP A CB  1 
ATOM   1296 C CG  A ASP A 1 166 ? 4.191   12.599  7.700   0.50 22.46 ? 166 ASP A CG  1 
ATOM   1297 C CG  B ASP A 1 166 ? 4.432   12.973  7.138   0.50 24.82 ? 166 ASP A CG  1 
ATOM   1298 O OD1 A ASP A 1 166 ? 3.020   12.949  7.441   0.50 23.44 ? 166 ASP A OD1 1 
ATOM   1299 O OD1 B ASP A 1 166 ? 3.654   13.169  8.098   0.50 27.48 ? 166 ASP A OD1 1 
ATOM   1300 O OD2 A ASP A 1 166 ? 4.826   13.037  8.683   0.50 24.30 ? 166 ASP A OD2 1 
ATOM   1301 O OD2 B ASP A 1 166 ? 4.879   13.887  6.415   0.50 27.69 ? 166 ASP A OD2 1 
ATOM   1302 N N   . GLU A 1 167 ? 4.393   12.038  3.771   1.00 14.36 ? 167 GLU A N   1 
ATOM   1303 C CA  . GLU A 1 167 ? 4.057   12.878  2.624   1.00 13.84 ? 167 GLU A CA  1 
ATOM   1304 C C   . GLU A 1 167 ? 2.971   12.206  1.769   1.00 13.98 ? 167 GLU A C   1 
ATOM   1305 O O   . GLU A 1 167 ? 2.015   12.860  1.332   1.00 13.55 ? 167 GLU A O   1 
ATOM   1306 C CB  . GLU A 1 167 ? 5.313   13.148  1.785   1.00 15.13 ? 167 GLU A CB  1 
ATOM   1307 C CG  . GLU A 1 167 ? 5.087   13.987  0.532   1.00 16.48 ? 167 GLU A CG  1 
ATOM   1308 C CD  . GLU A 1 167 ? 4.740   15.447  0.806   1.00 18.79 ? 167 GLU A CD  1 
ATOM   1309 O OE1 . GLU A 1 167 ? 4.696   15.873  1.979   1.00 19.12 ? 167 GLU A OE1 1 
ATOM   1310 O OE2 . GLU A 1 167 ? 4.508   16.179  -0.179  1.00 21.80 ? 167 GLU A OE2 1 
ATOM   1311 N N   . ALA A 1 168 ? 3.118   10.900  1.540   1.00 12.61 ? 168 ALA A N   1 
ATOM   1312 C CA  . ALA A 1 168 ? 2.147   10.139  0.757   1.00 11.60 ? 168 ALA A CA  1 
ATOM   1313 C C   . ALA A 1 168 ? 0.744   10.233  1.387   1.00 11.44 ? 168 ALA A C   1 
ATOM   1314 O O   . ALA A 1 168 ? -0.245  10.369  0.674   1.00 12.67 ? 168 ALA A O   1 
ATOM   1315 C CB  . ALA A 1 168 ? 2.592   8.684   0.630   1.00 10.64 ? 168 ALA A CB  1 
ATOM   1316 N N   . ALA A 1 169 ? 0.659   10.184  2.713   1.00 13.28 ? 169 ALA A N   1 
ATOM   1317 C CA  . ALA A 1 169 ? -0.639  10.286  3.397   1.00 14.40 ? 169 ALA A CA  1 
ATOM   1318 C C   . ALA A 1 169 ? -1.284  11.653  3.128   1.00 16.35 ? 169 ALA A C   1 
ATOM   1319 O O   . ALA A 1 169 ? -2.490  11.741  2.858   1.00 15.20 ? 169 ALA A O   1 
ATOM   1320 C CB  . ALA A 1 169 ? -0.475  10.059  4.891   1.00 14.93 ? 169 ALA A CB  1 
ATOM   1321 N N   . ARG A 1 170 ? -0.490  12.719  3.191   1.00 16.41 ? 170 ARG A N   1 
ATOM   1322 C CA  . ARG A 1 170 ? -1.022  14.058  2.926   1.00 18.48 ? 170 ARG A CA  1 
ATOM   1323 C C   . ARG A 1 170 ? -1.478  14.188  1.468   1.00 18.87 ? 170 ARG A C   1 
ATOM   1324 O O   . ARG A 1 170 ? -2.528  14.771  1.195   1.00 19.25 ? 170 ARG A O   1 
ATOM   1325 C CB  . ARG A 1 170 ? 0.018   15.129  3.279   1.00 23.88 ? 170 ARG A CB  1 
ATOM   1326 C CG  . ARG A 1 170 ? 0.357   15.124  4.761   1.00 32.48 ? 170 ARG A CG  1 
ATOM   1327 C CD  . ARG A 1 170 ? 1.582   15.960  5.091   1.00 40.85 ? 170 ARG A CD  1 
ATOM   1328 N NE  . ARG A 1 170 ? 1.867   15.884  6.522   1.00 49.37 ? 170 ARG A NE  1 
ATOM   1329 C CZ  . ARG A 1 170 ? 2.713   16.682  7.173   1.00 54.05 ? 170 ARG A CZ  1 
ATOM   1330 N NH1 . ARG A 1 170 ? 3.378   17.637  6.525   1.00 56.64 ? 170 ARG A NH1 1 
ATOM   1331 N NH2 . ARG A 1 170 ? 2.884   16.541  8.487   1.00 54.95 ? 170 ARG A NH2 1 
ATOM   1332 N N   . CYS A 1 171 ? -0.715  13.624  0.534   1.00 16.17 ? 171 CYS A N   1 
ATOM   1333 C CA  . CYS A 1 171 ? -1.080  13.682  -0.874  1.00 15.53 ? 171 CYS A CA  1 
ATOM   1334 C C   . CYS A 1 171 ? -2.322  12.835  -1.194  1.00 15.94 ? 171 CYS A C   1 
ATOM   1335 O O   . CYS A 1 171 ? -3.097  13.176  -2.096  1.00 16.10 ? 171 CYS A O   1 
ATOM   1336 C CB  . CYS A 1 171 ? 0.107   13.289  -1.758  1.00 15.58 ? 171 CYS A CB  1 
ATOM   1337 S SG  . CYS A 1 171 ? 1.491   14.477  -1.692  1.00 17.97 ? 171 CYS A SG  1 
ATOM   1338 N N   . THR A 1 172 ? -2.515  11.733  -0.471  1.00 15.40 ? 172 THR A N   1 
ATOM   1339 C CA  . THR A 1 172 ? -3.695  10.888  -0.689  1.00 15.87 ? 172 THR A CA  1 
ATOM   1340 C C   . THR A 1 172 ? -4.938  11.691  -0.254  1.00 17.27 ? 172 THR A C   1 
ATOM   1341 O O   . THR A 1 172 ? -5.971  11.681  -0.926  1.00 17.05 ? 172 THR A O   1 
ATOM   1342 C CB  . THR A 1 172 ? -3.591  9.563   0.102   1.00 14.85 ? 172 THR A CB  1 
ATOM   1343 O OG1 . THR A 1 172 ? -2.457  8.822   -0.367  1.00 15.06 ? 172 THR A OG1 1 
ATOM   1344 C CG2 . THR A 1 172 ? -4.833  8.713   -0.100  1.00 15.12 ? 172 THR A CG2 1 
ATOM   1345 N N   . GLU A 1 173 ? -4.806  12.442  0.835   1.00 17.96 ? 173 GLU A N   1 
ATOM   1346 C CA  . GLU A 1 173 ? -5.919  13.253  1.303   1.00 21.03 ? 173 GLU A CA  1 
ATOM   1347 C C   . GLU A 1 173 ? -6.197  14.339  0.255   1.00 21.64 ? 173 GLU A C   1 
ATOM   1348 O O   . GLU A 1 173 ? -7.352  14.617  -0.088  1.00 20.40 ? 173 GLU A O   1 
ATOM   1349 C CB  . GLU A 1 173 ? -5.594  13.872  2.659   1.00 24.01 ? 173 GLU A CB  1 
ATOM   1350 C CG  . GLU A 1 173 ? -6.761  14.607  3.286   1.00 30.23 ? 173 GLU A CG  1 
ATOM   1351 C CD  . GLU A 1 173 ? -6.476  15.081  4.707   1.00 35.16 ? 173 GLU A CD  1 
ATOM   1352 O OE1 . GLU A 1 173 ? -5.626  14.476  5.403   1.00 38.23 ? 173 GLU A OE1 1 
ATOM   1353 O OE2 . GLU A 1 173 ? -7.117  16.064  5.132   1.00 38.55 ? 173 GLU A OE2 1 
ATOM   1354 N N   . MET A 1 174 ? -5.127  14.893  -0.309  1.00 22.74 ? 174 MET A N   1 
ATOM   1355 C CA  . MET A 1 174 ? -5.241  15.931  -1.335  1.00 22.80 ? 174 MET A CA  1 
ATOM   1356 C C   . MET A 1 174 ? -5.968  15.407  -2.574  1.00 21.86 ? 174 MET A C   1 
ATOM   1357 O O   . MET A 1 174 ? -6.697  16.138  -3.231  1.00 20.69 ? 174 MET A O   1 
ATOM   1358 C CB  . MET A 1 174 ? -3.853  16.427  -1.721  1.00 25.26 ? 174 MET A CB  1 
ATOM   1359 C CG  . MET A 1 174 ? -3.839  17.776  -2.370  1.00 29.92 ? 174 MET A CG  1 
ATOM   1360 S SD  . MET A 1 174 ? -2.152  18.340  -2.590  1.00 32.15 ? 174 MET A SD  1 
ATOM   1361 C CE  . MET A 1 174 ? -2.100  18.458  -4.296  1.00 32.51 ? 174 MET A CE  1 
ATOM   1362 N N   . TRP A 1 175 ? -5.743  14.136  -2.897  1.00 19.97 ? 175 TRP A N   1 
ATOM   1363 C CA  . TRP A 1 175 ? -6.375  13.491  -4.039  1.00 18.89 ? 175 TRP A CA  1 
ATOM   1364 C C   . TRP A 1 175 ? -7.896  13.647  -3.928  1.00 20.07 ? 175 TRP A C   1 
ATOM   1365 O O   . TRP A 1 175 ? -8.558  14.008  -4.898  1.00 19.97 ? 175 TRP A O   1 
ATOM   1366 C CB  . TRP A 1 175 ? -5.967  12.019  -4.032  1.00 17.97 ? 175 TRP A CB  1 
ATOM   1367 C CG  . TRP A 1 175 ? -6.438  11.154  -5.146  1.00 18.58 ? 175 TRP A CG  1 
ATOM   1368 C CD1 . TRP A 1 175 ? -7.487  11.372  -6.001  1.00 17.94 ? 175 TRP A CD1 1 
ATOM   1369 C CD2 . TRP A 1 175 ? -5.903  9.870   -5.492  1.00 17.04 ? 175 TRP A CD2 1 
ATOM   1370 N NE1 . TRP A 1 175 ? -7.634  10.298  -6.846  1.00 18.00 ? 175 TRP A NE1 1 
ATOM   1371 C CE2 . TRP A 1 175 ? -6.673  9.364   -6.557  1.00 17.96 ? 175 TRP A CE2 1 
ATOM   1372 C CE3 . TRP A 1 175 ? -4.837  9.102   -4.996  1.00 17.05 ? 175 TRP A CE3 1 
ATOM   1373 C CZ2 . TRP A 1 175 ? -6.417  8.115   -7.142  1.00 17.09 ? 175 TRP A CZ2 1 
ATOM   1374 C CZ3 . TRP A 1 175 ? -4.584  7.861   -5.582  1.00 16.21 ? 175 TRP A CZ3 1 
ATOM   1375 C CH2 . TRP A 1 175 ? -5.371  7.382   -6.642  1.00 16.45 ? 175 TRP A CH2 1 
ATOM   1376 N N   . PHE A 1 176 ? -8.433  13.438  -2.730  1.00 21.89 ? 176 PHE A N   1 
ATOM   1377 C CA  . PHE A 1 176 ? -9.880  13.543  -2.488  1.00 23.37 ? 176 PHE A CA  1 
ATOM   1378 C C   . PHE A 1 176 ? -10.463 14.953  -2.623  1.00 25.14 ? 176 PHE A C   1 
ATOM   1379 O O   . PHE A 1 176 ? -11.551 15.133  -3.183  1.00 25.71 ? 176 PHE A O   1 
ATOM   1380 C CB  . PHE A 1 176 ? -10.233 12.989  -1.100  1.00 22.74 ? 176 PHE A CB  1 
ATOM   1381 C CG  . PHE A 1 176 ? -10.136 11.500  -1.001  1.00 22.07 ? 176 PHE A CG  1 
ATOM   1382 C CD1 . PHE A 1 176 ? -11.142 10.694  -1.530  1.00 22.47 ? 176 PHE A CD1 1 
ATOM   1383 C CD2 . PHE A 1 176 ? -9.035  10.898  -0.399  1.00 22.34 ? 176 PHE A CD2 1 
ATOM   1384 C CE1 . PHE A 1 176 ? -11.051 9.308   -1.464  1.00 22.22 ? 176 PHE A CE1 1 
ATOM   1385 C CE2 . PHE A 1 176 ? -8.929  9.516   -0.326  1.00 22.28 ? 176 PHE A CE2 1 
ATOM   1386 C CZ  . PHE A 1 176 ? -9.939  8.715   -0.860  1.00 22.80 ? 176 PHE A CZ  1 
ATOM   1387 N N   . THR A 1 177 ? -9.750  15.942  -2.094  1.00 26.27 ? 177 THR A N   1 
ATOM   1388 C CA  . THR A 1 177 ? -10.206 17.331  -2.137  1.00 27.93 ? 177 THR A CA  1 
ATOM   1389 C C   . THR A 1 177 ? -9.851  18.093  -3.423  1.00 29.14 ? 177 THR A C   1 
ATOM   1390 O O   . THR A 1 177 ? -10.682 18.830  -3.954  1.00 30.23 ? 177 THR A O   1 
ATOM   1391 C CB  . THR A 1 177 ? -9.677  18.116  -0.916  1.00 27.71 ? 177 THR A CB  1 
ATOM   1392 O OG1 . THR A 1 177 ? -8.246  18.185  -0.973  1.00 30.13 ? 177 THR A OG1 1 
ATOM   1393 C CG2 . THR A 1 177 ? -10.078 17.413  0.380   1.00 27.83 ? 177 THR A CG2 1 
ATOM   1394 N N   . ASP A 1 178 ? -8.633  17.894  -3.930  1.00 28.60 ? 178 ASP A N   1 
ATOM   1395 C CA  . ASP A 1 178 ? -8.147  18.580  -5.131  1.00 27.94 ? 178 ASP A CA  1 
ATOM   1396 C C   . ASP A 1 178 ? -7.966  17.773  -6.418  1.00 27.28 ? 178 ASP A C   1 
ATOM   1397 O O   . ASP A 1 178 ? -7.691  18.358  -7.465  1.00 28.89 ? 178 ASP A O   1 
ATOM   1398 C CB  . ASP A 1 178 ? -6.827  19.291  -4.824  1.00 30.18 ? 178 ASP A CB  1 
ATOM   1399 C CG  . ASP A 1 178 ? -6.997  20.445  -3.856  1.00 33.90 ? 178 ASP A CG  1 
ATOM   1400 O OD1 . ASP A 1 178 ? -6.941  20.216  -2.630  1.00 34.62 ? 178 ASP A OD1 1 
ATOM   1401 O OD2 . ASP A 1 178 ? -7.190  21.586  -4.325  1.00 37.92 ? 178 ASP A OD2 1 
ATOM   1402 N N   . GLY A 1 179 ? -8.053  16.448  -6.355  1.00 25.23 ? 179 GLY A N   1 
ATOM   1403 C CA  . GLY A 1 179 ? -7.888  15.656  -7.564  1.00 23.23 ? 179 GLY A CA  1 
ATOM   1404 C C   . GLY A 1 179 ? -6.539  14.960  -7.680  1.00 23.70 ? 179 GLY A C   1 
ATOM   1405 O O   . GLY A 1 179 ? -5.539  15.392  -7.090  1.00 22.39 ? 179 GLY A O   1 
ATOM   1406 N N   . LEU A 1 180 ? -6.505  13.900  -8.484  1.00 22.71 ? 180 LEU A N   1 
ATOM   1407 C CA  . LEU A 1 180 ? -5.297  13.105  -8.679  1.00 24.08 ? 180 LEU A CA  1 
ATOM   1408 C C   . LEU A 1 180 ? -4.115  13.857  -9.293  1.00 24.79 ? 180 LEU A C   1 
ATOM   1409 O O   . LEU A 1 180 ? -2.977  13.683  -8.854  1.00 23.02 ? 180 LEU A O   1 
ATOM   1410 C CB  . LEU A 1 180 ? -5.608  11.849  -9.505  1.00 23.16 ? 180 LEU A CB  1 
ATOM   1411 C CG  . LEU A 1 180 ? -4.452  10.922  -9.886  1.00 22.52 ? 180 LEU A CG  1 
ATOM   1412 C CD1 . LEU A 1 180 ? -3.724  10.418  -8.655  1.00 23.58 ? 180 LEU A CD1 1 
ATOM   1413 C CD2 . LEU A 1 180 ? -4.988  9.758   -10.695 1.00 24.82 ? 180 LEU A CD2 1 
ATOM   1414 N N   . THR A 1 181 ? -4.377  14.681  -10.308 1.00 24.37 ? 181 THR A N   1 
ATOM   1415 C CA  . THR A 1 181 ? -3.311  15.434  -10.972 1.00 26.38 ? 181 THR A CA  1 
ATOM   1416 C C   . THR A 1 181 ? -2.491  16.277  -9.991  1.00 26.49 ? 181 THR A C   1 
ATOM   1417 O O   . THR A 1 181 ? -1.254  16.197  -9.970  1.00 26.51 ? 181 THR A O   1 
ATOM   1418 C CB  . THR A 1 181 ? -3.878  16.338  -12.087 1.00 26.25 ? 181 THR A CB  1 
ATOM   1419 O OG1 . THR A 1 181 ? -4.622  15.528  -13.003 1.00 28.17 ? 181 THR A OG1 1 
ATOM   1420 C CG2 . THR A 1 181 ? -2.747  17.040  -12.839 1.00 26.51 ? 181 THR A CG2 1 
ATOM   1421 N N   . LYS A 1 182 ? -3.179  17.063  -9.167  1.00 26.55 ? 182 LYS A N   1 
ATOM   1422 C CA  . LYS A 1 182 ? -2.494  17.900  -8.189  1.00 27.29 ? 182 LYS A CA  1 
ATOM   1423 C C   . LYS A 1 182 ? -1.773  17.055  -7.137  1.00 26.38 ? 182 LYS A C   1 
ATOM   1424 O O   . LYS A 1 182 ? -0.632  17.349  -6.771  1.00 26.19 ? 182 LYS A O   1 
ATOM   1425 C CB  . LYS A 1 182 ? -3.468  18.887  -7.545  1.00 29.01 ? 182 LYS A CB  1 
ATOM   1426 C CG  . LYS A 1 182 ? -3.790  20.064  -8.454  1.00 34.38 ? 182 LYS A CG  1 
ATOM   1427 C CD  . LYS A 1 182 ? -4.640  21.111  -7.754  1.00 38.10 ? 182 LYS A CD  1 
ATOM   1428 C CE  . LYS A 1 182 ? -4.728  22.387  -8.589  1.00 40.47 ? 182 LYS A CE  1 
ATOM   1429 N NZ  . LYS A 1 182 ? -5.604  23.416  -7.950  1.00 42.77 ? 182 LYS A NZ  1 
ATOM   1430 N N   . ALA A 1 183 ? -2.436  16.000  -6.666  1.00 23.77 ? 183 ALA A N   1 
ATOM   1431 C CA  . ALA A 1 183 ? -1.844  15.106  -5.672  1.00 21.88 ? 183 ALA A CA  1 
ATOM   1432 C C   . ALA A 1 183 ? -0.559  14.445  -6.205  1.00 19.16 ? 183 ALA A C   1 
ATOM   1433 O O   . ALA A 1 183 ? 0.441   14.368  -5.485  1.00 17.95 ? 183 ALA A O   1 
ATOM   1434 C CB  . ALA A 1 183 ? -2.863  14.041  -5.246  1.00 21.39 ? 183 ALA A CB  1 
ATOM   1435 N N   . THR A 1 184 ? -0.586  14.008  -7.465  1.00 18.31 ? 184 THR A N   1 
ATOM   1436 C CA  . THR A 1 184 ? 0.566   13.365  -8.107  1.00 19.52 ? 184 THR A CA  1 
ATOM   1437 C C   . THR A 1 184 ? 1.727   14.342  -8.268  1.00 21.52 ? 184 THR A C   1 
ATOM   1438 O O   . THR A 1 184 ? 2.877   14.010  -7.938  1.00 21.18 ? 184 THR A O   1 
ATOM   1439 C CB  . THR A 1 184 ? 0.184   12.764  -9.482  1.00 19.30 ? 184 THR A CB  1 
ATOM   1440 O OG1 . THR A 1 184 ? -0.837  11.776  -9.295  1.00 18.00 ? 184 THR A OG1 1 
ATOM   1441 C CG2 . THR A 1 184 ? 1.391   12.097  -10.147 1.00 19.02 ? 184 THR A CG2 1 
ATOM   1442 N N   . ASN A 1 185 ? 1.424   15.546  -8.753  1.00 21.54 ? 185 ASN A N   1 
ATOM   1443 C CA  . ASN A 1 185 ? 2.439   16.583  -8.943  1.00 22.72 ? 185 ASN A CA  1 
ATOM   1444 C C   . ASN A 1 185 ? 3.165   16.907  -7.643  1.00 21.02 ? 185 ASN A C   1 
ATOM   1445 O O   . ASN A 1 185 ? 4.391   17.066  -7.634  1.00 21.55 ? 185 ASN A O   1 
ATOM   1446 C CB  . ASN A 1 185 ? 1.821   17.853  -9.543  1.00 24.44 ? 185 ASN A CB  1 
ATOM   1447 C CG  . ASN A 1 185 ? 1.416   17.673  -11.005 1.00 26.69 ? 185 ASN A CG  1 
ATOM   1448 O OD1 . ASN A 1 185 ? 0.637   18.466  -11.543 1.00 30.38 ? 185 ASN A OD1 1 
ATOM   1449 N ND2 . ASN A 1 185 ? 1.939   16.635  -11.653 1.00 25.63 ? 185 ASN A ND2 1 
ATOM   1450 N N   . ARG A 1 186 ? 2.433   16.960  -6.534  1.00 18.77 ? 186 ARG A N   1 
ATOM   1451 C CA  . ARG A 1 186 ? 3.078   17.233  -5.255  1.00 18.79 ? 186 ARG A CA  1 
ATOM   1452 C C   . ARG A 1 186 ? 3.946   16.043  -4.791  1.00 18.13 ? 186 ARG A C   1 
ATOM   1453 O O   . ARG A 1 186 ? 5.118   16.214  -4.433  1.00 16.39 ? 186 ARG A O   1 
ATOM   1454 C CB  . ARG A 1 186 ? 2.050   17.581  -4.175  1.00 19.32 ? 186 ARG A CB  1 
ATOM   1455 C CG  . ARG A 1 186 ? 2.692   17.779  -2.806  1.00 21.27 ? 186 ARG A CG  1 
ATOM   1456 C CD  . ARG A 1 186 ? 1.686   18.073  -1.713  1.00 24.72 ? 186 ARG A CD  1 
ATOM   1457 N NE  . ARG A 1 186 ? 2.341   18.062  -0.407  1.00 28.75 ? 186 ARG A NE  1 
ATOM   1458 C CZ  . ARG A 1 186 ? 1.739   18.323  0.751   1.00 31.40 ? 186 ARG A CZ  1 
ATOM   1459 N NH1 . ARG A 1 186 ? 0.447   18.634  0.781   1.00 32.45 ? 186 ARG A NH1 1 
ATOM   1460 N NH2 . ARG A 1 186 ? 2.420   18.234  1.888   1.00 30.87 ? 186 ARG A NH2 1 
ATOM   1461 N N   . LEU A 1 187 ? 3.387   14.836  -4.831  1.00 16.57 ? 187 LEU A N   1 
ATOM   1462 C CA  . LEU A 1 187 ? 4.133   13.664  -4.375  1.00 15.82 ? 187 LEU A CA  1 
ATOM   1463 C C   . LEU A 1 187 ? 5.399   13.396  -5.184  1.00 14.94 ? 187 LEU A C   1 
ATOM   1464 O O   . LEU A 1 187 ? 6.457   13.116  -4.609  1.00 16.20 ? 187 LEU A O   1 
ATOM   1465 C CB  . LEU A 1 187 ? 3.252   12.410  -4.376  1.00 15.21 ? 187 LEU A CB  1 
ATOM   1466 C CG  . LEU A 1 187 ? 3.900   11.153  -3.774  1.00 14.78 ? 187 LEU A CG  1 
ATOM   1467 C CD1 . LEU A 1 187 ? 4.322   11.389  -2.329  1.00 14.63 ? 187 LEU A CD1 1 
ATOM   1468 C CD2 . LEU A 1 187 ? 2.924   9.985   -3.860  1.00 16.20 ? 187 LEU A CD2 1 
ATOM   1469 N N   . HIS A 1 188 ? 5.296   13.475  -6.508  1.00 13.60 ? 188 HIS A N   1 
ATOM   1470 C CA  . HIS A 1 188 ? 6.447   13.201  -7.364  1.00 15.03 ? 188 HIS A CA  1 
ATOM   1471 C C   . HIS A 1 188 ? 7.538   14.274  -7.279  1.00 15.13 ? 188 HIS A C   1 
ATOM   1472 O O   . HIS A 1 188 ? 8.642   14.070  -7.776  1.00 15.69 ? 188 HIS A O   1 
ATOM   1473 C CB  . HIS A 1 188 ? 6.018   12.965  -8.811  1.00 15.64 ? 188 HIS A CB  1 
ATOM   1474 C CG  . HIS A 1 188 ? 5.243   11.693  -9.022  1.00 18.11 ? 188 HIS A CG  1 
ATOM   1475 N ND1 . HIS A 1 188 ? 4.591   11.032  -7.999  1.00 19.51 ? 188 HIS A ND1 1 
ATOM   1476 C CD2 . HIS A 1 188 ? 5.003   10.971  -10.144 1.00 16.96 ? 188 HIS A CD2 1 
ATOM   1477 C CE1 . HIS A 1 188 ? 3.982   9.963   -8.485  1.00 14.82 ? 188 HIS A CE1 1 
ATOM   1478 N NE2 . HIS A 1 188 ? 4.219   9.903   -9.782  1.00 20.02 ? 188 HIS A NE2 1 
ATOM   1479 N N   . ALA A 1 189 ? 7.216   15.416  -6.670  1.00 14.09 ? 189 ALA A N   1 
ATOM   1480 C CA  . ALA A 1 189 ? 8.191   16.496  -6.500  1.00 14.88 ? 189 ALA A CA  1 
ATOM   1481 C C   . ALA A 1 189 ? 8.981   16.308  -5.203  1.00 14.94 ? 189 ALA A C   1 
ATOM   1482 O O   . ALA A 1 189 ? 10.026  16.933  -5.000  1.00 15.15 ? 189 ALA A O   1 
ATOM   1483 C CB  . ALA A 1 189 ? 7.483   17.844  -6.490  1.00 13.53 ? 189 ALA A CB  1 
ATOM   1484 N N   . PHE A 1 190 ? 8.483   15.434  -4.327  1.00 15.78 ? 190 PHE A N   1 
ATOM   1485 C CA  . PHE A 1 190 ? 9.117   15.166  -3.048  1.00 17.32 ? 190 PHE A CA  1 
ATOM   1486 C C   . PHE A 1 190 ? 10.456  14.490  -3.333  1.00 18.84 ? 190 PHE A C   1 
ATOM   1487 O O   . PHE A 1 190 ? 10.504  13.439  -3.989  1.00 21.49 ? 190 PHE A O   1 
ATOM   1488 C CB  . PHE A 1 190 ? 8.212   14.256  -2.201  1.00 17.55 ? 190 PHE A CB  1 
ATOM   1489 C CG  . PHE A 1 190 ? 8.611   14.154  -0.746  1.00 16.44 ? 190 PHE A CG  1 
ATOM   1490 C CD1 . PHE A 1 190 ? 8.517   15.258  0.100   1.00 16.57 ? 190 PHE A CD1 1 
ATOM   1491 C CD2 . PHE A 1 190 ? 9.038   12.933  -0.213  1.00 16.79 ? 190 PHE A CD2 1 
ATOM   1492 C CE1 . PHE A 1 190 ? 8.839   15.147  1.459   1.00 17.26 ? 190 PHE A CE1 1 
ATOM   1493 C CE2 . PHE A 1 190 ? 9.363   12.811  1.139   1.00 16.03 ? 190 PHE A CE2 1 
ATOM   1494 C CZ  . PHE A 1 190 ? 9.260   13.918  1.977   1.00 17.30 ? 190 PHE A CZ  1 
ATOM   1495 N N   . LYS A 1 191 ? 11.527  15.145  -2.891  1.00 17.29 ? 191 LYS A N   1 
ATOM   1496 C CA  . LYS A 1 191 ? 12.923  14.702  -3.060  1.00 16.56 ? 191 LYS A CA  1 
ATOM   1497 C C   . LYS A 1 191 ? 13.494  14.967  -4.452  1.00 14.26 ? 191 LYS A C   1 
ATOM   1498 O O   . LYS A 1 191 ? 14.692  14.785  -4.668  1.00 13.44 ? 191 LYS A O   1 
ATOM   1499 C CB  A LYS A 1 191 ? 13.102  13.219  -2.703  0.27 17.82 ? 191 LYS A CB  1 
ATOM   1500 C CB  B LYS A 1 191 ? 13.084  13.214  -2.721  0.73 17.84 ? 191 LYS A CB  1 
ATOM   1501 C CG  A LYS A 1 191 ? 12.657  12.841  -1.298  0.27 20.09 ? 191 LYS A CG  1 
ATOM   1502 C CG  B LYS A 1 191 ? 12.682  12.842  -1.305  0.73 19.42 ? 191 LYS A CG  1 
ATOM   1503 C CD  A LYS A 1 191 ? 13.298  13.722  -0.242  0.27 21.08 ? 191 LYS A CD  1 
ATOM   1504 C CD  B LYS A 1 191 ? 13.803  13.080  -0.317  0.73 20.35 ? 191 LYS A CD  1 
ATOM   1505 C CE  A LYS A 1 191 ? 12.781  13.361  1.137   0.27 23.08 ? 191 LYS A CE  1 
ATOM   1506 C CE  B LYS A 1 191 ? 13.412  12.564  1.057   0.73 20.52 ? 191 LYS A CE  1 
ATOM   1507 N NZ  A LYS A 1 191 ? 13.145  14.385  2.153   0.27 24.89 ? 191 LYS A NZ  1 
ATOM   1508 N NZ  B LYS A 1 191 ? 13.036  13.682  1.964   0.73 23.42 ? 191 LYS A NZ  1 
ATOM   1509 N N   . ALA A 1 192 ? 12.643  15.371  -5.388  1.00 13.19 ? 192 ALA A N   1 
ATOM   1510 C CA  . ALA A 1 192 ? 13.072  15.668  -6.746  1.00 13.13 ? 192 ALA A CA  1 
ATOM   1511 C C   . ALA A 1 192 ? 13.383  17.165  -6.932  1.00 15.90 ? 192 ALA A C   1 
ATOM   1512 O O   . ALA A 1 192 ? 14.051  17.561  -7.898  1.00 13.35 ? 192 ALA A O   1 
ATOM   1513 C CB  . ALA A 1 192 ? 12.019  15.219  -7.736  1.00 13.42 ? 192 ALA A CB  1 
ATOM   1514 N N   . GLN A 1 193 ? 12.910  17.992  -6.006  1.00 18.89 ? 193 GLN A N   1 
ATOM   1515 C CA  . GLN A 1 193 ? 13.140  19.432  -6.075  1.00 23.25 ? 193 GLN A CA  1 
ATOM   1516 C C   . GLN A 1 193 ? 13.354  19.993  -4.670  1.00 24.95 ? 193 GLN A C   1 
ATOM   1517 O O   . GLN A 1 193 ? 12.733  19.465  -3.711  1.00 25.30 ? 193 GLN A O   1 
ATOM   1518 C CB  . GLN A 1 193 ? 11.937  20.113  -6.748  1.00 25.68 ? 193 GLN A CB  1 
ATOM   1519 C CG  . GLN A 1 193 ? 12.124  21.599  -7.045  1.00 32.05 ? 193 GLN A CG  1 
ATOM   1520 C CD  . GLN A 1 193 ? 11.642  22.508  -5.922  1.00 34.54 ? 193 GLN A CD  1 
ATOM   1521 O OE1 . GLN A 1 193 ? 10.664  22.198  -5.226  1.00 35.12 ? 193 GLN A OE1 1 
ATOM   1522 N NE2 . GLN A 1 193 ? 12.303  23.656  -5.763  1.00 35.11 ? 193 GLN A NE2 1 
ATOM   1523 O OXT . GLN A 1 193 ? 14.130  20.964  -4.550  1.00 27.19 ? 193 GLN A OXT 1 
HETATM 1524 O O   . HOH B 2 .   ? 11.000  -1.332  10.566  1.00 21.09 ? 501 HOH A O   1 
HETATM 1525 O O   . HOH B 2 .   ? 2.979   3.363   10.551  1.00 24.72 ? 502 HOH A O   1 
HETATM 1526 O O   . HOH B 2 .   ? 7.333   13.998  5.418   1.00 23.91 ? 503 HOH A O   1 
HETATM 1527 O O   . HOH B 2 .   ? 17.699  7.062   -0.277  1.00 12.17 ? 504 HOH A O   1 
HETATM 1528 O O   . HOH B 2 .   ? -4.238  -17.320 3.299   1.00 13.37 ? 505 HOH A O   1 
HETATM 1529 O O   . HOH B 2 .   ? 14.948  -0.021  2.729   1.00 13.63 ? 506 HOH A O   1 
HETATM 1530 O O   . HOH B 2 .   ? -16.884 -8.577  -7.427  1.00 18.28 ? 507 HOH A O   1 
HETATM 1531 O O   . HOH B 2 .   ? 10.365  5.530   0.712   1.00 10.19 ? 508 HOH A O   1 
HETATM 1532 O O   . HOH B 2 .   ? 6.766   -9.004  5.391   1.00 12.34 ? 509 HOH A O   1 
HETATM 1533 O O   . HOH B 2 .   ? 8.486   11.088  -3.834  1.00 17.02 ? 510 HOH A O   1 
HETATM 1534 O O   . HOH B 2 .   ? -15.053 2.781   -11.719 1.00 17.23 ? 511 HOH A O   1 
HETATM 1535 O O   . HOH B 2 .   ? -0.946  -10.946 4.965   1.00 12.76 ? 512 HOH A O   1 
HETATM 1536 O O   . HOH B 2 .   ? -0.932  -8.535  2.136   1.00 14.43 ? 513 HOH A O   1 
HETATM 1537 O O   . HOH B 2 .   ? -6.818  -14.360 6.758   1.00 19.66 ? 514 HOH A O   1 
HETATM 1538 O O   . HOH B 2 .   ? 9.014   -4.201  -5.377  1.00 15.86 ? 515 HOH A O   1 
HETATM 1539 O O   . HOH B 2 .   ? 6.681   -4.042  -8.154  1.00 39.49 ? 516 HOH A O   1 
HETATM 1540 O O   . HOH B 2 .   ? 2.890   -0.749  -8.841  1.00 12.89 ? 517 HOH A O   1 
HETATM 1541 O O   . HOH B 2 .   ? -14.721 7.270   -1.313  1.00 17.68 ? 518 HOH A O   1 
HETATM 1542 O O   . HOH B 2 .   ? -2.589  6.602   -9.485  1.00 28.68 ? 519 HOH A O   1 
HETATM 1543 O O   . HOH B 2 .   ? -11.998 -13.850 -2.072  1.00 17.78 ? 520 HOH A O   1 
HETATM 1544 O O   . HOH B 2 .   ? -11.357 11.085  14.163  1.00 32.22 ? 521 HOH A O   1 
HETATM 1545 O O   . HOH B 2 .   ? -9.806  5.140   19.049  1.00 34.72 ? 522 HOH A O   1 
HETATM 1546 O O   . HOH B 2 .   ? -23.299 -6.981  -0.001  1.00 31.82 ? 523 HOH A O   1 
HETATM 1547 O O   . HOH B 2 .   ? -0.286  -8.723  12.139  1.00 19.47 ? 524 HOH A O   1 
HETATM 1548 O O   . HOH B 2 .   ? 3.053   -8.089  10.586  1.00 19.61 ? 525 HOH A O   1 
HETATM 1549 O O   . HOH B 2 .   ? -0.944  -8.873  8.066   1.00 24.15 ? 526 HOH A O   1 
HETATM 1550 O O   . HOH B 2 .   ? 18.031  0.212   0.412   1.00 21.41 ? 527 HOH A O   1 
HETATM 1551 O O   . HOH B 2 .   ? 3.341   -15.181 11.153  1.00 26.98 ? 528 HOH A O   1 
HETATM 1552 O O   . HOH B 2 .   ? 15.920  22.432  -5.757  1.00 19.57 ? 529 HOH A O   1 
HETATM 1553 O O   . HOH B 2 .   ? -5.270  -15.584 -2.793  1.00 25.15 ? 530 HOH A O   1 
HETATM 1554 O O   . HOH B 2 .   ? 19.741  -3.958  5.187   1.00 34.29 ? 531 HOH A O   1 
HETATM 1555 O O   . HOH B 2 .   ? 20.013  7.615   1.307   1.00 27.11 ? 532 HOH A O   1 
HETATM 1556 O O   . HOH B 2 .   ? 5.517   8.453   8.885   1.00 25.56 ? 533 HOH A O   1 
HETATM 1557 O O   . HOH B 2 .   ? -10.588 0.125   19.671  1.00 19.67 ? 534 HOH A O   1 
HETATM 1558 O O   . HOH B 2 .   ? -7.293  -2.002  17.804  1.00 25.49 ? 535 HOH A O   1 
HETATM 1559 O O   . HOH B 2 .   ? 3.540   -3.993  9.799   1.00 23.09 ? 536 HOH A O   1 
HETATM 1560 O O   . HOH B 2 .   ? 15.008  24.426  -7.086  1.00 27.70 ? 537 HOH A O   1 
HETATM 1561 O O   . HOH B 2 .   ? 16.002  1.369   -6.417  1.00 21.85 ? 538 HOH A O   1 
HETATM 1562 O O   . HOH B 2 .   ? 4.002   -3.783  1.315   1.00 10.34 ? 539 HOH A O   1 
HETATM 1563 O O   . HOH B 2 .   ? 9.444   -5.982  -3.156  1.00 20.39 ? 540 HOH A O   1 
HETATM 1564 O O   . HOH B 2 .   ? -12.726 -0.223  -13.006 1.00 23.57 ? 541 HOH A O   1 
HETATM 1565 O O   . HOH B 2 .   ? -17.864 9.415   0.085   1.00 20.35 ? 542 HOH A O   1 
HETATM 1566 O O   . HOH B 2 .   ? -17.206 -10.972 -0.042  1.00 23.60 ? 543 HOH A O   1 
HETATM 1567 O O   . HOH B 2 .   ? 14.026  0.088   11.404  1.00 28.45 ? 544 HOH A O   1 
HETATM 1568 O O   . HOH B 2 .   ? -6.398  6.671   20.913  1.00 31.04 ? 545 HOH A O   1 
HETATM 1569 O O   . HOH B 2 .   ? 11.304  10.560  9.587   1.00 39.52 ? 546 HOH A O   1 
HETATM 1570 O O   . HOH B 2 .   ? 9.630   -7.773  12.425  1.00 28.32 ? 547 HOH A O   1 
HETATM 1571 O O   . HOH B 2 .   ? -11.857 -13.667 -6.969  1.00 23.23 ? 548 HOH A O   1 
HETATM 1572 O O   . HOH B 2 .   ? -16.740 -5.252  -7.964  1.00 32.06 ? 549 HOH A O   1 
HETATM 1573 O O   . HOH B 2 .   ? -6.707  -10.129 14.848  1.00 27.91 ? 550 HOH A O   1 
HETATM 1574 O O   . HOH B 2 .   ? 18.462  -13.570 -0.078  1.00 30.01 ? 551 HOH A O   1 
HETATM 1575 O O   . HOH B 2 .   ? 18.584  1.125   -4.573  1.00 28.45 ? 552 HOH A O   1 
HETATM 1576 O O   . HOH B 2 .   ? 16.094  0.586   -10.152 1.00 36.72 ? 553 HOH A O   1 
HETATM 1577 O O   . HOH B 2 .   ? 13.008  -4.716  -9.895  1.00 29.09 ? 554 HOH A O   1 
HETATM 1578 O O   . HOH B 2 .   ? 8.559   10.467  -6.889  1.00 38.34 ? 555 HOH A O   1 
HETATM 1579 O O   . HOH B 2 .   ? 6.203   17.194  -2.262  1.00 24.29 ? 556 HOH A O   1 
HETATM 1580 O O   . HOH B 2 .   ? 0.109   20.023  -6.810  1.00 31.26 ? 557 HOH A O   1 
HETATM 1581 O O   . HOH B 2 .   ? -6.127  17.742  -9.685  1.00 34.09 ? 558 HOH A O   1 
HETATM 1582 O O   . HOH B 2 .   ? -12.625 14.369  6.332   1.00 30.29 ? 559 HOH A O   1 
HETATM 1583 O O   . HOH B 2 .   ? -15.877 3.282   0.714   1.00 23.09 ? 560 HOH A O   1 
HETATM 1584 O O   . HOH B 2 .   ? 1.469   -14.631 -5.849  1.00 26.90 ? 561 HOH A O   1 
HETATM 1585 O O   . HOH B 2 .   ? -0.956  -15.678 -7.419  1.00 26.55 ? 562 HOH A O   1 
HETATM 1586 O O   . HOH B 2 .   ? -15.666 9.443   -2.888  1.00 25.29 ? 563 HOH A O   1 
HETATM 1587 O O   . HOH B 2 .   ? -19.332 -0.796  -8.790  1.00 27.33 ? 564 HOH A O   1 
HETATM 1588 O O   . HOH B 2 .   ? -7.082  8.744   24.071  1.00 42.72 ? 565 HOH A O   1 
HETATM 1589 O O   . HOH B 2 .   ? -7.071  4.944   19.079  1.00 42.76 ? 566 HOH A O   1 
HETATM 1590 O O   . HOH B 2 .   ? -6.596  1.966   19.038  1.00 33.32 ? 567 HOH A O   1 
HETATM 1591 O O   . HOH B 2 .   ? -11.589 2.833   19.662  1.00 33.13 ? 568 HOH A O   1 
HETATM 1592 O O   . HOH B 2 .   ? -9.346  -3.358  16.820  1.00 25.31 ? 569 HOH A O   1 
HETATM 1593 O O   . HOH B 2 .   ? -2.694  2.223   13.756  1.00 44.17 ? 570 HOH A O   1 
HETATM 1594 O O   . HOH B 2 .   ? -5.406  5.266   17.164  1.00 36.99 ? 571 HOH A O   1 
HETATM 1595 O O   . HOH B 2 .   ? -10.084 8.577   20.575  1.00 30.54 ? 572 HOH A O   1 
HETATM 1596 O O   . HOH B 2 .   ? -4.082  13.058  14.323  1.00 40.36 ? 573 HOH A O   1 
HETATM 1597 O O   . HOH B 2 .   ? -10.242 -8.214  17.435  1.00 38.39 ? 574 HOH A O   1 
HETATM 1598 O O   . HOH B 2 .   ? -13.824 -5.482  -8.388  1.00 49.88 ? 575 HOH A O   1 
HETATM 1599 O O   . HOH B 2 .   ? -13.628 -3.353  11.151  1.00 30.80 ? 576 HOH A O   1 
HETATM 1600 O O   . HOH B 2 .   ? -13.594 -12.289 12.612  1.00 31.59 ? 577 HOH A O   1 
HETATM 1601 O O   . HOH B 2 .   ? -14.599 -1.680  6.412   1.00 29.60 ? 578 HOH A O   1 
HETATM 1602 O O   . HOH B 2 .   ? 9.206   5.039   -11.917 1.00 29.19 ? 579 HOH A O   1 
HETATM 1603 O O   . HOH B 2 .   ? 10.867  -14.832 7.614   1.00 35.19 ? 580 HOH A O   1 
HETATM 1604 O O   . HOH B 2 .   ? 16.834  -11.002 6.582   1.00 46.79 ? 581 HOH A O   1 
HETATM 1605 O O   . HOH B 2 .   ? 19.320  3.201   -2.639  1.00 39.42 ? 582 HOH A O   1 
HETATM 1606 O O   . HOH B 2 .   ? 12.064  20.656  -0.996  1.00 38.48 ? 583 HOH A O   1 
HETATM 1607 O O   . HOH B 2 .   ? 18.364  9.345   7.471   1.00 34.50 ? 584 HOH A O   1 
HETATM 1608 O O   . HOH B 2 .   ? 21.301  9.905   2.554   1.00 37.55 ? 585 HOH A O   1 
HETATM 1609 O O   . HOH B 2 .   ? -15.974 5.090   -10.562 1.00 34.40 ? 586 HOH A O   1 
HETATM 1610 O O   . HOH B 2 .   ? 13.614  -14.538 -12.693 1.00 49.37 ? 587 HOH A O   1 
HETATM 1611 O O   . HOH B 2 .   ? -3.452  -12.698 -13.764 1.00 31.68 ? 588 HOH A O   1 
HETATM 1612 O O   . HOH B 2 .   ? -0.705  -17.356 -4.706  1.00 47.97 ? 589 HOH A O   1 
HETATM 1613 O O   . HOH B 2 .   ? -2.384  -1.467  -17.221 1.00 28.02 ? 590 HOH A O   1 
HETATM 1614 O O   . HOH B 2 .   ? 4.439   -2.433  -11.703 1.00 43.91 ? 591 HOH A O   1 
HETATM 1615 O O   . HOH B 2 .   ? 5.658   -2.061  -9.441  1.00 36.62 ? 592 HOH A O   1 
HETATM 1616 O O   . HOH B 2 .   ? -1.014  9.936   -11.276 1.00 36.48 ? 593 HOH A O   1 
HETATM 1617 O O   . HOH B 2 .   ? -16.857 15.942  0.955   1.00 39.05 ? 594 HOH A O   1 
HETATM 1618 O O   . HOH B 2 .   ? -18.587 11.257  4.670   1.00 44.59 ? 595 HOH A O   1 
HETATM 1619 O O   . HOH B 2 .   ? -10.489 13.084  7.769   1.00 42.14 ? 596 HOH A O   1 
HETATM 1620 O O   . HOH B 2 .   ? -9.103  14.341  5.837   1.00 33.50 ? 597 HOH A O   1 
HETATM 1621 O O   . HOH B 2 .   ? 5.455   5.609   9.364   1.00 44.28 ? 598 HOH A O   1 
HETATM 1622 O O   . HOH B 2 .   ? 4.936   -13.769 14.236  1.00 34.92 ? 599 HOH A O   1 
HETATM 1623 O O   . HOH B 2 .   ? -5.461  -1.403  15.950  1.00 45.97 ? 600 HOH A O   1 
HETATM 1624 O O   . HOH B 2 .   ? 19.925  -9.777  1.043   1.00 33.70 ? 601 HOH A O   1 
HETATM 1625 O O   . HOH B 2 .   ? 6.093   16.738  -9.706  1.00 36.66 ? 602 HOH A O   1 
HETATM 1626 O O   . HOH B 2 .   ? 0.321   -6.582  9.961   1.00 37.83 ? 603 HOH A O   1 
HETATM 1627 O O   . HOH B 2 .   ? -6.957  -14.283 13.947  1.00 35.42 ? 604 HOH A O   1 
HETATM 1628 O O   . HOH B 2 .   ? -12.579 -1.193  12.916  1.00 31.07 ? 605 HOH A O   1 
HETATM 1629 O O   . HOH B 2 .   ? -7.285  15.721  -11.704 1.00 37.95 ? 606 HOH A O   1 
HETATM 1630 O O   . HOH B 2 .   ? 11.851  5.962   12.309  1.00 41.04 ? 607 HOH A O   1 
HETATM 1631 O O   . HOH B 2 .   ? 7.246   1.126   11.209  1.00 33.70 ? 608 HOH A O   1 
HETATM 1632 O O   . HOH B 2 .   ? -22.115 -3.204  -0.052  1.00 34.72 ? 609 HOH A O   1 
HETATM 1633 O O   . HOH B 2 .   ? -26.647 -0.682  -7.107  1.00 35.86 ? 610 HOH A O   1 
HETATM 1634 O O   . HOH B 2 .   ? -16.196 -11.441 9.563   1.00 35.23 ? 611 HOH A O   1 
HETATM 1635 O O   . HOH B 2 .   ? 0.098   21.087  -9.642  1.00 37.97 ? 612 HOH A O   1 
HETATM 1636 O O   . HOH B 2 .   ? 17.546  -14.152 -11.999 1.00 45.09 ? 613 HOH A O   1 
HETATM 1637 O O   . HOH B 2 .   ? 10.211  -4.182  -11.426 1.00 28.20 ? 614 HOH A O   1 
HETATM 1638 O O   . HOH B 2 .   ? -15.755 -14.099 2.501   1.00 44.56 ? 615 HOH A O   1 
HETATM 1639 O O   . HOH B 2 .   ? -0.065  6.296   -13.857 1.00 29.21 ? 616 HOH A O   1 
HETATM 1640 O O   . HOH B 2 .   ? 20.412  3.911   2.486   1.00 46.72 ? 617 HOH A O   1 
HETATM 1641 O O   . HOH B 2 .   ? -4.387  1.630   17.553  1.00 35.33 ? 618 HOH A O   1 
HETATM 1642 O O   . HOH B 2 .   ? -5.128  2.786   15.064  1.00 47.36 ? 619 HOH A O   1 
HETATM 1643 O O   . HOH B 2 .   ? -2.609  -4.124  14.457  1.00 45.09 ? 620 HOH A O   1 
HETATM 1644 O O   . HOH B 2 .   ? -1.025  -3.987  10.705  1.00 38.42 ? 621 HOH A O   1 
HETATM 1645 O O   . HOH B 2 .   ? 15.089  -14.423 4.883   1.00 34.26 ? 622 HOH A O   1 
HETATM 1646 O O   . HOH B 2 .   ? 0.045   -14.367 13.180  1.00 30.31 ? 623 HOH A O   1 
HETATM 1647 O O   . HOH B 2 .   ? 0.789   -15.933 11.725  1.00 27.57 ? 624 HOH A O   1 
HETATM 1648 O O   . HOH B 2 .   ? -14.092 -2.192  15.327  1.00 38.06 ? 625 HOH A O   1 
HETATM 1649 O O   . HOH B 2 .   ? 22.266  -1.810  -5.346  1.00 37.06 ? 626 HOH A O   1 
HETATM 1650 O O   . HOH B 2 .   ? -15.614 18.116  0.381   1.00 47.08 ? 627 HOH A O   1 
HETATM 1651 O O   . HOH B 2 .   ? -2.728  -9.037  -16.664 1.00 41.11 ? 628 HOH A O   1 
HETATM 1652 O O   . HOH B 2 .   ? -9.663  -15.198 8.088   1.00 43.19 ? 629 HOH A O   1 
HETATM 1653 O O   . HOH B 2 .   ? -15.882 -3.869  7.326   1.00 37.07 ? 630 HOH A O   1 
HETATM 1654 O O   . HOH B 2 .   ? 9.137   -3.041  -9.611  1.00 33.03 ? 631 HOH A O   1 
HETATM 1655 O O   . HOH B 2 .   ? -13.993 -16.497 6.072   1.00 34.86 ? 632 HOH A O   1 
HETATM 1656 O O   . HOH B 2 .   ? -19.534 1.236   -3.786  1.00 48.33 ? 633 HOH A O   1 
HETATM 1657 O O   . HOH B 2 .   ? -20.851 8.549   1.637   1.00 36.74 ? 634 HOH A O   1 
HETATM 1658 O O   . HOH B 2 .   ? -8.933  12.945  -9.612  1.00 37.43 ? 635 HOH A O   1 
HETATM 1659 O O   . HOH B 2 .   ? -1.922  7.667   -11.637 1.00 41.97 ? 636 HOH A O   1 
HETATM 1660 O O   . HOH B 2 .   ? 16.040  13.670  6.036   1.00 48.48 ? 637 HOH A O   1 
HETATM 1661 O O   . HOH B 2 .   ? 8.617   3.686   12.379  1.00 43.71 ? 638 HOH A O   1 
HETATM 1662 O O   . HOH B 2 .   ? 6.259   2.861   10.209  1.00 45.36 ? 639 HOH A O   1 
HETATM 1663 O O   . HOH B 2 .   ? 15.865  -8.217  9.854   1.00 40.22 ? 640 HOH A O   1 
HETATM 1664 O O   . HOH B 2 .   ? 9.475   16.548  4.670   1.00 37.22 ? 641 HOH A O   1 
HETATM 1665 O O   . HOH B 2 .   ? 1.055   -17.973 14.024  1.00 39.58 ? 642 HOH A O   1 
HETATM 1666 O O   . HOH B 2 .   ? -3.458  12.648  6.520   1.00 44.34 ? 643 HOH A O   1 
HETATM 1667 O O   . HOH B 2 .   ? -3.431  17.340  2.853   1.00 49.37 ? 644 HOH A O   1 
HETATM 1668 O O   . HOH B 2 .   ? -9.706  4.309   -15.002 1.00 47.74 ? 645 HOH A O   1 
HETATM 1669 O O   . HOH B 2 .   ? 1.213   8.257   -11.929 1.00 31.52 ? 646 HOH A O   1 
HETATM 1670 O O   . HOH B 2 .   ? -13.339 16.739  -1.244  1.00 54.97 ? 647 HOH A O   1 
HETATM 1671 O O   . HOH B 2 .   ? -9.886  10.099  -3.916  1.00 60.53 ? 648 HOH A O   1 
HETATM 1672 O O   . HOH B 2 .   ? -17.761 1.542   0.822   1.00 44.48 ? 649 HOH A O   1 
HETATM 1673 O O   . HOH B 2 .   ? -17.726 6.994   -2.123  1.00 55.48 ? 650 HOH A O   1 
HETATM 1674 O O   . HOH B 2 .   ? -1.219  -15.750 -10.349 1.00 51.84 ? 651 HOH A O   1 
HETATM 1675 O O   . HOH B 2 .   ? -4.573  -16.269 8.012   1.00 35.92 ? 652 HOH A O   1 
HETATM 1676 O O   . HOH B 2 .   ? 16.445  14.266  3.343   1.00 45.87 ? 653 HOH A O   1 
HETATM 1677 O O   . HOH B 2 .   ? -0.966  -2.696  13.072  1.00 46.16 ? 654 HOH A O   1 
HETATM 1678 O O   . HOH B 2 .   ? 17.766  -15.485 2.779   1.00 39.92 ? 655 HOH A O   1 
HETATM 1679 O O   . HOH B 2 .   ? 9.898   19.992  -3.996  1.00 41.89 ? 656 HOH A O   1 
HETATM 1680 O O   . HOH B 2 .   ? -8.417  -17.363 14.040  1.00 28.85 ? 657 HOH A O   1 
HETATM 1681 O O   . HOH B 2 .   ? -15.057 -1.423  9.638   1.00 38.67 ? 658 HOH A O   1 
HETATM 1682 O O   . HOH B 2 .   ? -5.658  6.158   26.845  1.00 23.42 ? 659 HOH A O   1 
HETATM 1683 O O   . HOH B 2 .   ? 8.612   -18.108 13.840  1.00 39.66 ? 660 HOH A O   1 
HETATM 1684 O O   . HOH B 2 .   ? 6.015   16.142  4.313   1.00 46.62 ? 661 HOH A O   1 
HETATM 1685 O O   . HOH B 2 .   ? -13.803 -9.492  -6.533  1.00 42.04 ? 662 HOH A O   1 
HETATM 1686 O O   . HOH B 2 .   ? -14.526 0.881   11.453  1.00 40.81 ? 663 HOH A O   1 
HETATM 1687 O O   . HOH B 2 .   ? -14.999 15.646  -0.061  1.00 39.69 ? 664 HOH A O   1 
HETATM 1688 O O   . HOH B 2 .   ? 10.963  17.711  -1.622  1.00 36.24 ? 665 HOH A O   1 
HETATM 1689 O O   . HOH B 2 .   ? 10.273  12.003  -6.143  1.00 36.49 ? 666 HOH A O   1 
HETATM 1690 O O   . HOH B 2 .   ? 11.166  21.826  -2.136  1.00 49.56 ? 667 HOH A O   1 
HETATM 1691 O O   . HOH B 2 .   ? -1.213  -12.511 -12.146 1.00 33.32 ? 668 HOH A O   1 
HETATM 1692 O O   . HOH B 2 .   ? -3.053  -16.297 8.927   1.00 39.85 ? 669 HOH A O   1 
HETATM 1693 O O   . HOH B 2 .   ? -12.537 8.891   10.458  1.00 28.42 ? 670 HOH A O   1 
HETATM 1694 O O   . HOH B 2 .   ? 21.300  6.015   11.939  1.00 40.71 ? 671 HOH A O   1 
HETATM 1695 O O   . HOH B 2 .   ? 20.275  0.838   12.447  1.00 33.89 ? 672 HOH A O   1 
HETATM 1696 O O   . HOH B 2 .   ? 2.878   -12.690 16.360  1.00 44.41 ? 673 HOH A O   1 
HETATM 1697 O O   . HOH B 2 .   ? 7.620   13.513  8.374   1.00 39.54 ? 674 HOH A O   1 
HETATM 1698 O O   . HOH B 2 .   ? 4.816   5.719   -10.828 1.00 22.17 ? 675 HOH A O   1 
HETATM 1699 O O   . HOH B 2 .   ? 3.109   -1.324  11.084  1.00 40.81 ? 676 HOH A O   1 
HETATM 1700 O O   . HOH B 2 .   ? -18.290 1.140   -6.940  1.00 34.61 ? 677 HOH A O   1 
HETATM 1701 O O   . HOH B 2 .   ? 15.930  -2.979  -10.280 1.00 35.18 ? 678 HOH A O   1 
HETATM 1702 O O   . HOH B 2 .   ? 10.621  -9.397  -6.426  1.00 45.14 ? 679 HOH A O   1 
HETATM 1703 O O   . HOH B 2 .   ? -18.270 15.835  3.018   1.00 43.92 ? 680 HOH A O   1 
HETATM 1704 O O   . HOH B 2 .   ? -12.060 -7.012  -13.430 1.00 37.52 ? 681 HOH A O   1 
# 
